data_8GQH
#
_entry.id   8GQH
#
_cell.length_a   108.337
_cell.length_b   128.356
_cell.length_c   151.970
_cell.angle_alpha   90.000
_cell.angle_beta   90.000
_cell.angle_gamma   90.000
#
_symmetry.space_group_name_H-M   'P 21 21 21'
#
loop_
_entity.id
_entity.type
_entity.pdbx_description
1 polymer Thiolase
2 non-polymer GLYCEROL
3 water water
#
_entity_poly.entity_id   1
_entity_poly.type   'polypeptide(L)'
_entity_poly.pdbx_seq_one_letter_code
;MSREVFICDAVRTPIGRFGGSLSAVRADDLAAVPLKALVERNPGVDWSALDEVFLGCANQAGEDNRNVARMALLLAGLPE
SVPGVTLNRLCASGMDAIGTAFRAIACGEMELAIAGGVESMSRAPYVMGKADSAFGRGQKIEDTTIGWRFVNPLMKEQYG
IDPMPQTADNVADDYRVSRADQDAFALRSQQRAGRAQEAGFFAEEIVPVTIRGRKGDTLVEHDEHPRPDTTLEALARLKP
VNGPEKTVTAGNASGVNDGAAALVLASAEAVEKHGLTPRARVLGMASAGVAPRIMGIGPVPAVRKLLRRLDLAIDAFDVI
ELNEAFASQGLACLRELGVADDSEKVNPNGGAIALGHPLGMSGARLVLTALHQLEKSGGRRGLATMCVGVGQGLALAIER
VLEHHHHHH
;
_entity_poly.pdbx_strand_id   A,B,C,D
#
# COMPACT_ATOMS: atom_id res chain seq x y z
N SER A 2 25.37 18.93 39.85
CA SER A 2 23.96 18.44 39.83
C SER A 2 23.10 19.19 40.87
N ARG A 3 22.44 20.29 40.47
CA ARG A 3 21.45 21.01 41.32
C ARG A 3 20.05 20.40 41.22
N GLU A 4 19.19 20.82 42.13
CA GLU A 4 17.89 20.16 42.39
C GLU A 4 16.92 20.53 41.27
N VAL A 5 16.00 19.62 41.00
CA VAL A 5 15.01 19.80 39.92
C VAL A 5 13.66 19.33 40.45
N PHE A 6 12.60 20.12 40.25
CA PHE A 6 11.26 19.83 40.80
C PHE A 6 10.30 19.44 39.67
N ILE A 7 9.53 18.41 39.93
CA ILE A 7 8.28 18.11 39.20
C ILE A 7 7.19 18.98 39.84
N CYS A 8 6.52 19.80 39.03
CA CYS A 8 5.38 20.65 39.45
C CYS A 8 4.08 19.99 38.91
N ASP A 9 3.25 20.69 38.19
CA ASP A 9 1.94 20.15 37.79
C ASP A 9 2.15 18.99 36.79
N ALA A 10 1.19 18.08 36.68
CA ALA A 10 1.25 16.88 35.82
C ALA A 10 -0.17 16.47 35.46
N VAL A 11 -0.43 16.13 34.20
CA VAL A 11 -1.77 15.64 33.79
C VAL A 11 -1.64 14.59 32.70
N ARG A 12 -2.71 13.83 32.51
CA ARG A 12 -2.78 12.84 31.42
C ARG A 12 -4.19 12.82 30.85
N THR A 13 -4.30 12.43 29.60
CA THR A 13 -5.58 12.05 28.99
C THR A 13 -6.01 10.78 29.70
N PRO A 14 -7.27 10.36 29.54
CA PRO A 14 -7.61 8.98 29.78
C PRO A 14 -6.87 8.11 28.76
N ILE A 15 -6.77 6.83 29.08
CA ILE A 15 -6.20 5.84 28.13
C ILE A 15 -7.37 5.13 27.43
N GLY A 16 -7.39 5.23 26.10
CA GLY A 16 -8.40 4.56 25.25
C GLY A 16 -7.99 3.15 24.86
N ARG A 17 -8.97 2.32 24.49
CA ARG A 17 -8.74 0.97 23.89
C ARG A 17 -8.40 1.16 22.42
N PHE A 18 -7.78 0.14 21.83
CA PHE A 18 -7.52 0.10 20.37
C PHE A 18 -8.87 0.30 19.66
N GLY A 19 -8.98 1.31 18.81
CA GLY A 19 -10.19 1.54 17.99
C GLY A 19 -11.34 2.02 18.87
N GLY A 20 -11.00 2.53 20.05
CA GLY A 20 -11.95 2.93 21.10
C GLY A 20 -12.10 4.43 21.18
N SER A 21 -12.25 4.91 22.41
CA SER A 21 -12.79 6.24 22.76
C SER A 21 -11.86 7.34 22.24
N LEU A 22 -10.55 7.10 22.07
CA LEU A 22 -9.66 8.19 21.59
C LEU A 22 -9.27 7.94 20.14
N SER A 23 -9.82 6.91 19.51
CA SER A 23 -9.29 6.42 18.20
C SER A 23 -9.48 7.49 17.12
N ALA A 24 -10.34 8.51 17.30
CA ALA A 24 -10.57 9.51 16.22
C ALA A 24 -9.62 10.69 16.40
N VAL A 25 -8.78 10.69 17.44
CA VAL A 25 -7.86 11.84 17.74
C VAL A 25 -6.49 11.60 17.12
N ARG A 26 -6.07 12.48 16.22
CA ARG A 26 -4.71 12.43 15.65
C ARG A 26 -3.70 12.37 16.79
N ALA A 27 -2.62 11.62 16.61
CA ALA A 27 -1.53 11.49 17.61
C ALA A 27 -0.99 12.87 18.01
N ASP A 28 -0.84 13.77 17.05
CA ASP A 28 -0.28 15.13 17.33
C ASP A 28 -1.31 15.97 18.13
N ASP A 29 -2.60 15.93 17.77
CA ASP A 29 -3.65 16.63 18.57
C ASP A 29 -3.73 16.00 19.96
N LEU A 30 -3.62 14.68 20.07
CA LEU A 30 -3.70 13.96 21.36
C LEU A 30 -2.58 14.48 22.27
N ALA A 31 -1.36 14.56 21.75
CA ALA A 31 -0.19 15.04 22.54
C ALA A 31 -0.40 16.50 22.95
N ALA A 32 -1.12 17.30 22.14
CA ALA A 32 -1.39 18.72 22.42
C ALA A 32 -2.30 18.88 23.64
N VAL A 33 -3.10 17.89 23.99
CA VAL A 33 -4.16 18.06 25.04
C VAL A 33 -3.51 18.25 26.41
N PRO A 34 -2.55 17.42 26.87
CA PRO A 34 -1.91 17.69 28.15
C PRO A 34 -1.16 19.03 28.12
N LEU A 35 -0.59 19.42 26.97
CA LEU A 35 0.22 20.66 26.92
C LEU A 35 -0.74 21.85 27.13
N LYS A 36 -1.89 21.83 26.47
CA LYS A 36 -2.90 22.91 26.52
C LYS A 36 -3.41 22.97 27.95
N ALA A 37 -3.59 21.83 28.61
CA ALA A 37 -4.07 21.78 29.99
C ALA A 37 -3.02 22.30 30.97
N LEU A 38 -1.74 22.01 30.77
CA LEU A 38 -0.72 22.59 31.68
C LEU A 38 -0.77 24.12 31.57
N VAL A 39 -0.88 24.66 30.37
CA VAL A 39 -0.97 26.14 30.16
C VAL A 39 -2.20 26.68 30.91
N GLU A 40 -3.40 26.16 30.67
CA GLU A 40 -4.67 26.66 31.29
C GLU A 40 -4.65 26.51 32.83
N ARG A 41 -3.95 25.53 33.40
CA ARG A 41 -3.99 25.24 34.86
C ARG A 41 -2.94 26.10 35.61
N ASN A 42 -2.00 26.70 34.88
CA ASN A 42 -0.83 27.40 35.48
C ASN A 42 -0.70 28.77 34.78
N PRO A 43 -1.68 29.69 34.90
CA PRO A 43 -1.57 30.99 34.25
C PRO A 43 -0.57 31.97 34.91
N GLY A 44 0.02 31.60 36.06
CA GLY A 44 1.12 32.35 36.73
C GLY A 44 2.44 32.25 35.97
N VAL A 45 2.51 31.36 34.96
CA VAL A 45 3.74 31.08 34.17
C VAL A 45 3.77 32.03 32.97
N ASP A 46 4.92 32.65 32.70
CA ASP A 46 5.24 33.27 31.38
C ASP A 46 5.73 32.12 30.48
N TRP A 47 4.87 31.60 29.59
CA TRP A 47 5.13 30.38 28.79
C TRP A 47 6.20 30.63 27.73
N SER A 48 6.52 31.89 27.42
CA SER A 48 7.67 32.28 26.58
C SER A 48 8.99 31.93 27.29
N ALA A 49 8.97 31.62 28.59
CA ALA A 49 10.18 31.19 29.34
C ALA A 49 10.33 29.65 29.33
N LEU A 50 9.37 28.90 28.77
CA LEU A 50 9.49 27.42 28.58
C LEU A 50 10.71 27.12 27.72
N ASP A 51 11.73 26.43 28.25
CA ASP A 51 12.97 26.16 27.49
C ASP A 51 12.77 25.04 26.47
N GLU A 52 11.88 24.08 26.74
CA GLU A 52 11.82 22.88 25.85
C GLU A 52 10.62 22.03 26.21
N VAL A 53 10.01 21.46 25.20
CA VAL A 53 9.06 20.34 25.36
C VAL A 53 9.78 19.06 24.90
N PHE A 54 9.88 18.08 25.78
CA PHE A 54 10.43 16.73 25.50
C PHE A 54 9.27 15.72 25.50
N LEU A 55 9.01 15.03 24.40
CA LEU A 55 7.96 13.98 24.39
C LEU A 55 8.58 12.63 23.98
N GLY A 56 8.15 11.57 24.66
CA GLY A 56 8.39 10.18 24.23
C GLY A 56 7.36 9.76 23.21
N CYS A 57 7.80 9.05 22.19
CA CYS A 57 6.94 8.50 21.14
C CYS A 57 7.62 7.32 20.46
N ALA A 58 7.02 6.12 20.49
CA ALA A 58 7.65 4.86 20.04
C ALA A 58 7.54 4.71 18.52
N ASN A 59 6.52 5.30 17.90
CA ASN A 59 6.16 4.99 16.49
C ASN A 59 6.81 6.05 15.55
N GLN A 60 6.23 7.26 15.49
CA GLN A 60 6.74 8.45 14.78
C GLN A 60 6.63 8.29 13.24
N ALA A 61 5.86 7.32 12.75
CA ALA A 61 5.65 7.11 11.30
C ALA A 61 4.35 7.75 10.83
N GLY A 62 3.39 7.94 11.73
CA GLY A 62 2.02 8.40 11.39
C GLY A 62 1.86 9.90 11.62
N GLU A 63 0.76 10.29 12.23
CA GLU A 63 0.46 11.72 12.54
C GLU A 63 1.44 12.26 13.59
N ASP A 64 2.22 11.37 14.22
CA ASP A 64 3.30 11.68 15.17
C ASP A 64 4.65 11.83 14.45
N ASN A 65 4.67 12.01 13.11
CA ASN A 65 5.94 12.04 12.34
C ASN A 65 6.62 13.40 12.49
N ARG A 66 7.94 13.46 12.33
CA ARG A 66 8.71 14.72 12.13
C ARG A 66 8.66 15.59 13.41
N ASN A 67 8.95 14.93 14.53
CA ASN A 67 9.19 15.55 15.86
C ASN A 67 7.82 15.99 16.40
N VAL A 68 7.07 15.03 16.94
CA VAL A 68 5.71 15.32 17.46
C VAL A 68 5.79 16.32 18.66
N ALA A 69 6.94 16.42 19.36
CA ALA A 69 7.10 17.32 20.52
C ALA A 69 6.86 18.75 20.02
N ARG A 70 7.44 19.07 18.87
CA ARG A 70 7.33 20.45 18.29
C ARG A 70 5.97 20.61 17.60
N MET A 71 5.48 19.59 16.90
CA MET A 71 4.13 19.66 16.28
C MET A 71 3.12 19.96 17.41
N ALA A 72 3.12 19.17 18.48
CA ALA A 72 2.15 19.29 19.58
C ALA A 72 2.26 20.62 20.32
N LEU A 73 3.46 21.14 20.61
CA LEU A 73 3.52 22.40 21.40
C LEU A 73 2.93 23.52 20.55
N LEU A 74 3.13 23.48 19.23
CA LEU A 74 2.52 24.46 18.29
C LEU A 74 1.00 24.34 18.25
N LEU A 75 0.48 23.11 18.20
CA LEU A 75 -0.99 22.86 18.16
C LEU A 75 -1.60 23.24 19.51
N ALA A 76 -0.83 23.13 20.60
CA ALA A 76 -1.30 23.40 21.98
C ALA A 76 -1.44 24.90 22.20
N GLY A 77 -0.96 25.76 21.29
CA GLY A 77 -1.00 27.23 21.49
C GLY A 77 0.25 27.77 22.16
N LEU A 78 1.29 26.95 22.39
CA LEU A 78 2.51 27.45 23.04
C LEU A 78 3.25 28.30 22.02
N PRO A 79 4.00 29.32 22.46
CA PRO A 79 4.66 30.19 21.50
C PRO A 79 5.70 29.47 20.66
N GLU A 80 5.84 29.98 19.42
CA GLU A 80 6.64 29.38 18.35
C GLU A 80 8.13 29.51 18.70
N SER A 81 8.49 30.36 19.69
CA SER A 81 9.87 30.51 20.20
C SER A 81 10.29 29.29 21.05
N VAL A 82 9.34 28.44 21.45
CA VAL A 82 9.60 27.26 22.34
C VAL A 82 10.00 26.06 21.48
N PRO A 83 11.23 25.51 21.65
CA PRO A 83 11.67 24.33 20.92
C PRO A 83 11.08 23.04 21.53
N GLY A 84 11.14 21.95 20.75
CA GLY A 84 10.72 20.61 21.18
C GLY A 84 11.56 19.52 20.52
N VAL A 85 11.62 18.37 21.18
CA VAL A 85 12.45 17.22 20.77
C VAL A 85 11.70 15.95 21.20
N THR A 86 11.78 14.91 20.38
CA THR A 86 11.03 13.67 20.60
C THR A 86 12.03 12.54 20.88
N LEU A 87 11.80 11.76 21.94
CA LEU A 87 12.64 10.61 22.36
C LEU A 87 11.97 9.29 22.00
N ASN A 88 12.76 8.31 21.58
CA ASN A 88 12.29 6.93 21.30
C ASN A 88 13.17 5.95 22.07
N ARG A 89 12.60 5.44 23.16
CA ARG A 89 13.09 4.25 23.85
C ARG A 89 11.93 3.26 23.97
N LEU A 90 11.23 3.09 22.84
CA LEU A 90 9.99 2.26 22.73
C LEU A 90 9.14 2.46 24.00
N CYS A 91 8.92 1.41 24.78
CA CYS A 91 7.96 1.33 25.91
C CYS A 91 8.27 2.42 26.97
N ALA A 92 9.52 2.82 27.10
CA ALA A 92 10.01 3.71 28.15
C ALA A 92 10.18 5.14 27.65
N SER A 93 9.84 5.44 26.40
CA SER A 93 10.06 6.77 25.78
C SER A 93 9.59 7.90 26.71
N GLY A 94 8.42 7.79 27.33
CA GLY A 94 7.88 8.89 28.17
C GLY A 94 8.63 9.08 29.48
N MET A 95 9.14 8.03 30.08
CA MET A 95 10.03 8.10 31.28
C MET A 95 11.36 8.73 30.85
N ASP A 96 11.88 8.30 29.71
CA ASP A 96 13.12 8.86 29.15
C ASP A 96 13.00 10.37 28.96
N ALA A 97 11.89 10.84 28.44
CA ALA A 97 11.63 12.30 28.23
C ALA A 97 11.78 13.05 29.56
N ILE A 98 11.23 12.51 30.64
CA ILE A 98 11.28 13.15 31.99
C ILE A 98 12.74 13.18 32.46
N GLY A 99 13.48 12.07 32.30
CA GLY A 99 14.87 11.98 32.77
C GLY A 99 15.73 12.95 32.00
N THR A 100 15.41 13.11 30.72
CA THR A 100 16.21 13.93 29.79
C THR A 100 15.95 15.41 30.18
N ALA A 101 14.69 15.79 30.41
CA ALA A 101 14.37 17.15 30.88
C ALA A 101 15.08 17.39 32.23
N PHE A 102 15.03 16.40 33.14
CA PHE A 102 15.71 16.43 34.45
C PHE A 102 17.19 16.78 34.25
N ARG A 103 17.87 16.04 33.39
CA ARG A 103 19.34 16.15 33.27
C ARG A 103 19.70 17.53 32.70
N ALA A 104 18.90 18.03 31.79
CA ALA A 104 19.17 19.35 31.16
C ALA A 104 19.09 20.42 32.26
N ILE A 105 18.10 20.31 33.16
CA ILE A 105 17.90 21.31 34.25
C ILE A 105 18.98 21.09 35.30
N ALA A 106 19.27 19.84 35.66
CA ALA A 106 20.24 19.46 36.72
C ALA A 106 21.65 20.00 36.39
N CYS A 107 22.08 20.04 35.13
CA CYS A 107 23.45 20.56 34.86
C CYS A 107 23.41 22.04 34.42
N GLY A 108 22.31 22.76 34.64
CA GLY A 108 22.24 24.23 34.47
C GLY A 108 21.92 24.68 33.05
N GLU A 109 21.58 23.78 32.10
CA GLU A 109 21.43 24.18 30.67
C GLU A 109 20.03 24.76 30.42
N MET A 110 19.06 24.45 31.27
CA MET A 110 17.73 25.09 31.17
C MET A 110 17.08 25.14 32.56
N GLU A 111 15.97 25.87 32.69
CA GLU A 111 15.32 26.25 33.96
C GLU A 111 13.93 25.61 34.00
N LEU A 112 13.25 25.56 32.86
CA LEU A 112 11.81 25.22 32.82
C LEU A 112 11.52 24.36 31.61
N ALA A 113 10.96 23.18 31.82
CA ALA A 113 10.67 22.25 30.70
C ALA A 113 9.32 21.58 30.92
N ILE A 114 8.73 21.11 29.84
CA ILE A 114 7.66 20.10 29.90
C ILE A 114 8.22 18.81 29.34
N ALA A 115 7.92 17.71 30.01
CA ALA A 115 8.26 16.34 29.56
C ALA A 115 7.01 15.49 29.60
N GLY A 116 6.86 14.62 28.62
CA GLY A 116 5.90 13.51 28.70
C GLY A 116 5.98 12.62 27.48
N GLY A 117 4.82 12.13 27.06
CA GLY A 117 4.71 11.11 26.02
C GLY A 117 3.31 11.00 25.43
N VAL A 118 3.29 10.41 24.24
CA VAL A 118 2.07 10.15 23.44
C VAL A 118 2.24 8.82 22.71
N GLU A 119 1.14 8.07 22.61
CA GLU A 119 1.06 7.01 21.59
C GLU A 119 -0.39 6.96 21.12
N SER A 120 -0.60 6.88 19.81
CA SER A 120 -1.90 6.46 19.23
C SER A 120 -1.65 5.14 18.52
N MET A 121 -1.76 4.04 19.24
CA MET A 121 -1.65 2.72 18.59
C MET A 121 -2.85 2.46 17.68
N SER A 122 -4.05 2.97 17.95
CA SER A 122 -5.19 2.90 16.99
C SER A 122 -4.76 3.40 15.59
N ARG A 123 -4.06 4.54 15.54
CA ARG A 123 -3.82 5.27 14.26
C ARG A 123 -2.41 5.04 13.72
N ALA A 124 -1.61 4.15 14.33
CA ALA A 124 -0.30 3.71 13.79
C ALA A 124 -0.50 3.30 12.33
N PRO A 125 0.28 3.83 11.37
CA PRO A 125 0.06 3.55 9.97
C PRO A 125 0.67 2.21 9.51
N TYR A 126 0.48 1.91 8.23
CA TYR A 126 1.23 0.84 7.53
C TYR A 126 2.47 1.50 6.92
N VAL A 127 3.54 0.72 6.77
CA VAL A 127 4.79 1.21 6.11
C VAL A 127 5.13 0.24 4.98
N MET A 128 5.62 0.83 3.91
CA MET A 128 5.96 0.09 2.67
C MET A 128 7.35 0.51 2.21
N GLY A 129 8.27 -0.43 2.10
CA GLY A 129 9.64 -0.17 1.59
C GLY A 129 9.57 0.24 0.13
N LYS A 130 10.45 1.16 -0.29
CA LYS A 130 10.63 1.53 -1.71
C LYS A 130 11.02 0.27 -2.48
N ALA A 131 10.69 0.19 -3.76
CA ALA A 131 11.30 -0.84 -4.63
C ALA A 131 12.75 -0.42 -4.86
N ASP A 132 13.71 -1.35 -4.82
CA ASP A 132 15.14 -1.03 -5.09
C ASP A 132 15.50 -1.36 -6.55
N SER A 133 14.50 -1.72 -7.37
CA SER A 133 14.70 -2.05 -8.82
C SER A 133 13.45 -1.68 -9.60
N ALA A 134 13.64 -1.27 -10.86
CA ALA A 134 12.57 -1.01 -11.84
C ALA A 134 11.61 -2.21 -11.90
N PHE A 135 10.31 -1.98 -11.74
CA PHE A 135 9.27 -3.04 -11.85
C PHE A 135 9.51 -4.10 -10.76
N GLY A 136 10.08 -3.70 -9.60
CA GLY A 136 10.26 -4.61 -8.44
C GLY A 136 8.94 -5.27 -8.03
N ARG A 137 9.01 -6.56 -7.79
CA ARG A 137 7.86 -7.42 -7.49
C ARG A 137 7.82 -7.75 -6.00
N GLY A 138 8.79 -7.26 -5.21
CA GLY A 138 8.99 -7.67 -3.80
C GLY A 138 8.41 -6.69 -2.77
N GLN A 139 7.60 -5.70 -3.16
CA GLN A 139 7.07 -4.74 -2.16
C GLN A 139 6.02 -5.40 -1.23
N LYS A 140 5.95 -4.90 0.00
CA LYS A 140 4.95 -5.35 0.98
C LYS A 140 4.64 -4.19 1.93
N ILE A 141 3.50 -4.29 2.59
CA ILE A 141 3.12 -3.34 3.66
C ILE A 141 3.18 -4.07 4.99
N GLU A 142 3.49 -3.33 6.05
CA GLU A 142 3.52 -3.89 7.41
C GLU A 142 2.81 -2.92 8.36
N ASP A 143 1.96 -3.49 9.20
CA ASP A 143 1.25 -2.77 10.29
C ASP A 143 2.30 -2.29 11.29
N THR A 144 2.23 -1.04 11.79
CA THR A 144 3.18 -0.52 12.81
C THR A 144 2.49 -0.39 14.18
N THR A 145 1.27 -0.91 14.34
CA THR A 145 0.56 -0.83 15.62
C THR A 145 1.47 -1.38 16.73
N ILE A 146 1.97 -2.60 16.55
CA ILE A 146 2.90 -3.29 17.48
C ILE A 146 3.80 -4.21 16.64
N GLY A 147 4.94 -4.60 17.14
CA GLY A 147 5.65 -5.75 16.55
C GLY A 147 6.72 -5.30 15.54
N TRP A 148 7.47 -6.29 15.12
CA TRP A 148 8.62 -6.17 14.20
C TRP A 148 8.13 -5.71 12.84
N ARG A 149 8.86 -4.80 12.21
CA ARG A 149 8.73 -4.56 10.76
C ARG A 149 10.10 -4.26 10.19
N PHE A 150 10.21 -4.47 8.87
CA PHE A 150 11.50 -4.41 8.16
C PHE A 150 12.54 -5.18 8.97
N VAL A 151 12.26 -6.44 9.26
CA VAL A 151 13.20 -7.31 10.04
C VAL A 151 14.57 -7.38 9.37
N ASN A 152 15.63 -7.12 10.12
CA ASN A 152 17.01 -7.35 9.71
C ASN A 152 17.33 -8.84 9.89
N PRO A 153 17.67 -9.60 8.81
CA PRO A 153 18.07 -11.01 8.99
C PRO A 153 19.19 -11.21 10.01
N LEU A 154 20.12 -10.26 10.18
CA LEU A 154 21.23 -10.39 11.17
C LEU A 154 20.65 -10.32 12.60
N MET A 155 19.67 -9.46 12.83
CA MET A 155 19.05 -9.31 14.17
C MET A 155 18.31 -10.64 14.46
N LYS A 156 17.56 -11.13 13.50
CA LYS A 156 16.75 -12.36 13.71
C LYS A 156 17.69 -13.52 14.06
N GLU A 157 18.77 -13.72 13.29
CA GLU A 157 19.73 -14.84 13.52
C GLU A 157 20.38 -14.71 14.88
N GLN A 158 20.90 -13.54 15.24
CA GLN A 158 21.69 -13.41 16.48
C GLN A 158 20.79 -13.30 17.71
N TYR A 159 19.69 -12.53 17.67
CA TYR A 159 18.96 -12.15 18.92
C TYR A 159 17.51 -12.63 18.86
N GLY A 160 17.04 -13.09 17.70
CA GLY A 160 15.62 -13.39 17.48
C GLY A 160 14.74 -12.13 17.30
N ILE A 161 13.47 -12.35 16.96
CA ILE A 161 12.43 -11.29 16.77
C ILE A 161 11.16 -11.72 17.53
N ASP A 162 11.33 -12.35 18.70
CA ASP A 162 10.21 -12.82 19.53
C ASP A 162 9.22 -11.67 19.71
N PRO A 163 7.93 -11.89 19.41
CA PRO A 163 6.93 -10.88 19.75
C PRO A 163 6.96 -10.73 21.29
N MET A 164 6.39 -9.64 21.78
CA MET A 164 6.44 -9.29 23.22
C MET A 164 5.83 -10.41 24.07
N PRO A 165 4.68 -11.01 23.69
CA PRO A 165 4.08 -12.05 24.52
C PRO A 165 5.02 -13.28 24.61
N GLN A 166 5.69 -13.64 23.51
CA GLN A 166 6.68 -14.73 23.49
C GLN A 166 7.78 -14.40 24.52
N THR A 167 8.25 -13.14 24.58
CA THR A 167 9.33 -12.75 25.52
C THR A 167 8.85 -12.99 26.93
N ALA A 168 7.58 -12.68 27.20
CA ALA A 168 6.93 -12.82 28.52
C ALA A 168 6.78 -14.31 28.91
N ASP A 169 6.48 -15.16 27.93
CA ASP A 169 6.54 -16.66 28.06
C ASP A 169 7.96 -17.11 28.35
N ASN A 170 8.96 -16.54 27.66
CA ASN A 170 10.38 -16.86 27.93
C ASN A 170 10.73 -16.52 29.39
N VAL A 171 10.27 -15.37 29.90
CA VAL A 171 10.54 -14.92 31.29
C VAL A 171 9.84 -15.90 32.24
N ALA A 172 8.59 -16.23 32.01
CA ALA A 172 7.82 -17.18 32.84
C ALA A 172 8.57 -18.53 32.86
N ASP A 173 9.03 -19.03 31.72
CA ASP A 173 9.84 -20.28 31.66
C ASP A 173 11.16 -20.13 32.42
N ASP A 174 11.97 -19.10 32.14
CA ASP A 174 13.35 -19.07 32.69
C ASP A 174 13.34 -18.64 34.16
N TYR A 175 12.34 -17.88 34.62
CA TYR A 175 12.32 -17.37 36.02
C TYR A 175 11.30 -18.17 36.85
N ARG A 176 10.61 -19.13 36.23
CA ARG A 176 9.63 -20.04 36.90
C ARG A 176 8.50 -19.19 37.47
N VAL A 177 7.70 -18.61 36.59
CA VAL A 177 6.54 -17.79 37.04
C VAL A 177 5.31 -18.52 36.54
N SER A 178 4.52 -19.06 37.45
CA SER A 178 3.41 -19.98 37.12
C SER A 178 2.23 -19.17 36.56
N ARG A 179 1.37 -19.82 35.80
CA ARG A 179 0.13 -19.26 35.25
C ARG A 179 -0.73 -18.72 36.40
N ALA A 180 -0.84 -19.50 37.48
CA ALA A 180 -1.65 -19.16 38.68
C ALA A 180 -1.16 -17.83 39.28
N ASP A 181 0.13 -17.66 39.46
CA ASP A 181 0.65 -16.40 40.04
C ASP A 181 0.38 -15.27 39.03
N GLN A 182 0.48 -15.52 37.74
CA GLN A 182 0.29 -14.46 36.71
C GLN A 182 -1.15 -13.97 36.77
N ASP A 183 -2.10 -14.91 36.85
CA ASP A 183 -3.55 -14.58 36.89
C ASP A 183 -3.89 -13.89 38.21
N ALA A 184 -3.32 -14.30 39.34
CA ALA A 184 -3.60 -13.64 40.65
C ALA A 184 -3.03 -12.21 40.62
N PHE A 185 -1.87 -12.02 39.99
CA PHE A 185 -1.28 -10.68 39.78
C PHE A 185 -2.24 -9.83 38.93
N ALA A 186 -2.71 -10.37 37.83
CA ALA A 186 -3.66 -9.69 36.92
C ALA A 186 -4.93 -9.27 37.69
N LEU A 187 -5.44 -10.15 38.56
CA LEU A 187 -6.72 -9.93 39.30
C LEU A 187 -6.52 -8.78 40.29
N ARG A 188 -5.43 -8.79 41.04
CA ARG A 188 -5.07 -7.69 41.98
C ARG A 188 -5.00 -6.37 41.21
N SER A 189 -4.39 -6.33 40.03
CA SER A 189 -4.33 -5.07 39.24
C SER A 189 -5.76 -4.59 38.91
N GLN A 190 -6.67 -5.47 38.48
CA GLN A 190 -8.06 -5.06 38.15
C GLN A 190 -8.76 -4.63 39.43
N GLN A 191 -8.56 -5.34 40.53
CA GLN A 191 -9.26 -4.98 41.81
C GLN A 191 -8.72 -3.64 42.31
N ARG A 192 -7.40 -3.46 42.32
CA ARG A 192 -6.81 -2.18 42.79
C ARG A 192 -7.21 -1.03 41.87
N ALA A 193 -7.26 -1.25 40.56
CA ALA A 193 -7.62 -0.17 39.61
C ALA A 193 -9.11 0.16 39.81
N GLY A 194 -9.92 -0.86 40.07
CA GLY A 194 -11.37 -0.71 40.34
C GLY A 194 -11.60 0.17 41.56
N ARG A 195 -10.90 -0.09 42.66
CA ARG A 195 -11.01 0.74 43.90
C ARG A 195 -10.46 2.15 43.62
N ALA A 196 -9.32 2.29 42.93
CA ALA A 196 -8.78 3.64 42.60
C ALA A 196 -9.80 4.40 41.73
N GLN A 197 -10.39 3.73 40.74
CA GLN A 197 -11.40 4.34 39.85
C GLN A 197 -12.56 4.85 40.71
N GLU A 198 -13.15 3.99 41.54
CA GLU A 198 -14.32 4.39 42.38
C GLU A 198 -13.94 5.53 43.33
N ALA A 199 -12.72 5.54 43.86
CA ALA A 199 -12.27 6.59 44.80
C ALA A 199 -12.07 7.93 44.08
N GLY A 200 -12.11 8.01 42.73
CA GLY A 200 -11.79 9.26 42.01
C GLY A 200 -10.27 9.51 41.91
N PHE A 201 -9.45 8.52 42.17
CA PHE A 201 -7.98 8.68 42.11
C PHE A 201 -7.55 9.03 40.68
N PHE A 202 -8.05 8.34 39.66
CA PHE A 202 -7.67 8.62 38.24
C PHE A 202 -8.26 9.94 37.78
N ALA A 203 -9.47 10.27 38.24
CA ALA A 203 -10.12 11.55 37.92
C ALA A 203 -9.19 12.72 38.27
N GLU A 204 -8.43 12.66 39.38
CA GLU A 204 -7.51 13.75 39.78
C GLU A 204 -6.33 13.88 38.79
N GLU A 205 -6.02 12.85 38.01
CA GLU A 205 -4.82 12.82 37.11
C GLU A 205 -5.23 13.36 35.74
N ILE A 206 -6.52 13.23 35.43
CA ILE A 206 -7.03 13.18 34.04
C ILE A 206 -7.50 14.58 33.64
N VAL A 207 -7.20 14.96 32.41
CA VAL A 207 -7.82 16.10 31.69
C VAL A 207 -8.59 15.52 30.51
N PRO A 208 -9.86 15.93 30.33
CA PRO A 208 -10.77 15.27 29.41
C PRO A 208 -10.44 15.57 27.93
N VAL A 209 -10.81 14.66 27.04
CA VAL A 209 -10.69 14.94 25.58
C VAL A 209 -12.13 15.12 25.04
N THR A 210 -12.37 16.13 24.22
CA THR A 210 -13.69 16.36 23.58
C THR A 210 -13.60 15.97 22.10
N ILE A 211 -14.43 15.04 21.68
CA ILE A 211 -14.46 14.58 20.25
C ILE A 211 -15.73 15.14 19.63
N ARG A 212 -15.61 15.75 18.44
CA ARG A 212 -16.71 16.41 17.70
C ARG A 212 -17.00 15.57 16.46
N GLY A 213 -18.05 15.95 15.74
CA GLY A 213 -18.70 15.10 14.74
C GLY A 213 -20.17 15.47 14.62
N ARG A 214 -20.89 14.82 13.72
CA ARG A 214 -22.28 15.20 13.34
C ARG A 214 -23.27 14.49 14.30
N LYS A 215 -22.77 13.56 15.15
CA LYS A 215 -23.51 12.93 16.30
C LYS A 215 -23.25 13.69 17.61
N GLY A 216 -22.70 14.89 17.52
CA GLY A 216 -22.44 15.75 18.68
C GLY A 216 -21.12 15.41 19.34
N ASP A 217 -20.94 15.96 20.54
CA ASP A 217 -19.68 15.97 21.32
C ASP A 217 -19.73 14.77 22.26
N THR A 218 -18.65 13.99 22.28
CA THR A 218 -18.35 13.02 23.36
C THR A 218 -17.28 13.69 24.24
N LEU A 219 -17.52 13.65 25.55
CA LEU A 219 -16.49 14.00 26.55
C LEU A 219 -15.84 12.68 26.91
N VAL A 220 -14.56 12.49 26.59
CA VAL A 220 -13.79 11.32 27.08
C VAL A 220 -13.06 11.73 28.36
N GLU A 221 -13.32 11.01 29.44
CA GLU A 221 -13.07 11.41 30.84
C GLU A 221 -12.51 10.21 31.63
N HIS A 222 -12.91 9.00 31.27
CA HIS A 222 -12.61 7.73 32.02
C HIS A 222 -11.63 6.88 31.22
N ASP A 223 -10.72 6.18 31.90
CA ASP A 223 -9.93 5.10 31.30
C ASP A 223 -10.89 4.00 30.82
N GLU A 224 -10.72 3.52 29.60
CA GLU A 224 -11.65 2.58 28.94
C GLU A 224 -11.14 1.13 29.08
N HIS A 225 -9.84 0.89 29.37
CA HIS A 225 -9.28 -0.49 29.32
C HIS A 225 -9.67 -1.33 30.55
N PRO A 226 -9.81 -0.79 31.79
CA PRO A 226 -10.08 -1.63 32.94
C PRO A 226 -11.24 -2.60 32.73
N ARG A 227 -11.13 -3.79 33.32
CA ARG A 227 -12.20 -4.82 33.37
C ARG A 227 -12.39 -5.14 34.84
N PRO A 228 -12.98 -4.20 35.63
CA PRO A 228 -13.06 -4.37 37.08
C PRO A 228 -13.93 -5.55 37.51
N ASP A 229 -14.69 -6.15 36.58
CA ASP A 229 -15.57 -7.33 36.88
C ASP A 229 -14.79 -8.61 36.60
N THR A 230 -13.47 -8.53 36.40
CA THR A 230 -12.62 -9.71 36.12
C THR A 230 -12.68 -10.64 37.34
N THR A 231 -12.78 -11.95 37.12
CA THR A 231 -12.71 -12.98 38.19
C THR A 231 -11.51 -13.90 37.92
N LEU A 232 -10.99 -14.56 38.97
CA LEU A 232 -9.88 -15.52 38.83
C LEU A 232 -10.30 -16.65 37.88
N GLU A 233 -11.56 -17.12 37.96
CA GLU A 233 -11.94 -18.31 37.16
C GLU A 233 -12.03 -17.89 35.70
N ALA A 234 -12.45 -16.65 35.39
CA ALA A 234 -12.50 -16.13 34.00
C ALA A 234 -11.06 -16.04 33.46
N LEU A 235 -10.10 -15.51 34.23
CA LEU A 235 -8.67 -15.47 33.82
C LEU A 235 -8.16 -16.87 33.51
N ALA A 236 -8.47 -17.85 34.40
CA ALA A 236 -7.96 -19.24 34.32
C ALA A 236 -8.56 -19.97 33.10
N ARG A 237 -9.68 -19.52 32.52
CA ARG A 237 -10.29 -20.16 31.32
C ARG A 237 -9.63 -19.69 30.02
N LEU A 238 -8.93 -18.55 30.00
CA LEU A 238 -8.38 -17.97 28.74
C LEU A 238 -7.33 -18.92 28.14
N LYS A 239 -7.24 -18.96 26.81
CA LYS A 239 -6.17 -19.74 26.14
C LYS A 239 -4.93 -18.86 26.01
N PRO A 240 -3.74 -19.41 26.30
CA PRO A 240 -2.49 -18.65 26.19
C PRO A 240 -2.30 -18.24 24.73
N VAL A 241 -1.63 -17.11 24.50
CA VAL A 241 -1.33 -16.54 23.15
C VAL A 241 -0.52 -17.53 22.31
N ASN A 242 0.47 -18.20 22.90
CA ASN A 242 1.50 -18.97 22.15
C ASN A 242 1.28 -20.49 22.31
N GLY A 243 0.07 -20.95 22.67
CA GLY A 243 -0.28 -22.39 22.69
C GLY A 243 -0.50 -22.95 24.10
N PRO A 244 -1.07 -24.17 24.20
CA PRO A 244 -1.50 -24.74 25.49
C PRO A 244 -0.42 -24.95 26.56
N GLU A 245 0.85 -25.08 26.17
CA GLU A 245 2.01 -25.29 27.08
C GLU A 245 2.48 -23.96 27.72
N LYS A 246 2.02 -22.81 27.23
CA LYS A 246 2.55 -21.49 27.66
C LYS A 246 1.61 -20.89 28.71
N THR A 247 1.86 -19.66 29.16
CA THR A 247 1.22 -19.05 30.36
C THR A 247 0.65 -17.66 30.07
N VAL A 248 1.21 -16.92 29.11
CA VAL A 248 0.81 -15.53 28.86
C VAL A 248 -0.51 -15.55 28.11
N THR A 249 -1.50 -14.84 28.60
CA THR A 249 -2.84 -14.74 27.96
C THR A 249 -3.13 -13.27 27.67
N ALA A 250 -4.28 -12.95 27.06
CA ALA A 250 -4.77 -11.55 26.93
C ALA A 250 -5.22 -11.02 28.31
N GLY A 251 -5.45 -11.87 29.31
CA GLY A 251 -5.95 -11.46 30.65
C GLY A 251 -4.82 -11.13 31.62
N ASN A 252 -3.63 -11.72 31.46
CA ASN A 252 -2.48 -11.48 32.36
C ASN A 252 -1.43 -10.60 31.66
N ALA A 253 -1.83 -9.82 30.64
CA ALA A 253 -0.98 -8.88 29.86
C ALA A 253 -1.74 -7.59 29.65
N SER A 254 -1.03 -6.48 29.44
CA SER A 254 -1.65 -5.20 29.03
C SER A 254 -2.15 -5.34 27.59
N GLY A 255 -2.63 -4.27 26.98
CA GLY A 255 -3.16 -4.30 25.61
C GLY A 255 -2.48 -3.25 24.72
N VAL A 256 -3.22 -2.82 23.73
CA VAL A 256 -2.79 -1.84 22.71
C VAL A 256 -3.70 -0.64 22.93
N ASN A 257 -3.15 0.56 23.07
CA ASN A 257 -3.92 1.68 23.67
C ASN A 257 -3.46 3.02 23.12
N ASP A 258 -4.22 4.05 23.47
CA ASP A 258 -4.04 5.46 23.04
C ASP A 258 -4.03 6.33 24.30
N GLY A 259 -3.12 7.29 24.36
CA GLY A 259 -3.09 8.31 25.42
C GLY A 259 -1.89 9.22 25.31
N ALA A 260 -1.91 10.28 26.10
CA ALA A 260 -0.84 11.28 26.23
C ALA A 260 -0.73 11.77 27.67
N ALA A 261 0.45 12.25 28.06
CA ALA A 261 0.70 12.80 29.42
C ALA A 261 1.84 13.83 29.34
N ALA A 262 1.89 14.75 30.30
CA ALA A 262 2.91 15.80 30.35
C ALA A 262 3.05 16.33 31.79
N LEU A 263 4.29 16.71 32.15
CA LEU A 263 4.77 17.09 33.50
C LEU A 263 5.58 18.38 33.31
N VAL A 264 5.51 19.28 34.28
CA VAL A 264 6.37 20.51 34.35
C VAL A 264 7.60 20.15 35.19
N LEU A 265 8.81 20.43 34.70
CA LEU A 265 10.01 20.41 35.56
C LEU A 265 10.63 21.80 35.59
N ALA A 266 11.19 22.15 36.74
CA ALA A 266 11.71 23.49 37.01
C ALA A 266 12.86 23.44 38.00
N SER A 267 13.82 24.31 37.80
CA SER A 267 14.83 24.69 38.82
C SER A 267 14.12 25.38 39.98
N ALA A 268 14.78 25.44 41.15
CA ALA A 268 14.35 26.23 42.34
C ALA A 268 14.00 27.65 41.89
N GLU A 269 14.91 28.30 41.19
CA GLU A 269 14.74 29.70 40.72
C GLU A 269 13.49 29.81 39.84
N ALA A 270 13.25 28.83 38.95
CA ALA A 270 12.10 28.88 38.04
C ALA A 270 10.82 28.69 38.84
N VAL A 271 10.84 27.82 39.84
CA VAL A 271 9.70 27.56 40.75
C VAL A 271 9.26 28.90 41.38
N GLU A 272 10.22 29.67 41.86
CA GLU A 272 10.06 31.00 42.49
C GLU A 272 9.50 31.98 41.46
N LYS A 273 10.17 32.12 40.31
CA LYS A 273 9.89 33.18 39.32
C LYS A 273 8.48 32.94 38.74
N HIS A 274 8.04 31.68 38.59
CA HIS A 274 6.80 31.38 37.83
C HIS A 274 5.64 31.00 38.75
N GLY A 275 5.82 30.98 40.08
CA GLY A 275 4.71 30.70 41.02
C GLY A 275 4.26 29.26 40.93
N LEU A 276 5.20 28.36 40.65
CA LEU A 276 4.91 26.92 40.55
C LEU A 276 4.86 26.35 41.97
N THR A 277 4.17 25.23 42.14
CA THR A 277 4.18 24.37 43.35
C THR A 277 5.15 23.20 43.12
N PRO A 278 6.29 23.16 43.85
CA PRO A 278 7.22 22.05 43.73
C PRO A 278 6.65 20.84 44.47
N ARG A 279 6.39 19.73 43.79
CA ARG A 279 5.72 18.57 44.42
C ARG A 279 6.72 17.48 44.76
N ALA A 280 7.78 17.33 43.95
CA ALA A 280 8.80 16.26 44.11
C ALA A 280 10.14 16.76 43.62
N ARG A 281 11.20 16.22 44.21
CA ARG A 281 12.58 16.30 43.69
C ARG A 281 12.79 15.04 42.84
N VAL A 282 13.35 15.18 41.63
CA VAL A 282 13.89 14.03 40.85
C VAL A 282 15.24 13.62 41.42
N LEU A 283 15.41 12.36 41.78
CA LEU A 283 16.70 11.84 42.33
C LEU A 283 17.62 11.34 41.20
N GLY A 284 17.08 10.70 40.18
CA GLY A 284 17.92 10.20 39.06
C GLY A 284 17.21 9.17 38.19
N MET A 285 17.85 8.81 37.09
CA MET A 285 17.32 7.82 36.11
C MET A 285 18.49 6.91 35.74
N ALA A 286 18.24 5.61 35.56
CA ALA A 286 19.24 4.70 35.01
C ALA A 286 18.57 3.73 34.03
N SER A 287 19.35 3.35 33.01
CA SER A 287 19.00 2.43 31.90
C SER A 287 19.88 1.19 31.99
N ALA A 288 19.43 0.06 31.47
CA ALA A 288 20.24 -1.17 31.34
C ALA A 288 19.72 -1.94 30.12
N GLY A 289 20.60 -2.70 29.46
CA GLY A 289 20.27 -3.67 28.42
C GLY A 289 20.19 -5.07 29.00
N VAL A 290 19.29 -5.89 28.46
CA VAL A 290 19.24 -7.36 28.67
C VAL A 290 19.02 -8.01 27.31
N ALA A 291 19.02 -9.34 27.29
CA ALA A 291 18.71 -10.13 26.09
C ALA A 291 17.31 -9.79 25.64
N PRO A 292 17.15 -9.44 24.35
CA PRO A 292 15.84 -9.15 23.77
C PRO A 292 14.82 -10.27 24.04
N ARG A 293 15.24 -11.52 23.98
CA ARG A 293 14.29 -12.66 24.17
C ARG A 293 13.68 -12.59 25.57
N ILE A 294 14.32 -11.97 26.58
CA ILE A 294 13.75 -11.86 27.97
C ILE A 294 13.64 -10.38 28.37
N MET A 295 13.14 -9.55 27.46
CA MET A 295 13.14 -8.07 27.64
C MET A 295 12.43 -7.67 28.96
N GLY A 296 11.42 -8.43 29.39
CA GLY A 296 10.64 -8.17 30.62
C GLY A 296 11.47 -8.07 31.87
N ILE A 297 12.66 -8.66 31.90
CA ILE A 297 13.50 -8.60 33.13
C ILE A 297 14.33 -7.30 33.16
N GLY A 298 14.28 -6.50 32.09
CA GLY A 298 15.03 -5.24 31.99
C GLY A 298 15.05 -4.40 33.28
N PRO A 299 13.91 -4.21 34.00
CA PRO A 299 13.91 -3.36 35.18
C PRO A 299 14.87 -3.82 36.28
N VAL A 300 15.27 -5.09 36.30
CA VAL A 300 16.13 -5.60 37.43
C VAL A 300 17.49 -4.90 37.41
N PRO A 301 18.26 -4.97 36.32
CA PRO A 301 19.53 -4.23 36.28
C PRO A 301 19.38 -2.70 36.26
N ALA A 302 18.30 -2.15 35.72
CA ALA A 302 18.09 -0.67 35.68
C ALA A 302 17.89 -0.16 37.09
N VAL A 303 17.02 -0.82 37.84
CA VAL A 303 16.78 -0.50 39.29
C VAL A 303 18.08 -0.68 40.06
N ARG A 304 18.76 -1.81 39.92
CA ARG A 304 19.99 -2.06 40.71
C ARG A 304 21.00 -0.97 40.41
N LYS A 305 21.16 -0.58 39.15
CA LYS A 305 22.13 0.49 38.78
C LYS A 305 21.70 1.81 39.44
N LEU A 306 20.41 2.15 39.40
CA LEU A 306 20.00 3.47 39.98
C LEU A 306 20.24 3.46 41.50
N LEU A 307 19.78 2.43 42.19
CA LEU A 307 19.83 2.32 43.67
C LEU A 307 21.29 2.25 44.14
N ARG A 308 22.19 1.57 43.43
CA ARG A 308 23.66 1.59 43.75
C ARG A 308 24.18 3.02 43.74
N ARG A 309 23.88 3.78 42.69
CA ARG A 309 24.39 5.17 42.57
C ARG A 309 23.71 6.11 43.60
N LEU A 310 22.42 5.93 43.93
CA LEU A 310 21.75 6.80 44.94
C LEU A 310 22.08 6.35 46.38
N ASP A 311 22.71 5.18 46.56
CA ASP A 311 22.94 4.51 47.88
C ASP A 311 21.60 4.30 48.59
N LEU A 312 20.61 3.69 47.92
CA LEU A 312 19.29 3.33 48.52
C LEU A 312 19.05 1.84 48.31
N ALA A 313 18.39 1.21 49.27
CA ALA A 313 17.85 -0.17 49.20
C ALA A 313 16.43 -0.08 48.67
N ILE A 314 15.93 -1.13 48.06
CA ILE A 314 14.55 -1.09 47.48
C ILE A 314 13.53 -0.70 48.57
N ASP A 315 13.79 -1.01 49.85
CA ASP A 315 12.83 -0.83 50.98
C ASP A 315 12.73 0.65 51.35
N ALA A 316 13.62 1.50 50.86
CA ALA A 316 13.52 2.96 51.06
C ALA A 316 12.36 3.56 50.25
N PHE A 317 11.70 2.83 49.36
CA PHE A 317 10.63 3.41 48.51
C PHE A 317 9.26 3.08 49.10
N ASP A 318 8.40 4.08 49.26
CA ASP A 318 7.00 3.90 49.72
C ASP A 318 6.11 3.54 48.54
N VAL A 319 6.50 3.89 47.32
CA VAL A 319 5.72 3.56 46.11
C VAL A 319 6.67 3.03 45.03
N ILE A 320 6.32 1.89 44.44
CA ILE A 320 7.01 1.33 43.25
C ILE A 320 5.97 1.19 42.16
N GLU A 321 6.12 1.96 41.10
CA GLU A 321 5.32 1.84 39.86
C GLU A 321 6.14 1.05 38.85
N LEU A 322 5.78 -0.20 38.68
CA LEU A 322 6.44 -1.18 37.82
C LEU A 322 5.48 -1.42 36.68
N ASN A 323 5.83 -1.01 35.48
CA ASN A 323 4.87 -1.15 34.36
C ASN A 323 4.48 -2.64 34.23
N GLU A 324 3.18 -2.92 34.14
CA GLU A 324 2.64 -4.30 34.02
C GLU A 324 2.50 -4.67 32.54
N ALA A 325 3.59 -4.73 31.81
CA ALA A 325 3.50 -5.14 30.38
C ALA A 325 2.92 -6.57 30.36
N PHE A 326 3.47 -7.45 31.19
CA PHE A 326 2.96 -8.83 31.38
C PHE A 326 3.12 -9.17 32.84
N ALA A 327 2.18 -9.89 33.41
CA ALA A 327 2.27 -10.34 34.82
C ALA A 327 3.57 -11.13 35.01
N SER A 328 3.94 -11.95 34.03
CA SER A 328 5.11 -12.85 34.13
C SER A 328 6.35 -12.03 34.44
N GLN A 329 6.56 -10.92 33.73
CA GLN A 329 7.77 -10.10 33.94
C GLN A 329 7.60 -9.19 35.15
N GLY A 330 6.39 -8.67 35.42
CA GLY A 330 6.14 -7.98 36.70
C GLY A 330 6.61 -8.83 37.89
N LEU A 331 6.11 -10.05 38.00
CA LEU A 331 6.46 -10.98 39.11
C LEU A 331 7.95 -11.30 39.05
N ALA A 332 8.50 -11.62 37.88
CA ALA A 332 9.93 -12.00 37.83
C ALA A 332 10.77 -10.83 38.39
N CYS A 333 10.48 -9.60 37.98
CA CYS A 333 11.26 -8.41 38.43
C CYS A 333 11.13 -8.25 39.97
N LEU A 334 9.92 -8.34 40.53
CA LEU A 334 9.71 -8.16 42.00
C LEU A 334 10.52 -9.21 42.79
N ARG A 335 10.45 -10.48 42.40
CA ARG A 335 11.18 -11.59 43.07
C ARG A 335 12.70 -11.34 43.00
N GLU A 336 13.23 -10.83 41.88
CA GLU A 336 14.68 -10.51 41.74
C GLU A 336 15.04 -9.35 42.66
N LEU A 337 14.18 -8.34 42.80
CA LEU A 337 14.48 -7.15 43.63
C LEU A 337 14.14 -7.39 45.12
N GLY A 338 13.56 -8.53 45.47
CA GLY A 338 13.26 -8.93 46.86
C GLY A 338 12.01 -8.25 47.39
N VAL A 339 10.99 -8.07 46.55
CA VAL A 339 9.70 -7.41 46.92
C VAL A 339 8.56 -8.41 46.70
N ALA A 340 7.70 -8.61 47.70
CA ALA A 340 6.58 -9.58 47.65
C ALA A 340 5.71 -9.36 46.40
N ASP A 341 5.29 -10.47 45.76
CA ASP A 341 4.37 -10.55 44.61
C ASP A 341 3.15 -9.63 44.81
N ASP A 342 2.66 -9.50 46.03
CA ASP A 342 1.36 -8.84 46.33
C ASP A 342 1.62 -7.56 47.13
N SER A 343 2.87 -7.10 47.22
CA SER A 343 3.22 -5.85 47.95
C SER A 343 2.14 -4.80 47.71
N GLU A 344 1.75 -4.11 48.77
CA GLU A 344 0.83 -2.94 48.69
C GLU A 344 1.62 -1.68 48.32
N LYS A 345 2.95 -1.73 48.30
CA LYS A 345 3.79 -0.60 47.83
C LYS A 345 3.93 -0.66 46.30
N VAL A 346 3.66 -1.81 45.69
CA VAL A 346 3.82 -1.98 44.22
C VAL A 346 2.48 -1.72 43.56
N ASN A 347 2.44 -0.76 42.63
CA ASN A 347 1.22 -0.48 41.85
C ASN A 347 0.03 -0.52 42.81
N PRO A 348 -0.01 0.38 43.83
CA PRO A 348 -1.13 0.37 44.79
C PRO A 348 -2.51 0.64 44.16
N ASN A 349 -2.58 1.35 43.01
CA ASN A 349 -3.82 1.74 42.29
C ASN A 349 -3.98 0.95 40.99
N GLY A 350 -3.35 -0.22 40.87
CA GLY A 350 -3.35 -1.03 39.64
C GLY A 350 -2.28 -0.56 38.67
N GLY A 351 -2.16 -1.28 37.56
CA GLY A 351 -1.15 -0.97 36.53
C GLY A 351 -1.70 -1.23 35.16
N ALA A 352 -0.79 -1.36 34.18
CA ALA A 352 -1.13 -1.48 32.75
C ALA A 352 -2.03 -2.72 32.44
N ILE A 353 -2.10 -3.73 33.27
CA ILE A 353 -3.04 -4.84 32.92
C ILE A 353 -4.48 -4.30 32.87
N ALA A 354 -4.78 -3.37 33.76
CA ALA A 354 -6.10 -2.71 33.86
C ALA A 354 -6.14 -1.49 32.96
N LEU A 355 -5.11 -0.65 33.04
CA LEU A 355 -5.18 0.71 32.49
C LEU A 355 -4.78 0.74 31.01
N GLY A 356 -4.03 -0.25 30.51
CA GLY A 356 -3.54 -0.21 29.12
C GLY A 356 -2.12 0.33 29.05
N HIS A 357 -1.48 0.22 27.86
CA HIS A 357 -0.06 0.56 27.60
C HIS A 357 0.08 1.27 26.26
N PRO A 358 -0.26 2.58 26.16
CA PRO A 358 0.13 3.40 25.03
C PRO A 358 1.64 3.73 25.14
N LEU A 359 2.48 3.03 24.36
CA LEU A 359 3.94 2.92 24.65
C LEU A 359 4.52 4.27 25.14
N GLY A 360 4.54 5.30 24.29
CA GLY A 360 5.24 6.57 24.58
C GLY A 360 4.72 7.25 25.82
N MET A 361 3.46 7.01 26.14
CA MET A 361 2.77 7.71 27.24
C MET A 361 3.07 7.00 28.58
N SER A 362 3.17 5.68 28.57
CA SER A 362 3.16 4.91 29.83
C SER A 362 4.21 5.39 30.84
N GLY A 363 5.45 5.62 30.40
CA GLY A 363 6.55 5.95 31.33
C GLY A 363 6.30 7.29 31.99
N ALA A 364 5.65 8.21 31.28
CA ALA A 364 5.26 9.52 31.84
C ALA A 364 4.14 9.30 32.87
N ARG A 365 3.16 8.44 32.56
CA ARG A 365 2.09 8.09 33.50
C ARG A 365 2.69 7.46 34.77
N LEU A 366 3.64 6.53 34.67
CA LEU A 366 4.25 5.90 35.88
C LEU A 366 4.75 6.98 36.85
N VAL A 367 5.48 7.98 36.35
CA VAL A 367 6.08 9.04 37.20
C VAL A 367 4.99 9.97 37.78
N LEU A 368 4.08 10.41 36.91
CA LEU A 368 2.87 11.18 37.29
C LEU A 368 2.15 10.50 38.48
N THR A 369 1.83 9.21 38.35
CA THR A 369 0.93 8.51 39.32
C THR A 369 1.74 8.11 40.57
N ALA A 370 3.05 7.81 40.47
CA ALA A 370 3.91 7.59 41.66
C ALA A 370 3.85 8.86 42.52
N LEU A 371 4.04 10.02 41.92
CA LEU A 371 4.06 11.32 42.65
C LEU A 371 2.69 11.55 43.29
N HIS A 372 1.61 11.30 42.55
CA HIS A 372 0.21 11.34 43.04
C HIS A 372 0.04 10.42 44.26
N GLN A 373 0.48 9.17 44.18
CA GLN A 373 0.28 8.22 45.30
C GLN A 373 1.10 8.71 46.51
N LEU A 374 2.26 9.34 46.30
CA LEU A 374 3.12 9.82 47.41
C LEU A 374 2.39 10.94 48.14
N GLU A 375 1.76 11.83 47.38
CA GLU A 375 0.96 12.95 47.96
C GLU A 375 -0.24 12.41 48.73
N LYS A 376 -0.95 11.40 48.24
CA LYS A 376 -2.16 10.90 48.92
C LYS A 376 -1.76 10.21 50.22
N SER A 377 -0.63 9.47 50.23
CA SER A 377 -0.21 8.56 51.31
C SER A 377 0.70 9.24 52.33
N GLY A 378 1.28 10.40 51.99
CA GLY A 378 2.36 11.00 52.76
C GLY A 378 3.69 10.24 52.64
N GLY A 379 3.87 9.34 51.66
CA GLY A 379 5.14 8.65 51.40
C GLY A 379 6.25 9.59 50.94
N ARG A 380 7.50 9.17 51.10
CA ARG A 380 8.70 10.03 50.94
C ARG A 380 9.30 9.78 49.55
N ARG A 381 9.52 8.52 49.16
CA ARG A 381 10.31 8.21 47.95
C ARG A 381 9.49 7.28 47.03
N GLY A 382 9.56 7.55 45.72
CA GLY A 382 8.92 6.70 44.72
C GLY A 382 9.91 6.27 43.67
N LEU A 383 9.66 5.09 43.14
CA LEU A 383 10.47 4.43 42.08
C LEU A 383 9.52 4.02 40.97
N ALA A 384 9.77 4.53 39.77
CA ALA A 384 9.05 4.12 38.55
C ALA A 384 10.02 3.35 37.65
N THR A 385 9.63 2.18 37.17
CA THR A 385 10.49 1.34 36.32
C THR A 385 9.66 0.53 35.33
N MET A 386 10.24 0.20 34.18
CA MET A 386 9.54 -0.54 33.13
C MET A 386 10.52 -1.24 32.20
N CYS A 387 10.05 -2.30 31.58
CA CYS A 387 10.77 -3.07 30.54
C CYS A 387 10.53 -2.39 29.19
N VAL A 388 11.35 -2.77 28.22
CA VAL A 388 11.51 -2.11 26.90
C VAL A 388 11.78 -3.22 25.88
N GLY A 389 10.97 -3.24 24.83
CA GLY A 389 11.19 -4.08 23.65
C GLY A 389 12.64 -4.03 23.20
N VAL A 390 13.12 -5.20 22.78
CA VAL A 390 14.50 -5.44 22.28
C VAL A 390 15.47 -5.33 23.46
N GLY A 391 14.96 -5.48 24.69
CA GLY A 391 15.76 -5.78 25.88
C GLY A 391 16.38 -4.57 26.56
N GLN A 392 15.55 -3.74 27.20
CA GLN A 392 16.05 -2.72 28.11
C GLN A 392 15.16 -2.63 29.34
N GLY A 393 15.66 -1.93 30.33
CA GLY A 393 14.89 -1.35 31.40
C GLY A 393 15.29 0.09 31.61
N LEU A 394 14.37 0.86 32.17
CA LEU A 394 14.59 2.22 32.65
C LEU A 394 14.01 2.33 34.05
N ALA A 395 14.65 3.10 34.92
CA ALA A 395 14.20 3.35 36.32
C ALA A 395 14.38 4.83 36.61
N LEU A 396 13.39 5.44 37.25
CA LEU A 396 13.43 6.87 37.65
C LEU A 396 12.93 6.99 39.08
N ALA A 397 13.68 7.67 39.94
CA ALA A 397 13.37 7.82 41.38
C ALA A 397 13.05 9.27 41.69
N ILE A 398 12.06 9.48 42.55
CA ILE A 398 11.59 10.83 42.97
C ILE A 398 11.46 10.86 44.51
N GLU A 399 11.40 12.05 45.06
CA GLU A 399 11.22 12.30 46.53
C GLU A 399 10.16 13.40 46.73
N ARG A 400 9.09 13.11 47.43
CA ARG A 400 8.06 14.14 47.77
C ARG A 400 8.75 15.34 48.46
N VAL A 401 8.49 16.57 48.01
CA VAL A 401 8.86 17.82 48.73
C VAL A 401 8.02 17.90 50.02
N LEU A 402 8.63 18.14 51.17
CA LEU A 402 7.94 18.27 52.50
C LEU A 402 7.33 19.68 52.69
N SER B 2 28.50 20.68 37.88
CA SER B 2 28.67 19.98 36.58
C SER B 2 30.14 19.64 36.36
N ARG B 3 30.43 18.36 36.19
CA ARG B 3 31.76 17.86 35.81
C ARG B 3 32.03 18.14 34.33
N GLU B 4 33.29 18.15 33.99
CA GLU B 4 33.79 18.23 32.61
C GLU B 4 33.33 16.99 31.82
N VAL B 5 33.07 17.17 30.53
CA VAL B 5 32.75 16.04 29.62
C VAL B 5 33.63 16.12 28.39
N PHE B 6 34.27 15.02 28.03
CA PHE B 6 35.24 15.04 26.92
C PHE B 6 34.69 14.31 25.71
N ILE B 7 34.93 14.89 24.54
CA ILE B 7 34.82 14.13 23.27
C ILE B 7 36.15 13.39 23.03
N CYS B 8 36.07 12.10 22.77
CA CYS B 8 37.24 11.26 22.46
C CYS B 8 37.18 10.94 20.94
N ASP B 9 37.30 9.69 20.56
CA ASP B 9 37.29 9.30 19.13
C ASP B 9 35.91 9.65 18.52
N ALA B 10 35.92 9.95 17.22
CA ALA B 10 34.79 10.38 16.40
C ALA B 10 35.04 9.90 14.97
N VAL B 11 34.04 9.31 14.31
CA VAL B 11 34.16 8.76 12.93
C VAL B 11 32.81 8.93 12.23
N ARG B 12 32.84 8.92 10.91
CA ARG B 12 31.63 8.99 10.06
C ARG B 12 31.83 8.05 8.88
N THR B 13 30.72 7.59 8.35
CA THR B 13 30.68 7.03 6.99
C THR B 13 30.85 8.17 6.01
N PRO B 14 31.18 7.84 4.73
CA PRO B 14 31.02 8.82 3.66
C PRO B 14 29.53 9.14 3.58
N ILE B 15 29.23 10.26 2.95
CA ILE B 15 27.84 10.63 2.67
C ILE B 15 27.55 10.23 1.23
N GLY B 16 26.47 9.48 1.02
CA GLY B 16 26.04 9.09 -0.33
C GLY B 16 24.91 9.96 -0.84
N ARG B 17 24.73 10.00 -2.16
CA ARG B 17 23.57 10.63 -2.85
C ARG B 17 22.35 9.70 -2.76
N PHE B 18 21.17 10.28 -2.90
CA PHE B 18 19.89 9.56 -3.05
C PHE B 18 20.09 8.48 -4.14
N GLY B 19 19.78 7.23 -3.83
CA GLY B 19 19.87 6.14 -4.83
C GLY B 19 21.30 5.87 -5.27
N GLY B 20 22.30 6.36 -4.54
CA GLY B 20 23.71 6.26 -4.91
C GLY B 20 24.44 5.22 -4.07
N SER B 21 25.67 5.55 -3.66
CA SER B 21 26.72 4.60 -3.22
C SER B 21 26.31 3.85 -1.94
N LEU B 22 25.43 4.43 -1.11
CA LEU B 22 25.03 3.77 0.16
C LEU B 22 23.56 3.31 0.09
N SER B 23 22.93 3.39 -1.07
CA SER B 23 21.46 3.19 -1.21
C SER B 23 21.07 1.74 -0.92
N ALA B 24 21.99 0.75 -1.02
CA ALA B 24 21.70 -0.66 -0.74
C ALA B 24 21.90 -0.97 0.77
N VAL B 25 22.37 -0.04 1.58
CA VAL B 25 22.71 -0.34 3.01
C VAL B 25 21.51 0.02 3.89
N ARG B 26 20.94 -0.96 4.60
CA ARG B 26 19.77 -0.74 5.49
C ARG B 26 20.17 0.34 6.50
N ALA B 27 19.23 1.22 6.90
CA ALA B 27 19.48 2.35 7.81
C ALA B 27 20.11 1.88 9.12
N ASP B 28 19.64 0.77 9.67
CA ASP B 28 20.16 0.20 10.94
C ASP B 28 21.61 -0.30 10.73
N ASP B 29 21.86 -1.06 9.65
CA ASP B 29 23.22 -1.54 9.33
C ASP B 29 24.13 -0.31 9.15
N LEU B 30 23.64 0.74 8.52
CA LEU B 30 24.49 1.92 8.28
C LEU B 30 24.86 2.53 9.63
N ALA B 31 23.88 2.68 10.52
CA ALA B 31 24.14 3.25 11.87
C ALA B 31 25.17 2.39 12.62
N ALA B 32 25.18 1.07 12.39
CA ALA B 32 26.09 0.16 13.10
C ALA B 32 27.54 0.43 12.66
N VAL B 33 27.78 1.01 11.49
CA VAL B 33 29.15 1.01 10.89
C VAL B 33 30.06 1.93 11.70
N PRO B 34 29.68 3.17 12.03
CA PRO B 34 30.51 3.96 12.94
C PRO B 34 30.63 3.36 14.36
N LEU B 35 29.60 2.67 14.87
CA LEU B 35 29.70 2.09 16.24
C LEU B 35 30.79 1.01 16.22
N LYS B 36 30.76 0.15 15.20
CA LYS B 36 31.68 -0.99 15.09
C LYS B 36 33.08 -0.42 14.90
N ALA B 37 33.22 0.63 14.09
CA ALA B 37 34.53 1.28 13.87
C ALA B 37 35.07 1.83 15.19
N LEU B 38 34.26 2.45 16.05
CA LEU B 38 34.78 2.96 17.35
C LEU B 38 35.27 1.78 18.21
N VAL B 39 34.52 0.69 18.28
CA VAL B 39 34.97 -0.48 19.07
C VAL B 39 36.35 -0.94 18.56
N GLU B 40 36.52 -1.06 17.24
CA GLU B 40 37.74 -1.67 16.65
C GLU B 40 38.88 -0.66 16.72
N ARG B 41 38.59 0.62 16.77
CA ARG B 41 39.67 1.64 16.83
C ARG B 41 40.18 1.81 18.27
N ASN B 42 39.42 1.34 19.28
CA ASN B 42 39.74 1.60 20.71
C ASN B 42 39.64 0.26 21.42
N PRO B 43 40.48 -0.73 21.03
CA PRO B 43 40.29 -2.11 21.48
C PRO B 43 40.77 -2.24 22.94
N GLY B 44 41.45 -1.21 23.46
CA GLY B 44 41.82 -1.09 24.88
C GLY B 44 40.60 -1.20 25.79
N VAL B 45 39.47 -0.63 25.35
CA VAL B 45 38.29 -0.27 26.19
C VAL B 45 37.46 -1.52 26.50
N ASP B 46 36.96 -1.64 27.73
CA ASP B 46 35.95 -2.65 28.13
C ASP B 46 34.57 -2.05 27.80
N TRP B 47 34.01 -2.47 26.67
CA TRP B 47 32.81 -1.86 26.04
C TRP B 47 31.56 -2.24 26.82
N SER B 48 31.67 -3.18 27.75
CA SER B 48 30.58 -3.51 28.70
C SER B 48 30.38 -2.35 29.69
N ALA B 49 31.29 -1.37 29.73
CA ALA B 49 31.19 -0.18 30.60
C ALA B 49 30.55 1.01 29.84
N LEU B 50 30.23 0.83 28.56
CA LEU B 50 29.48 1.85 27.81
C LEU B 50 28.09 1.99 28.43
N ASP B 51 27.74 3.20 28.93
CA ASP B 51 26.47 3.46 29.66
C ASP B 51 25.27 3.56 28.71
N GLU B 52 25.49 4.00 27.46
CA GLU B 52 24.35 4.34 26.56
C GLU B 52 24.88 4.62 25.16
N VAL B 53 24.09 4.26 24.15
CA VAL B 53 24.21 4.82 22.78
C VAL B 53 23.02 5.76 22.54
N PHE B 54 23.30 7.02 22.24
CA PHE B 54 22.31 8.04 21.83
C PHE B 54 22.44 8.24 20.31
N LEU B 55 21.44 7.92 19.50
CA LEU B 55 21.50 8.31 18.06
C LEU B 55 20.36 9.26 17.70
N GLY B 56 20.66 10.20 16.82
CA GLY B 56 19.67 11.02 16.10
C GLY B 56 19.17 10.33 14.84
N CYS B 57 17.88 10.51 14.57
CA CYS B 57 17.25 9.97 13.37
C CYS B 57 15.95 10.73 13.17
N ALA B 58 15.73 11.31 12.02
CA ALA B 58 14.56 12.15 11.73
C ALA B 58 13.38 11.30 11.26
N ASN B 59 13.59 10.09 10.74
CA ASN B 59 12.51 9.37 10.00
C ASN B 59 11.89 8.33 10.95
N GLN B 60 12.58 7.20 11.19
CA GLN B 60 12.22 6.13 12.17
C GLN B 60 10.97 5.31 11.74
N ALA B 61 10.59 5.40 10.47
CA ALA B 61 9.45 4.64 9.90
C ALA B 61 9.96 3.41 9.13
N GLY B 62 11.21 3.42 8.71
CA GLY B 62 11.78 2.38 7.84
C GLY B 62 12.62 1.41 8.65
N GLU B 63 13.77 1.04 8.11
CA GLU B 63 14.70 0.07 8.70
C GLU B 63 15.26 0.67 9.98
N ASP B 64 15.03 1.97 10.19
CA ASP B 64 15.42 2.73 11.40
C ASP B 64 14.29 2.75 12.44
N ASN B 65 13.29 1.87 12.33
CA ASN B 65 12.11 1.88 13.23
C ASN B 65 12.48 1.24 14.59
N ARG B 66 11.73 1.58 15.62
CA ARG B 66 11.76 0.92 16.95
C ARG B 66 13.14 1.05 17.59
N ASN B 67 13.66 2.27 17.57
CA ASN B 67 14.80 2.73 18.38
C ASN B 67 16.07 2.18 17.73
N VAL B 68 16.47 2.88 16.66
CA VAL B 68 17.61 2.48 15.81
C VAL B 68 18.92 2.51 16.63
N ALA B 69 19.02 3.32 17.69
CA ALA B 69 20.21 3.32 18.57
C ALA B 69 20.45 1.90 19.11
N ARG B 70 19.41 1.25 19.63
CA ARG B 70 19.51 -0.08 20.24
C ARG B 70 19.67 -1.12 19.13
N MET B 71 18.95 -1.01 18.02
CA MET B 71 19.14 -1.93 16.86
C MET B 71 20.61 -1.89 16.47
N ALA B 72 21.14 -0.70 16.29
CA ALA B 72 22.46 -0.47 15.69
C ALA B 72 23.54 -0.97 16.63
N LEU B 73 23.43 -0.70 17.94
CA LEU B 73 24.51 -1.15 18.86
C LEU B 73 24.55 -2.68 18.87
N LEU B 74 23.40 -3.36 18.75
CA LEU B 74 23.40 -4.83 18.76
C LEU B 74 24.01 -5.33 17.46
N LEU B 75 23.68 -4.73 16.32
CA LEU B 75 24.21 -5.17 15.00
C LEU B 75 25.72 -4.92 14.99
N ALA B 76 26.17 -3.90 15.70
CA ALA B 76 27.58 -3.49 15.72
C ALA B 76 28.43 -4.46 16.55
N GLY B 77 27.83 -5.39 17.33
CA GLY B 77 28.60 -6.31 18.19
C GLY B 77 28.83 -5.75 19.58
N LEU B 78 28.18 -4.65 19.99
CA LEU B 78 28.26 -4.18 21.39
C LEU B 78 27.47 -5.15 22.27
N PRO B 79 27.88 -5.37 23.54
CA PRO B 79 27.12 -6.24 24.44
C PRO B 79 25.65 -5.81 24.61
N GLU B 80 24.76 -6.80 24.68
CA GLU B 80 23.31 -6.65 24.88
C GLU B 80 23.05 -5.93 26.20
N SER B 81 24.01 -5.87 27.12
CA SER B 81 23.85 -5.12 28.40
C SER B 81 23.84 -3.59 28.15
N VAL B 82 24.25 -3.11 26.95
CA VAL B 82 24.36 -1.64 26.67
C VAL B 82 23.03 -1.09 26.13
N PRO B 83 22.41 -0.12 26.80
CA PRO B 83 21.14 0.43 26.33
C PRO B 83 21.38 1.51 25.27
N GLY B 84 20.29 1.87 24.59
CA GLY B 84 20.27 2.80 23.45
C GLY B 84 18.97 3.57 23.43
N VAL B 85 19.03 4.82 23.00
CA VAL B 85 17.83 5.70 22.86
C VAL B 85 18.01 6.52 21.59
N THR B 86 16.92 6.82 20.91
CA THR B 86 16.92 7.58 19.62
C THR B 86 16.29 8.97 19.82
N LEU B 87 16.93 10.02 19.31
CA LEU B 87 16.40 11.40 19.36
C LEU B 87 15.98 11.88 17.98
N ASN B 88 14.93 12.69 17.96
CA ASN B 88 14.34 13.25 16.74
C ASN B 88 14.12 14.72 17.02
N ARG B 89 15.04 15.53 16.51
CA ARG B 89 14.83 16.98 16.33
C ARG B 89 15.10 17.25 14.84
N LEU B 90 14.48 16.44 13.96
CA LEU B 90 14.66 16.48 12.50
C LEU B 90 16.14 16.73 12.20
N CYS B 91 16.44 17.81 11.49
CA CYS B 91 17.76 18.17 10.92
C CYS B 91 18.86 18.16 11.97
N ALA B 92 18.56 18.43 13.23
CA ALA B 92 19.55 18.61 14.31
C ALA B 92 19.63 17.39 15.25
N SER B 93 18.96 16.27 14.92
CA SER B 93 18.84 15.07 15.76
C SER B 93 20.24 14.62 16.19
N GLY B 94 21.19 14.61 15.25
CA GLY B 94 22.57 14.17 15.55
C GLY B 94 23.27 15.09 16.53
N MET B 95 23.05 16.39 16.46
CA MET B 95 23.68 17.31 17.44
C MET B 95 23.03 17.12 18.82
N ASP B 96 21.73 16.94 18.82
CA ASP B 96 20.92 16.73 20.05
C ASP B 96 21.40 15.46 20.76
N ALA B 97 21.69 14.41 20.02
CA ALA B 97 22.25 13.16 20.58
C ALA B 97 23.51 13.49 21.38
N ILE B 98 24.43 14.27 20.81
CA ILE B 98 25.72 14.64 21.50
C ILE B 98 25.38 15.47 22.76
N GLY B 99 24.54 16.50 22.65
CA GLY B 99 24.25 17.39 23.78
C GLY B 99 23.55 16.63 24.89
N THR B 100 22.71 15.66 24.53
CA THR B 100 21.97 14.80 25.48
C THR B 100 22.95 13.89 26.23
N ALA B 101 23.89 13.27 25.53
CA ALA B 101 24.97 12.46 26.17
C ALA B 101 25.76 13.36 27.13
N PHE B 102 26.15 14.52 26.64
CA PHE B 102 26.90 15.53 27.42
C PHE B 102 26.18 15.76 28.76
N ARG B 103 24.88 16.09 28.73
CA ARG B 103 24.09 16.43 29.95
C ARG B 103 23.99 15.26 30.89
N ALA B 104 23.82 14.06 30.38
CA ALA B 104 23.76 12.85 31.23
C ALA B 104 25.09 12.74 31.98
N ILE B 105 26.20 12.94 31.29
CA ILE B 105 27.53 12.73 31.94
C ILE B 105 27.82 13.91 32.87
N ALA B 106 27.43 15.11 32.47
CA ALA B 106 27.70 16.35 33.23
C ALA B 106 27.01 16.30 34.61
N CYS B 107 25.81 15.75 34.77
CA CYS B 107 25.23 15.71 36.13
C CYS B 107 25.45 14.36 36.84
N GLY B 108 26.35 13.52 36.32
CA GLY B 108 26.91 12.38 37.08
C GLY B 108 26.07 11.15 36.88
N GLU B 109 25.14 11.15 35.92
CA GLU B 109 24.21 10.02 35.73
C GLU B 109 24.89 8.92 34.92
N MET B 110 25.91 9.22 34.13
CA MET B 110 26.74 8.17 33.48
C MET B 110 28.19 8.63 33.25
N GLU B 111 29.07 7.74 32.79
CA GLU B 111 30.53 8.00 32.69
C GLU B 111 30.97 7.99 31.21
N LEU B 112 30.38 7.11 30.42
CA LEU B 112 30.87 6.78 29.05
C LEU B 112 29.66 6.54 28.14
N ALA B 113 29.62 7.24 27.02
CA ALA B 113 28.51 7.13 26.05
C ALA B 113 29.05 7.24 24.63
N ILE B 114 28.25 6.76 23.70
CA ILE B 114 28.42 7.08 22.27
C ILE B 114 27.17 7.87 21.87
N ALA B 115 27.39 8.92 21.08
CA ALA B 115 26.32 9.77 20.55
C ALA B 115 26.61 9.96 19.07
N GLY B 116 25.57 9.99 18.27
CA GLY B 116 25.75 10.17 16.84
C GLY B 116 24.41 10.34 16.16
N GLY B 117 24.35 9.98 14.88
CA GLY B 117 23.11 10.02 14.12
C GLY B 117 23.24 9.28 12.80
N VAL B 118 22.10 8.98 12.22
CA VAL B 118 22.00 8.16 10.98
C VAL B 118 20.82 8.71 10.19
N GLU B 119 20.94 8.71 8.88
CA GLU B 119 19.75 8.84 8.02
C GLU B 119 20.04 8.04 6.74
N SER B 120 19.03 7.32 6.28
CA SER B 120 18.98 6.73 4.93
C SER B 120 17.77 7.34 4.22
N MET B 121 17.97 8.46 3.55
CA MET B 121 16.85 9.13 2.84
C MET B 121 16.56 8.32 1.57
N SER B 122 17.54 7.62 1.01
CA SER B 122 17.34 6.69 -0.14
C SER B 122 16.23 5.68 0.21
N ARG B 123 16.30 5.10 1.41
CA ARG B 123 15.46 3.93 1.82
C ARG B 123 14.28 4.35 2.69
N ALA B 124 14.02 5.64 2.83
CA ALA B 124 12.81 6.15 3.54
C ALA B 124 11.61 5.45 2.90
N PRO B 125 10.70 4.90 3.72
CA PRO B 125 9.56 4.18 3.18
C PRO B 125 8.37 5.07 2.80
N TYR B 126 7.34 4.44 2.26
CA TYR B 126 5.99 5.04 2.11
C TYR B 126 5.24 4.74 3.37
N VAL B 127 4.37 5.65 3.77
CA VAL B 127 3.42 5.43 4.89
C VAL B 127 1.98 5.53 4.38
N MET B 128 1.10 4.74 5.00
CA MET B 128 -0.34 4.68 4.66
C MET B 128 -1.19 4.70 5.93
N GLY B 129 -2.08 5.67 6.07
CA GLY B 129 -2.98 5.73 7.25
C GLY B 129 -3.87 4.49 7.26
N LYS B 130 -4.27 4.00 8.42
CA LYS B 130 -5.32 2.97 8.56
C LYS B 130 -6.63 3.58 8.03
N ALA B 131 -7.55 2.76 7.50
CA ALA B 131 -8.95 3.15 7.30
C ALA B 131 -9.59 3.36 8.68
N ASP B 132 -10.24 4.53 8.93
CA ASP B 132 -11.02 4.83 10.16
C ASP B 132 -12.48 4.32 10.04
N SER B 133 -12.83 3.61 8.97
CA SER B 133 -14.21 3.07 8.78
C SER B 133 -14.16 1.83 7.91
N ALA B 134 -15.01 0.84 8.18
CA ALA B 134 -15.18 -0.38 7.37
C ALA B 134 -15.25 0.02 5.90
N PHE B 135 -14.46 -0.62 5.04
CA PHE B 135 -14.51 -0.44 3.56
C PHE B 135 -14.21 1.01 3.22
N GLY B 136 -13.35 1.66 4.03
CA GLY B 136 -12.92 3.05 3.77
C GLY B 136 -12.32 3.18 2.37
N ARG B 137 -12.69 4.24 1.67
CA ARG B 137 -12.27 4.48 0.28
C ARG B 137 -11.19 5.56 0.25
N GLY B 138 -10.83 6.13 1.40
CA GLY B 138 -9.98 7.34 1.45
C GLY B 138 -8.51 7.06 1.70
N GLN B 139 -8.04 5.81 1.67
CA GLN B 139 -6.62 5.55 1.97
C GLN B 139 -5.70 6.09 0.86
N LYS B 140 -4.48 6.47 1.25
CA LYS B 140 -3.40 6.93 0.35
C LYS B 140 -2.03 6.59 0.91
N ILE B 141 -1.01 6.66 0.05
CA ILE B 141 0.40 6.44 0.49
C ILE B 141 1.16 7.74 0.30
N GLU B 142 2.10 8.01 1.21
CA GLU B 142 2.93 9.22 1.18
C GLU B 142 4.41 8.83 1.35
N ASP B 143 5.25 9.41 0.52
CA ASP B 143 6.74 9.26 0.53
C ASP B 143 7.24 9.92 1.81
N THR B 144 8.19 9.31 2.52
CA THR B 144 8.79 9.91 3.75
C THR B 144 10.23 10.37 3.49
N THR B 145 10.70 10.35 2.24
CA THR B 145 12.07 10.77 1.84
C THR B 145 12.35 12.16 2.42
N ILE B 146 11.46 13.10 2.15
CA ILE B 146 11.52 14.52 2.60
C ILE B 146 10.09 15.07 2.71
N GLY B 147 9.90 16.14 3.46
CA GLY B 147 8.67 16.94 3.32
C GLY B 147 7.56 16.37 4.20
N TRP B 148 6.43 17.07 4.13
CA TRP B 148 5.25 16.92 4.99
C TRP B 148 4.51 15.66 4.60
N ARG B 149 4.04 14.94 5.61
CA ARG B 149 3.02 13.89 5.40
C ARG B 149 2.08 13.86 6.59
N PHE B 150 0.89 13.30 6.40
CA PHE B 150 -0.19 13.28 7.40
C PHE B 150 -0.42 14.72 7.87
N VAL B 151 -0.70 15.63 6.94
CA VAL B 151 -0.73 17.08 7.27
C VAL B 151 -1.89 17.32 8.22
N ASN B 152 -1.65 18.02 9.33
CA ASN B 152 -2.72 18.47 10.25
C ASN B 152 -3.31 19.78 9.69
N PRO B 153 -4.61 19.84 9.32
CA PRO B 153 -5.19 21.09 8.84
C PRO B 153 -5.01 22.28 9.81
N LEU B 154 -5.03 22.09 11.14
CA LEU B 154 -4.75 23.17 12.14
C LEU B 154 -3.32 23.71 11.99
N MET B 155 -2.36 22.85 11.67
CA MET B 155 -0.97 23.29 11.44
C MET B 155 -0.87 24.03 10.10
N LYS B 156 -1.44 23.49 9.02
CA LYS B 156 -1.40 24.19 7.71
C LYS B 156 -1.98 25.62 7.86
N GLU B 157 -3.13 25.75 8.52
CA GLU B 157 -3.88 27.03 8.61
C GLU B 157 -3.05 28.02 9.44
N GLN B 158 -2.54 27.60 10.60
CA GLN B 158 -1.91 28.58 11.52
C GLN B 158 -0.46 28.85 11.11
N TYR B 159 0.32 27.86 10.71
CA TYR B 159 1.79 28.03 10.53
C TYR B 159 2.24 27.78 9.09
N GLY B 160 1.40 27.18 8.25
CA GLY B 160 1.80 26.69 6.91
C GLY B 160 2.57 25.39 6.97
N ILE B 161 2.76 24.76 5.80
CA ILE B 161 3.54 23.51 5.55
C ILE B 161 4.56 23.80 4.42
N ASP B 162 5.14 25.00 4.43
CA ASP B 162 6.12 25.40 3.39
C ASP B 162 7.16 24.31 3.28
N PRO B 163 7.41 23.79 2.06
CA PRO B 163 8.57 22.93 1.87
C PRO B 163 9.86 23.67 2.25
N MET B 164 10.93 22.92 2.53
CA MET B 164 12.19 23.50 3.02
C MET B 164 12.68 24.57 2.03
N PRO B 165 12.75 24.34 0.70
CA PRO B 165 13.30 25.32 -0.21
C PRO B 165 12.46 26.60 -0.25
N GLN B 166 11.14 26.49 -0.08
CA GLN B 166 10.23 27.67 0.04
C GLN B 166 10.62 28.44 1.32
N THR B 167 10.94 27.78 2.43
CA THR B 167 11.34 28.50 3.67
C THR B 167 12.63 29.26 3.41
N ALA B 168 13.51 28.70 2.59
CA ALA B 168 14.78 29.33 2.20
C ALA B 168 14.50 30.56 1.33
N ASP B 169 13.52 30.50 0.44
CA ASP B 169 13.08 31.68 -0.37
C ASP B 169 12.44 32.73 0.55
N ASN B 170 11.69 32.33 1.58
CA ASN B 170 11.11 33.27 2.56
C ASN B 170 12.22 33.99 3.33
N VAL B 171 13.30 33.28 3.68
CA VAL B 171 14.47 33.89 4.40
C VAL B 171 15.21 34.85 3.45
N ALA B 172 15.38 34.50 2.18
CA ALA B 172 16.03 35.35 1.15
C ALA B 172 15.20 36.61 0.92
N ASP B 173 13.86 36.51 0.87
CA ASP B 173 12.98 37.69 0.69
C ASP B 173 13.07 38.55 1.97
N ASP B 174 12.71 37.99 3.14
CA ASP B 174 12.59 38.77 4.40
C ASP B 174 13.93 39.30 4.89
N TYR B 175 15.05 38.61 4.65
CA TYR B 175 16.39 39.07 5.13
C TYR B 175 17.19 39.66 3.97
N ARG B 176 16.61 39.74 2.76
CA ARG B 176 17.22 40.41 1.58
C ARG B 176 18.58 39.76 1.28
N VAL B 177 18.56 38.47 0.90
CA VAL B 177 19.78 37.73 0.48
C VAL B 177 19.68 37.49 -1.02
N SER B 178 20.60 38.09 -1.78
CA SER B 178 20.55 38.03 -3.27
C SER B 178 20.94 36.64 -3.77
N ARG B 179 20.41 36.29 -4.94
CA ARG B 179 20.87 35.15 -5.78
C ARG B 179 22.39 35.13 -5.86
N ALA B 180 23.05 36.25 -6.19
CA ALA B 180 24.51 36.28 -6.48
C ALA B 180 25.33 35.99 -5.22
N ASP B 181 24.90 36.47 -4.04
CA ASP B 181 25.61 36.18 -2.77
C ASP B 181 25.41 34.69 -2.40
N GLN B 182 24.23 34.14 -2.66
CA GLN B 182 23.93 32.72 -2.36
C GLN B 182 24.83 31.85 -3.25
N ASP B 183 24.97 32.23 -4.53
CA ASP B 183 25.75 31.45 -5.52
C ASP B 183 27.23 31.50 -5.13
N ALA B 184 27.70 32.66 -4.68
CA ALA B 184 29.12 32.85 -4.28
C ALA B 184 29.36 32.06 -2.98
N PHE B 185 28.40 32.03 -2.05
CA PHE B 185 28.49 31.17 -0.83
C PHE B 185 28.57 29.68 -1.24
N ALA B 186 27.75 29.22 -2.18
CA ALA B 186 27.78 27.83 -2.66
C ALA B 186 29.13 27.47 -3.29
N LEU B 187 29.69 28.39 -4.07
CA LEU B 187 30.97 28.19 -4.79
C LEU B 187 32.08 27.98 -3.76
N ARG B 188 32.13 28.85 -2.75
CA ARG B 188 33.13 28.78 -1.65
C ARG B 188 33.03 27.40 -0.97
N SER B 189 31.82 26.89 -0.68
CA SER B 189 31.66 25.55 -0.05
C SER B 189 32.29 24.49 -0.98
N GLN B 190 32.01 24.54 -2.28
CA GLN B 190 32.52 23.53 -3.23
C GLN B 190 34.03 23.67 -3.29
N GLN B 191 34.56 24.88 -3.38
CA GLN B 191 36.04 25.05 -3.47
C GLN B 191 36.72 24.58 -2.19
N ARG B 192 36.18 24.99 -1.05
CA ARG B 192 36.78 24.64 0.28
C ARG B 192 36.76 23.12 0.46
N ALA B 193 35.66 22.46 0.11
CA ALA B 193 35.54 20.98 0.26
C ALA B 193 36.47 20.30 -0.72
N GLY B 194 36.70 20.87 -1.90
CA GLY B 194 37.60 20.23 -2.90
C GLY B 194 39.03 20.28 -2.42
N ARG B 195 39.45 21.39 -1.81
CA ARG B 195 40.81 21.49 -1.18
C ARG B 195 40.91 20.48 -0.03
N ALA B 196 39.88 20.43 0.83
CA ALA B 196 39.90 19.51 1.98
C ALA B 196 39.96 18.07 1.46
N GLN B 197 39.24 17.72 0.40
CA GLN B 197 39.24 16.35 -0.18
C GLN B 197 40.67 15.98 -0.64
N GLU B 198 41.26 16.88 -1.42
CA GLU B 198 42.62 16.72 -2.03
C GLU B 198 43.65 16.52 -0.92
N ALA B 199 43.58 17.28 0.19
CA ALA B 199 44.52 17.16 1.34
C ALA B 199 44.32 15.86 2.12
N GLY B 200 43.21 15.14 1.95
CA GLY B 200 42.90 13.95 2.76
C GLY B 200 42.28 14.31 4.11
N PHE B 201 41.75 15.50 4.28
CA PHE B 201 41.04 15.89 5.52
C PHE B 201 39.78 14.98 5.72
N PHE B 202 38.95 14.74 4.71
CA PHE B 202 37.72 13.92 4.88
C PHE B 202 38.08 12.46 5.10
N ALA B 203 39.10 11.94 4.41
CA ALA B 203 39.57 10.53 4.60
C ALA B 203 39.91 10.27 6.08
N GLU B 204 40.38 11.26 6.80
CA GLU B 204 40.71 11.11 8.25
C GLU B 204 39.46 10.95 9.13
N GLU B 205 38.33 11.47 8.68
CA GLU B 205 37.03 11.44 9.39
C GLU B 205 36.36 10.10 9.13
N ILE B 206 36.67 9.50 7.98
CA ILE B 206 35.77 8.50 7.36
C ILE B 206 36.22 7.11 7.75
N VAL B 207 35.25 6.24 7.99
CA VAL B 207 35.48 4.78 8.03
C VAL B 207 34.66 4.20 6.89
N PRO B 208 35.24 3.22 6.19
CA PRO B 208 34.63 2.66 4.97
C PRO B 208 33.35 1.85 5.25
N VAL B 209 32.41 1.88 4.31
CA VAL B 209 31.19 1.01 4.34
C VAL B 209 31.41 -0.15 3.35
N THR B 210 31.23 -1.38 3.80
CA THR B 210 31.39 -2.60 2.98
C THR B 210 30.04 -2.85 2.30
N ILE B 211 30.01 -2.91 0.97
CA ILE B 211 28.78 -3.24 0.20
C ILE B 211 28.91 -4.70 -0.28
N ARG B 212 27.98 -5.57 0.10
CA ARG B 212 27.95 -7.03 -0.25
C ARG B 212 27.29 -7.23 -1.63
N GLY B 213 28.03 -7.78 -2.61
CA GLY B 213 27.52 -8.11 -3.97
C GLY B 213 27.61 -9.60 -4.28
N GLY B 216 31.04 -10.48 -5.14
CA GLY B 216 32.21 -9.79 -4.55
C GLY B 216 31.84 -8.49 -3.81
N ASP B 217 32.40 -8.28 -2.62
CA ASP B 217 32.24 -7.07 -1.77
C ASP B 217 33.04 -5.89 -2.32
N THR B 218 32.45 -4.68 -2.32
CA THR B 218 33.14 -3.40 -2.62
C THR B 218 33.18 -2.57 -1.32
N LEU B 219 34.06 -1.56 -1.29
CA LEU B 219 34.20 -0.59 -0.18
C LEU B 219 33.71 0.77 -0.67
N VAL B 220 32.91 1.49 0.11
CA VAL B 220 32.60 2.92 -0.16
C VAL B 220 33.40 3.77 0.82
N GLU B 221 34.19 4.69 0.29
CA GLU B 221 35.29 5.34 1.05
C GLU B 221 35.26 6.85 0.90
N HIS B 222 34.59 7.42 -0.08
CA HIS B 222 34.67 8.90 -0.24
C HIS B 222 33.27 9.49 -0.42
N ASP B 223 33.13 10.76 -0.03
CA ASP B 223 31.87 11.51 -0.17
C ASP B 223 31.48 11.53 -1.66
N GLU B 224 30.19 11.34 -1.96
CA GLU B 224 29.64 11.22 -3.33
C GLU B 224 29.05 12.57 -3.77
N HIS B 225 28.55 13.39 -2.85
CA HIS B 225 27.80 14.62 -3.20
C HIS B 225 28.68 15.76 -3.76
N PRO B 226 29.94 16.02 -3.33
CA PRO B 226 30.67 17.21 -3.80
C PRO B 226 30.79 17.34 -5.33
N ARG B 227 30.81 18.58 -5.79
CA ARG B 227 30.98 18.99 -7.20
C ARG B 227 32.10 20.03 -7.22
N PRO B 228 33.36 19.58 -7.05
CA PRO B 228 34.49 20.48 -6.90
C PRO B 228 34.85 21.31 -8.14
N ASP B 229 34.35 20.96 -9.32
CA ASP B 229 34.49 21.73 -10.59
C ASP B 229 33.37 22.78 -10.70
N THR B 230 32.51 22.94 -9.69
CA THR B 230 31.44 23.96 -9.77
C THR B 230 32.05 25.31 -10.20
N THR B 231 31.34 26.08 -11.03
CA THR B 231 31.72 27.48 -11.40
C THR B 231 30.58 28.43 -11.04
N LEU B 232 30.90 29.71 -10.81
CA LEU B 232 29.88 30.78 -10.58
C LEU B 232 28.93 30.80 -11.79
N GLU B 233 29.49 30.72 -13.00
CA GLU B 233 28.71 30.78 -14.27
C GLU B 233 27.70 29.63 -14.27
N ALA B 234 28.11 28.41 -13.93
CA ALA B 234 27.22 27.22 -14.00
C ALA B 234 26.10 27.38 -12.98
N LEU B 235 26.39 27.92 -11.79
CA LEU B 235 25.39 28.18 -10.70
C LEU B 235 24.38 29.27 -11.11
N ALA B 236 24.90 30.33 -11.76
CA ALA B 236 24.08 31.48 -12.24
C ALA B 236 23.11 31.01 -13.34
N ARG B 237 23.41 29.95 -14.09
CA ARG B 237 22.47 29.42 -15.12
C ARG B 237 21.31 28.59 -14.52
N LEU B 238 21.35 28.15 -13.25
CA LEU B 238 20.37 27.16 -12.73
C LEU B 238 19.04 27.88 -12.57
N LYS B 239 17.93 27.18 -12.79
CA LYS B 239 16.56 27.73 -12.64
C LYS B 239 16.17 27.59 -11.16
N PRO B 240 15.55 28.62 -10.54
CA PRO B 240 15.12 28.50 -9.14
C PRO B 240 13.99 27.47 -8.95
N VAL B 241 13.99 26.83 -7.78
CA VAL B 241 13.04 25.73 -7.41
C VAL B 241 11.60 26.24 -7.50
N ASN B 242 11.33 27.47 -7.06
CA ASN B 242 9.96 27.97 -6.83
C ASN B 242 9.59 29.07 -7.85
N GLY B 243 10.30 29.15 -8.97
CA GLY B 243 9.96 30.01 -10.13
C GLY B 243 10.98 31.12 -10.36
N PRO B 244 10.93 31.76 -11.54
CA PRO B 244 12.04 32.61 -11.98
C PRO B 244 12.28 33.87 -11.12
N GLU B 245 11.31 34.32 -10.33
CA GLU B 245 11.48 35.51 -9.45
C GLU B 245 12.05 35.11 -8.07
N LYS B 246 12.46 33.85 -7.87
CA LYS B 246 12.98 33.34 -6.57
C LYS B 246 14.49 33.07 -6.73
N THR B 247 15.16 32.63 -5.67
CA THR B 247 16.64 32.67 -5.53
C THR B 247 17.20 31.28 -5.19
N VAL B 248 16.48 30.46 -4.43
CA VAL B 248 16.99 29.13 -4.00
C VAL B 248 17.02 28.22 -5.22
N THR B 249 18.16 27.56 -5.47
CA THR B 249 18.33 26.56 -6.55
C THR B 249 18.81 25.23 -5.96
N ALA B 250 18.98 24.23 -6.82
CA ALA B 250 19.64 22.94 -6.53
C ALA B 250 21.13 23.16 -6.23
N GLY B 251 21.74 24.21 -6.77
CA GLY B 251 23.19 24.47 -6.66
C GLY B 251 23.56 25.30 -5.43
N ASN B 252 22.62 26.08 -4.87
CA ASN B 252 22.91 26.89 -3.67
C ASN B 252 22.19 26.29 -2.45
N ALA B 253 21.83 25.02 -2.54
CA ALA B 253 21.15 24.24 -1.47
C ALA B 253 21.84 22.88 -1.32
N SER B 254 21.72 22.26 -0.15
CA SER B 254 22.15 20.84 0.05
C SER B 254 21.19 19.92 -0.68
N GLY B 255 21.40 18.61 -0.51
CA GLY B 255 20.65 17.57 -1.21
C GLY B 255 19.94 16.63 -0.26
N VAL B 256 19.61 15.48 -0.80
CA VAL B 256 18.95 14.35 -0.12
C VAL B 256 20.02 13.26 -0.06
N ASN B 257 20.32 12.72 1.13
CA ASN B 257 21.61 12.00 1.34
C ASN B 257 21.48 10.88 2.38
N ASP B 258 22.48 9.99 2.39
CA ASP B 258 22.62 8.82 3.28
C ASP B 258 23.96 8.95 4.03
N GLY B 259 23.99 8.65 5.32
CA GLY B 259 25.20 8.70 6.14
C GLY B 259 24.93 8.38 7.60
N ALA B 260 25.98 8.04 8.33
CA ALA B 260 26.00 7.87 9.79
C ALA B 260 27.33 8.37 10.37
N ALA B 261 27.28 8.71 11.67
CA ALA B 261 28.42 9.22 12.46
C ALA B 261 28.21 8.89 13.94
N ALA B 262 29.30 8.78 14.69
CA ALA B 262 29.29 8.53 16.14
C ALA B 262 30.59 9.03 16.77
N LEU B 263 30.48 9.52 18.01
CA LEU B 263 31.55 10.13 18.82
C LEU B 263 31.49 9.43 20.17
N VAL B 264 32.64 9.30 20.83
CA VAL B 264 32.76 8.82 22.23
C VAL B 264 32.71 10.05 23.14
N LEU B 265 31.88 10.02 24.19
CA LEU B 265 31.89 11.06 25.26
C LEU B 265 32.25 10.39 26.56
N ALA B 266 33.02 11.04 27.43
CA ALA B 266 33.51 10.46 28.69
C ALA B 266 33.75 11.53 29.76
N SER B 267 33.49 11.15 31.00
CA SER B 267 33.93 11.88 32.21
C SER B 267 35.46 11.78 32.36
N ALA B 268 36.04 12.65 33.16
CA ALA B 268 37.49 12.57 33.54
C ALA B 268 37.80 11.15 34.03
N GLU B 269 36.94 10.59 34.88
CA GLU B 269 37.14 9.23 35.47
C GLU B 269 37.14 8.15 34.35
N ALA B 270 36.15 8.14 33.45
CA ALA B 270 36.10 7.19 32.30
C ALA B 270 37.34 7.37 31.42
N VAL B 271 37.76 8.59 31.17
CA VAL B 271 39.00 8.82 30.34
C VAL B 271 40.19 8.07 30.98
N GLU B 272 40.39 8.23 32.28
CA GLU B 272 41.48 7.57 33.04
C GLU B 272 41.25 6.05 33.02
N LYS B 273 40.07 5.58 33.40
CA LYS B 273 39.82 4.12 33.57
C LYS B 273 39.99 3.36 32.24
N HIS B 274 39.58 3.93 31.11
CA HIS B 274 39.54 3.20 29.80
C HIS B 274 40.71 3.61 28.90
N GLY B 275 41.58 4.51 29.38
CA GLY B 275 42.81 4.89 28.66
C GLY B 275 42.47 5.64 27.38
N LEU B 276 41.48 6.53 27.43
CA LEU B 276 40.97 7.29 26.27
C LEU B 276 41.84 8.53 26.09
N THR B 277 41.87 9.07 24.88
CA THR B 277 42.56 10.35 24.58
C THR B 277 41.47 11.42 24.49
N PRO B 278 41.36 12.34 25.48
CA PRO B 278 40.36 13.39 25.42
C PRO B 278 40.79 14.48 24.41
N ARG B 279 39.93 14.92 23.51
CA ARG B 279 40.33 15.82 22.39
C ARG B 279 39.65 17.17 22.56
N ALA B 280 38.53 17.22 23.26
CA ALA B 280 37.73 18.44 23.45
C ALA B 280 36.85 18.26 24.68
N ARG B 281 36.49 19.36 25.32
CA ARG B 281 35.43 19.35 26.34
C ARG B 281 34.21 20.01 25.71
N VAL B 282 33.03 19.50 26.06
CA VAL B 282 31.76 20.13 25.64
C VAL B 282 31.51 21.30 26.58
N LEU B 283 31.17 22.47 26.06
CA LEU B 283 30.85 23.67 26.88
C LEU B 283 29.33 23.74 27.05
N GLY B 284 28.55 23.48 26.02
CA GLY B 284 27.09 23.39 26.21
C GLY B 284 26.32 23.35 24.92
N MET B 285 24.99 23.24 25.04
CA MET B 285 24.03 23.23 23.93
C MET B 285 22.86 24.14 24.31
N ALA B 286 22.29 24.80 23.32
CA ALA B 286 21.01 25.50 23.50
C ALA B 286 20.16 25.36 22.23
N SER B 287 18.85 25.40 22.41
CA SER B 287 17.81 25.28 21.37
C SER B 287 16.95 26.54 21.38
N ALA B 288 16.29 26.85 20.25
CA ALA B 288 15.35 27.98 20.13
C ALA B 288 14.31 27.62 19.08
N GLY B 289 13.10 28.17 19.20
CA GLY B 289 12.05 28.08 18.18
C GLY B 289 11.99 29.36 17.36
N VAL B 290 11.66 29.28 16.08
CA VAL B 290 11.25 30.47 15.25
C VAL B 290 10.00 30.09 14.46
N ALA B 291 9.49 31.04 13.68
CA ALA B 291 8.39 30.77 12.74
C ALA B 291 8.80 29.66 11.77
N PRO B 292 7.99 28.58 11.60
CA PRO B 292 8.28 27.55 10.61
C PRO B 292 8.59 28.07 9.19
N ARG B 293 7.86 29.10 8.75
CA ARG B 293 8.02 29.68 7.39
C ARG B 293 9.42 30.25 7.18
N ILE B 294 10.16 30.59 8.25
CA ILE B 294 11.56 31.10 8.14
C ILE B 294 12.50 30.25 9.04
N MET B 295 12.29 28.94 9.05
CA MET B 295 13.06 27.98 9.89
C MET B 295 14.57 28.20 9.74
N GLY B 296 15.05 28.63 8.58
CA GLY B 296 16.50 28.78 8.31
C GLY B 296 17.21 29.75 9.23
N ILE B 297 16.48 30.66 9.89
CA ILE B 297 17.05 31.69 10.80
C ILE B 297 17.18 31.11 12.22
N GLY B 298 16.62 29.92 12.45
CA GLY B 298 16.70 29.21 13.75
C GLY B 298 18.02 29.34 14.47
N PRO B 299 19.18 29.19 13.79
CA PRO B 299 20.45 29.29 14.51
C PRO B 299 20.77 30.61 15.23
N VAL B 300 20.15 31.72 14.83
CA VAL B 300 20.44 33.07 15.41
C VAL B 300 20.04 33.09 16.87
N PRO B 301 18.76 32.81 17.26
CA PRO B 301 18.43 32.76 18.68
C PRO B 301 19.02 31.57 19.45
N ALA B 302 19.34 30.46 18.77
CA ALA B 302 19.99 29.30 19.40
C ALA B 302 21.41 29.70 19.85
N VAL B 303 22.16 30.28 18.93
CA VAL B 303 23.57 30.72 19.16
C VAL B 303 23.57 31.82 20.24
N ARG B 304 22.64 32.78 20.16
CA ARG B 304 22.56 33.89 21.13
C ARG B 304 22.28 33.33 22.52
N LYS B 305 21.36 32.37 22.63
CA LYS B 305 20.95 31.84 23.95
C LYS B 305 22.17 31.11 24.52
N LEU B 306 22.90 30.34 23.71
CA LEU B 306 24.09 29.60 24.19
C LEU B 306 25.16 30.60 24.63
N LEU B 307 25.48 31.59 23.80
CA LEU B 307 26.62 32.51 24.05
C LEU B 307 26.30 33.42 25.27
N ARG B 308 25.04 33.78 25.48
CA ARG B 308 24.61 34.57 26.65
C ARG B 308 24.89 33.73 27.90
N ARG B 309 24.53 32.45 27.93
CA ARG B 309 24.76 31.62 29.13
C ARG B 309 26.26 31.31 29.31
N LEU B 310 27.04 31.14 28.23
CA LEU B 310 28.50 30.82 28.37
C LEU B 310 29.30 32.12 28.61
N ASP B 311 28.67 33.28 28.45
CA ASP B 311 29.28 34.62 28.56
C ASP B 311 30.45 34.71 27.56
N LEU B 312 30.16 34.44 26.27
CA LEU B 312 31.14 34.51 25.16
C LEU B 312 30.51 35.33 24.04
N ALA B 313 31.32 36.08 23.30
CA ALA B 313 30.93 36.72 22.02
C ALA B 313 31.30 35.81 20.85
N ILE B 314 30.71 36.08 19.68
CA ILE B 314 30.81 35.20 18.48
C ILE B 314 32.28 35.12 18.05
N ASP B 315 33.08 36.19 18.21
CA ASP B 315 34.51 36.21 17.77
C ASP B 315 35.41 35.48 18.79
N ALA B 316 34.87 34.91 19.87
CA ALA B 316 35.62 33.97 20.73
C ALA B 316 35.73 32.57 20.11
N PHE B 317 35.22 32.34 18.91
CA PHE B 317 35.22 30.99 18.28
C PHE B 317 36.18 30.95 17.09
N ASP B 318 37.11 29.98 17.08
CA ASP B 318 38.11 29.80 16.01
C ASP B 318 37.46 29.08 14.83
N VAL B 319 36.48 28.20 15.10
CA VAL B 319 35.67 27.49 14.07
C VAL B 319 34.18 27.59 14.37
N ILE B 320 33.42 27.89 13.32
CA ILE B 320 31.95 27.89 13.32
C ILE B 320 31.50 26.97 12.17
N GLU B 321 30.84 25.87 12.52
CA GLU B 321 30.17 24.94 11.56
C GLU B 321 28.70 25.29 11.55
N LEU B 322 28.29 26.02 10.52
CA LEU B 322 26.89 26.46 10.32
C LEU B 322 26.35 25.53 9.23
N ASN B 323 25.35 24.71 9.50
CA ASN B 323 24.90 23.73 8.47
C ASN B 323 24.43 24.52 7.24
N GLU B 324 24.91 24.14 6.07
CA GLU B 324 24.55 24.84 4.82
C GLU B 324 23.30 24.18 4.24
N ALA B 325 22.16 24.26 4.91
CA ALA B 325 20.93 23.68 4.36
C ALA B 325 20.60 24.48 3.09
N PHE B 326 20.71 25.79 3.20
CA PHE B 326 20.52 26.69 2.05
C PHE B 326 21.47 27.86 2.22
N ALA B 327 22.11 28.26 1.13
CA ALA B 327 23.00 29.45 1.17
C ALA B 327 22.20 30.64 1.73
N SER B 328 20.93 30.79 1.39
CA SER B 328 20.10 31.96 1.81
C SER B 328 20.11 32.09 3.34
N GLN B 329 19.93 30.97 4.05
CA GLN B 329 19.77 30.99 5.52
C GLN B 329 21.14 30.99 6.19
N GLY B 330 22.14 30.34 5.59
CA GLY B 330 23.54 30.50 6.04
C GLY B 330 23.94 31.98 6.10
N LEU B 331 23.79 32.68 4.97
CA LEU B 331 24.13 34.13 4.85
C LEU B 331 23.24 34.93 5.81
N ALA B 332 21.93 34.66 5.88
CA ALA B 332 21.07 35.49 6.74
C ALA B 332 21.51 35.31 8.21
N CYS B 333 21.91 34.09 8.58
CA CYS B 333 22.42 33.80 9.94
C CYS B 333 23.74 34.52 10.19
N LEU B 334 24.71 34.44 9.27
CA LEU B 334 26.01 35.07 9.51
C LEU B 334 25.80 36.58 9.66
N ARG B 335 24.94 37.20 8.85
CA ARG B 335 24.70 38.67 8.90
C ARG B 335 24.04 39.06 10.24
N GLU B 336 23.10 38.28 10.74
CA GLU B 336 22.47 38.57 12.07
C GLU B 336 23.52 38.45 13.17
N LEU B 337 24.52 37.56 13.05
CA LEU B 337 25.46 37.32 14.17
C LEU B 337 26.71 38.21 14.04
N GLY B 338 26.82 39.01 12.99
CA GLY B 338 27.95 39.93 12.79
C GLY B 338 29.19 39.21 12.29
N VAL B 339 29.03 38.20 11.41
CA VAL B 339 30.19 37.43 10.87
C VAL B 339 30.17 37.58 9.36
N ALA B 340 31.31 37.90 8.77
CA ALA B 340 31.44 38.19 7.33
C ALA B 340 30.91 36.99 6.50
N ASP B 341 30.17 37.27 5.42
CA ASP B 341 29.65 36.28 4.42
C ASP B 341 30.72 35.22 4.13
N ASP B 342 31.98 35.64 4.00
CA ASP B 342 33.06 34.80 3.41
C ASP B 342 34.09 34.46 4.50
N SER B 343 33.74 34.63 5.77
CA SER B 343 34.69 34.32 6.86
C SER B 343 35.37 32.97 6.60
N GLU B 344 36.66 32.90 6.89
CA GLU B 344 37.47 31.64 6.86
C GLU B 344 37.28 30.82 8.14
N LYS B 345 36.66 31.41 9.18
CA LYS B 345 36.29 30.74 10.44
C LYS B 345 35.05 29.88 10.22
N VAL B 346 34.20 30.23 9.24
CA VAL B 346 32.89 29.58 8.99
C VAL B 346 33.09 28.48 7.94
N ASN B 347 32.80 27.22 8.30
CA ASN B 347 32.81 26.08 7.33
C ASN B 347 34.10 26.12 6.52
N PRO B 348 35.27 26.05 7.18
CA PRO B 348 36.54 26.25 6.48
C PRO B 348 36.85 25.14 5.47
N ASN B 349 36.26 23.95 5.67
CA ASN B 349 36.40 22.79 4.75
C ASN B 349 35.13 22.63 3.93
N GLY B 350 34.32 23.69 3.83
CA GLY B 350 33.04 23.62 3.10
C GLY B 350 32.01 22.94 3.95
N GLY B 351 30.81 22.77 3.42
CA GLY B 351 29.66 22.28 4.23
C GLY B 351 28.70 21.47 3.39
N ALA B 352 27.45 21.43 3.82
CA ALA B 352 26.37 20.58 3.29
C ALA B 352 26.08 20.87 1.81
N ILE B 353 26.35 22.06 1.27
CA ILE B 353 26.09 22.28 -0.19
C ILE B 353 26.99 21.32 -0.97
N ALA B 354 28.24 21.14 -0.55
CA ALA B 354 29.16 20.14 -1.12
C ALA B 354 28.89 18.73 -0.59
N LEU B 355 28.75 18.55 0.71
CA LEU B 355 28.87 17.20 1.34
C LEU B 355 27.51 16.49 1.44
N GLY B 356 26.41 17.22 1.37
CA GLY B 356 25.05 16.68 1.50
C GLY B 356 24.56 16.77 2.93
N HIS B 357 23.29 16.40 3.14
CA HIS B 357 22.55 16.60 4.40
C HIS B 357 21.68 15.39 4.75
N PRO B 358 22.27 14.25 5.20
CA PRO B 358 21.47 13.17 5.79
C PRO B 358 21.05 13.60 7.20
N LEU B 359 19.79 14.02 7.33
CA LEU B 359 19.27 14.83 8.47
C LEU B 359 19.90 14.39 9.80
N GLY B 360 19.61 13.16 10.24
CA GLY B 360 20.00 12.65 11.57
C GLY B 360 21.50 12.64 11.78
N MET B 361 22.26 12.58 10.72
CA MET B 361 23.73 12.46 10.82
C MET B 361 24.39 13.85 10.84
N SER B 362 23.84 14.85 10.16
CA SER B 362 24.53 16.14 9.88
C SER B 362 25.05 16.78 11.18
N GLY B 363 24.25 16.77 12.23
CA GLY B 363 24.56 17.44 13.50
C GLY B 363 25.72 16.77 14.19
N ALA B 364 25.81 15.44 14.07
CA ALA B 364 26.96 14.68 14.62
C ALA B 364 28.20 15.04 13.79
N ARG B 365 28.04 15.08 12.46
CA ARG B 365 29.13 15.46 11.52
C ARG B 365 29.67 16.84 11.86
N LEU B 366 28.82 17.82 12.13
CA LEU B 366 29.30 19.21 12.36
C LEU B 366 30.24 19.29 13.57
N VAL B 367 29.92 18.58 14.65
CA VAL B 367 30.70 18.59 15.91
C VAL B 367 32.04 17.89 15.64
N LEU B 368 31.96 16.69 15.04
CA LEU B 368 33.12 15.85 14.65
C LEU B 368 34.12 16.70 13.83
N THR B 369 33.64 17.36 12.79
CA THR B 369 34.48 18.12 11.82
C THR B 369 34.94 19.45 12.45
N ALA B 370 34.16 20.08 13.33
CA ALA B 370 34.60 21.29 14.06
C ALA B 370 35.84 20.91 14.88
N LEU B 371 35.75 19.82 15.62
CA LEU B 371 36.87 19.38 16.49
C LEU B 371 38.11 19.05 15.66
N HIS B 372 37.94 18.30 14.58
CA HIS B 372 38.98 17.95 13.59
C HIS B 372 39.68 19.23 13.09
N GLN B 373 38.89 20.23 12.69
CA GLN B 373 39.45 21.51 12.19
C GLN B 373 40.23 22.21 13.32
N LEU B 374 39.71 22.21 14.55
CA LEU B 374 40.44 22.81 15.69
C LEU B 374 41.81 22.17 15.82
N GLU B 375 41.89 20.85 15.71
CA GLU B 375 43.19 20.15 15.88
C GLU B 375 44.15 20.53 14.74
N LYS B 376 43.65 20.74 13.53
CA LYS B 376 44.53 21.03 12.36
C LYS B 376 45.07 22.47 12.48
N SER B 377 44.22 23.41 12.91
CA SER B 377 44.48 24.87 12.88
C SER B 377 45.18 25.34 14.17
N GLY B 378 45.14 24.52 15.21
CA GLY B 378 45.60 24.86 16.56
C GLY B 378 44.58 25.72 17.29
N GLY B 379 43.34 25.83 16.79
CA GLY B 379 42.31 26.70 17.36
C GLY B 379 41.82 26.21 18.72
N ARG B 380 41.05 27.02 19.42
CA ARG B 380 40.65 26.76 20.82
C ARG B 380 39.16 26.32 20.90
N ARG B 381 38.24 27.20 20.55
CA ARG B 381 36.79 26.96 20.75
C ARG B 381 36.13 26.76 19.41
N GLY B 382 35.18 25.82 19.34
CA GLY B 382 34.30 25.64 18.19
C GLY B 382 32.84 25.78 18.55
N LEU B 383 32.06 26.27 17.60
CA LEU B 383 30.60 26.40 17.66
C LEU B 383 30.00 25.60 16.50
N ALA B 384 29.09 24.69 16.75
CA ALA B 384 28.31 24.01 15.69
C ALA B 384 26.86 24.44 15.83
N THR B 385 26.21 24.86 14.75
CA THR B 385 24.81 25.35 14.81
C THR B 385 24.09 25.02 13.50
N MET B 386 22.80 24.75 13.59
CA MET B 386 22.01 24.37 12.41
C MET B 386 20.56 24.73 12.59
N CYS B 387 19.87 24.91 11.47
CA CYS B 387 18.44 25.19 11.39
C CYS B 387 17.72 23.84 11.41
N VAL B 388 16.44 23.89 11.74
CA VAL B 388 15.57 22.72 11.94
C VAL B 388 14.23 23.00 11.28
N GLY B 389 13.79 22.05 10.47
CA GLY B 389 12.42 22.05 9.96
C GLY B 389 11.42 22.35 11.05
N VAL B 390 10.36 23.05 10.68
CA VAL B 390 9.23 23.45 11.54
C VAL B 390 9.68 24.46 12.61
N GLY B 391 10.83 25.08 12.38
CA GLY B 391 11.25 26.32 13.04
C GLY B 391 12.04 26.12 14.28
N GLN B 392 13.22 25.53 14.18
CA GLN B 392 14.12 25.48 15.37
C GLN B 392 15.55 25.77 14.95
N GLY B 393 16.37 26.07 15.93
CA GLY B 393 17.83 26.13 15.80
C GLY B 393 18.44 25.38 16.96
N LEU B 394 19.63 24.85 16.76
CA LEU B 394 20.36 24.15 17.83
C LEU B 394 21.81 24.61 17.75
N ALA B 395 22.49 24.81 18.86
CA ALA B 395 23.90 25.27 18.86
C ALA B 395 24.59 24.52 19.98
N LEU B 396 25.81 24.06 19.71
CA LEU B 396 26.65 23.28 20.64
C LEU B 396 28.08 23.77 20.53
N ALA B 397 28.69 24.10 21.66
CA ALA B 397 30.05 24.69 21.72
C ALA B 397 30.99 23.68 22.36
N ILE B 398 32.22 23.59 21.84
CA ILE B 398 33.32 22.74 22.36
C ILE B 398 34.58 23.60 22.50
N GLU B 399 35.54 23.06 23.23
CA GLU B 399 36.87 23.66 23.44
C GLU B 399 37.89 22.55 23.31
N ARG B 400 38.84 22.71 22.41
CA ARG B 400 39.95 21.73 22.27
C ARG B 400 40.66 21.59 23.61
N VAL B 401 40.98 20.37 24.01
CA VAL B 401 41.87 20.08 25.17
C VAL B 401 43.29 20.50 24.77
N LEU B 402 43.81 21.57 25.37
CA LEU B 402 45.18 22.10 25.13
C LEU B 402 46.14 21.35 26.07
N GLU B 403 47.28 20.88 25.59
CA GLU B 403 48.41 20.43 26.47
C GLU B 403 49.10 21.68 27.06
N HIS B 404 49.95 21.50 28.10
CA HIS B 404 50.75 22.58 28.72
C HIS B 404 52.18 22.07 29.10
N HIS B 405 53.23 22.56 28.41
CA HIS B 405 54.68 22.21 28.54
C HIS B 405 54.95 20.83 27.90
N SER C 2 -25.53 -21.49 -39.15
CA SER C 2 -24.14 -21.00 -39.29
C SER C 2 -23.98 -20.43 -40.71
N ARG C 3 -23.38 -19.25 -40.84
CA ARG C 3 -22.72 -18.84 -42.10
C ARG C 3 -21.22 -18.90 -41.85
N GLU C 4 -20.46 -18.70 -42.91
CA GLU C 4 -18.99 -18.81 -42.87
C GLU C 4 -18.41 -17.54 -42.26
N VAL C 5 -17.26 -17.68 -41.62
CA VAL C 5 -16.54 -16.50 -41.04
C VAL C 5 -15.08 -16.58 -41.46
N PHE C 6 -14.56 -15.47 -41.97
CA PHE C 6 -13.18 -15.41 -42.51
C PHE C 6 -12.31 -14.52 -41.62
N ILE C 7 -11.12 -15.05 -41.33
CA ILE C 7 -9.97 -14.28 -40.78
C ILE C 7 -9.31 -13.61 -41.97
N CYS C 8 -9.22 -12.29 -41.93
CA CYS C 8 -8.52 -11.47 -42.96
C CYS C 8 -7.17 -11.01 -42.35
N ASP C 9 -6.88 -9.73 -42.24
CA ASP C 9 -5.52 -9.29 -41.85
C ASP C 9 -5.29 -9.67 -40.36
N ALA C 10 -4.03 -9.88 -39.98
CA ALA C 10 -3.60 -10.18 -38.61
C ALA C 10 -2.18 -9.64 -38.39
N VAL C 11 -1.96 -8.95 -37.28
CA VAL C 11 -0.62 -8.43 -36.86
C VAL C 11 -0.43 -8.67 -35.36
N ARG C 12 0.82 -8.68 -34.94
CA ARG C 12 1.21 -8.64 -33.52
C ARG C 12 2.38 -7.67 -33.31
N THR C 13 2.51 -7.14 -32.10
CA THR C 13 3.72 -6.46 -31.63
C THR C 13 4.81 -7.51 -31.47
N PRO C 14 6.07 -7.11 -31.34
CA PRO C 14 7.03 -8.05 -30.78
C PRO C 14 6.57 -8.38 -29.36
N ILE C 15 7.16 -9.44 -28.83
CA ILE C 15 6.98 -9.87 -27.42
C ILE C 15 8.24 -9.48 -26.67
N GLY C 16 8.07 -8.69 -25.61
CA GLY C 16 9.19 -8.25 -24.75
C GLY C 16 9.33 -9.12 -23.50
N ARG C 17 10.53 -9.16 -22.94
CA ARG C 17 10.83 -9.70 -21.61
C ARG C 17 10.27 -8.77 -20.53
N PHE C 18 10.02 -9.35 -19.36
CA PHE C 18 9.66 -8.61 -18.15
C PHE C 18 10.71 -7.51 -17.92
N GLY C 19 10.28 -6.28 -17.77
CA GLY C 19 11.18 -5.15 -17.48
C GLY C 19 12.01 -4.76 -18.70
N GLY C 20 11.61 -5.26 -19.87
CA GLY C 20 12.43 -5.25 -21.09
C GLY C 20 11.92 -4.24 -22.10
N SER C 21 11.97 -4.56 -23.38
CA SER C 21 11.89 -3.60 -24.53
C SER C 21 10.51 -2.93 -24.59
N LEU C 22 9.46 -3.56 -24.03
CA LEU C 22 8.10 -2.95 -24.04
C LEU C 22 7.68 -2.51 -22.63
N SER C 23 8.55 -2.56 -21.64
CA SER C 23 8.15 -2.34 -20.24
C SER C 23 7.65 -0.90 -20.01
N ALA C 24 7.99 0.06 -20.87
CA ALA C 24 7.58 1.48 -20.67
C ALA C 24 6.22 1.74 -21.33
N VAL C 25 5.66 0.78 -22.08
CA VAL C 25 4.40 1.00 -22.85
C VAL C 25 3.20 0.57 -21.98
N ARG C 26 2.36 1.55 -21.64
CA ARG C 26 1.05 1.29 -21.01
C ARG C 26 0.29 0.16 -21.73
N ALA C 27 -0.36 -0.72 -20.97
CA ALA C 27 -1.15 -1.84 -21.50
C ALA C 27 -2.21 -1.37 -22.50
N ASP C 28 -2.94 -0.30 -22.18
CA ASP C 28 -4.01 0.24 -23.08
C ASP C 28 -3.29 0.69 -24.36
N ASP C 29 -2.15 1.41 -24.26
CA ASP C 29 -1.49 1.97 -25.47
C ASP C 29 -0.90 0.78 -26.24
N LEU C 30 -0.39 -0.23 -25.54
CA LEU C 30 0.14 -1.44 -26.21
C LEU C 30 -0.98 -2.16 -27.00
N ALA C 31 -2.18 -2.28 -26.42
CA ALA C 31 -3.33 -2.94 -27.10
C ALA C 31 -3.73 -2.14 -28.34
N ALA C 32 -3.53 -0.82 -28.31
CA ALA C 32 -3.84 0.11 -29.44
C ALA C 32 -2.94 -0.20 -30.64
N VAL C 33 -1.71 -0.60 -30.42
CA VAL C 33 -0.71 -0.63 -31.54
C VAL C 33 -1.21 -1.54 -32.66
N PRO C 34 -1.56 -2.81 -32.41
CA PRO C 34 -2.08 -3.66 -33.48
C PRO C 34 -3.41 -3.14 -34.05
N LEU C 35 -4.28 -2.47 -33.26
CA LEU C 35 -5.53 -1.91 -33.83
C LEU C 35 -5.20 -0.82 -34.85
N LYS C 36 -4.32 0.12 -34.48
CA LYS C 36 -3.90 1.23 -35.38
C LYS C 36 -3.27 0.61 -36.64
N ALA C 37 -2.46 -0.45 -36.51
CA ALA C 37 -1.78 -1.08 -37.66
C ALA C 37 -2.82 -1.68 -38.61
N LEU C 38 -3.88 -2.32 -38.09
CA LEU C 38 -4.89 -2.96 -38.96
C LEU C 38 -5.61 -1.85 -39.73
N VAL C 39 -5.91 -0.73 -39.11
CA VAL C 39 -6.51 0.44 -39.83
C VAL C 39 -5.59 0.91 -40.96
N GLU C 40 -4.27 1.06 -40.71
CA GLU C 40 -3.29 1.60 -41.68
C GLU C 40 -2.98 0.56 -42.77
N ARG C 41 -3.07 -0.75 -42.49
CA ARG C 41 -2.79 -1.81 -43.50
C ARG C 41 -4.00 -2.11 -44.43
N ASN C 42 -5.20 -1.62 -44.11
CA ASN C 42 -6.43 -1.97 -44.88
C ASN C 42 -7.19 -0.67 -45.14
N PRO C 43 -6.66 0.25 -45.96
CA PRO C 43 -7.20 1.62 -46.03
C PRO C 43 -8.54 1.70 -46.77
N GLY C 44 -8.91 0.64 -47.51
CA GLY C 44 -10.17 0.52 -48.26
C GLY C 44 -11.39 0.22 -47.38
N VAL C 45 -11.22 0.14 -46.05
CA VAL C 45 -12.32 -0.27 -45.12
C VAL C 45 -12.99 0.98 -44.55
N ASP C 46 -14.31 0.96 -44.46
CA ASP C 46 -15.11 1.97 -43.72
C ASP C 46 -15.12 1.51 -42.26
N TRP C 47 -14.31 2.13 -41.41
CA TRP C 47 -14.07 1.62 -40.04
C TRP C 47 -15.28 1.95 -39.16
N SER C 48 -16.17 2.87 -39.58
CA SER C 48 -17.44 3.10 -38.83
C SER C 48 -18.38 1.89 -38.98
N ALA C 49 -18.06 0.93 -39.84
CA ALA C 49 -18.85 -0.32 -39.99
C ALA C 49 -18.26 -1.44 -39.14
N LEU C 50 -17.16 -1.21 -38.42
CA LEU C 50 -16.59 -2.21 -37.46
C LEU C 50 -17.63 -2.43 -36.36
N ASP C 51 -18.14 -3.64 -36.22
CA ASP C 51 -19.25 -3.96 -35.27
C ASP C 51 -18.71 -4.04 -33.83
N GLU C 52 -17.47 -4.48 -33.62
CA GLU C 52 -17.03 -4.69 -32.23
C GLU C 52 -15.52 -4.94 -32.19
N VAL C 53 -14.87 -4.50 -31.12
CA VAL C 53 -13.48 -4.96 -30.82
C VAL C 53 -13.55 -5.89 -29.61
N PHE C 54 -13.01 -7.10 -29.79
CA PHE C 54 -12.98 -8.14 -28.74
C PHE C 54 -11.51 -8.32 -28.35
N LEU C 55 -11.14 -7.96 -27.12
CA LEU C 55 -9.75 -8.22 -26.66
C LEU C 55 -9.77 -9.13 -25.42
N GLY C 56 -8.83 -10.07 -25.41
CA GLY C 56 -8.50 -10.90 -24.25
C GLY C 56 -7.48 -10.20 -23.39
N CYS C 57 -7.68 -10.27 -22.08
CA CYS C 57 -6.79 -9.66 -21.06
C CYS C 57 -6.99 -10.39 -19.74
N ALA C 58 -5.93 -10.95 -19.19
CA ALA C 58 -6.00 -11.82 -18.00
C ALA C 58 -5.98 -10.99 -16.73
N ASN C 59 -5.41 -9.78 -16.74
CA ASN C 59 -5.20 -8.99 -15.49
C ASN C 59 -6.37 -8.00 -15.29
N GLN C 60 -6.37 -6.84 -15.98
CA GLN C 60 -7.47 -5.84 -16.00
C GLN C 60 -7.53 -4.99 -14.72
N ALA C 61 -6.46 -4.99 -13.92
CA ALA C 61 -6.38 -4.26 -12.63
C ALA C 61 -5.51 -3.01 -12.79
N GLY C 62 -4.69 -2.99 -13.84
CA GLY C 62 -3.68 -1.95 -14.08
C GLY C 62 -4.16 -1.00 -15.18
N GLU C 63 -3.28 -0.60 -16.08
CA GLU C 63 -3.62 0.35 -17.17
C GLU C 63 -4.61 -0.29 -18.15
N ASP C 64 -4.94 -1.57 -17.93
CA ASP C 64 -5.86 -2.40 -18.75
C ASP C 64 -7.20 -2.49 -18.06
N ASN C 65 -7.44 -1.63 -17.07
CA ASN C 65 -8.70 -1.66 -16.29
C ASN C 65 -9.87 -1.08 -17.12
N ARG C 66 -11.08 -1.43 -16.72
CA ARG C 66 -12.36 -0.83 -17.15
C ARG C 66 -12.50 -1.04 -18.66
N ASN C 67 -12.31 -2.30 -19.09
CA ASN C 67 -12.62 -2.74 -20.47
C ASN C 67 -11.62 -2.14 -21.45
N VAL C 68 -10.45 -2.73 -21.49
CA VAL C 68 -9.29 -2.27 -22.30
C VAL C 68 -9.57 -2.37 -23.81
N ALA C 69 -10.46 -3.26 -24.26
CA ALA C 69 -10.93 -3.31 -25.68
C ALA C 69 -11.41 -1.92 -26.14
N ARG C 70 -12.28 -1.31 -25.33
CA ARG C 70 -12.88 0.01 -25.60
C ARG C 70 -11.81 1.10 -25.38
N MET C 71 -11.05 1.05 -24.27
CA MET C 71 -9.92 2.01 -24.07
C MET C 71 -9.05 1.98 -25.34
N ALA C 72 -8.62 0.80 -25.77
CA ALA C 72 -7.62 0.64 -26.84
C ALA C 72 -8.16 1.13 -28.22
N LEU C 73 -9.44 0.89 -28.52
CA LEU C 73 -9.98 1.22 -29.85
C LEU C 73 -10.07 2.75 -29.96
N LEU C 74 -10.47 3.43 -28.88
CA LEU C 74 -10.45 4.90 -28.77
C LEU C 74 -9.01 5.41 -28.96
N LEU C 75 -8.06 4.87 -28.22
CA LEU C 75 -6.63 5.30 -28.34
C LEU C 75 -6.11 5.01 -29.74
N ALA C 76 -6.59 3.96 -30.41
CA ALA C 76 -6.07 3.56 -31.73
C ALA C 76 -6.59 4.50 -32.84
N GLY C 77 -7.54 5.38 -32.56
CA GLY C 77 -8.11 6.27 -33.59
C GLY C 77 -9.38 5.72 -34.24
N LEU C 78 -9.94 4.62 -33.72
CA LEU C 78 -11.20 4.09 -34.27
C LEU C 78 -12.35 4.99 -33.82
N PRO C 79 -13.40 5.08 -34.66
CA PRO C 79 -14.56 5.92 -34.34
C PRO C 79 -15.19 5.59 -32.97
N GLU C 80 -15.61 6.62 -32.25
CA GLU C 80 -16.29 6.44 -30.94
C GLU C 80 -17.61 5.63 -31.05
N SER C 81 -18.19 5.48 -32.24
CA SER C 81 -19.40 4.64 -32.48
C SER C 81 -19.08 3.13 -32.39
N VAL C 82 -17.80 2.70 -32.40
CA VAL C 82 -17.40 1.27 -32.33
C VAL C 82 -17.38 0.78 -30.88
N PRO C 83 -18.19 -0.26 -30.52
CA PRO C 83 -18.16 -0.82 -29.18
C PRO C 83 -16.99 -1.80 -28.98
N GLY C 84 -16.65 -2.04 -27.71
CA GLY C 84 -15.59 -2.99 -27.35
C GLY C 84 -15.95 -3.79 -26.10
N VAL C 85 -15.40 -5.01 -26.00
CA VAL C 85 -15.65 -5.91 -24.85
C VAL C 85 -14.36 -6.69 -24.60
N THR C 86 -14.07 -6.96 -23.33
CA THR C 86 -12.81 -7.62 -22.92
C THR C 86 -13.16 -9.00 -22.33
N LEU C 87 -12.37 -10.02 -22.68
CA LEU C 87 -12.62 -11.44 -22.31
C LEU C 87 -11.51 -11.87 -21.37
N ASN C 88 -11.83 -12.64 -20.35
CA ASN C 88 -10.84 -13.20 -19.43
C ASN C 88 -11.07 -14.71 -19.32
N ARG C 89 -10.22 -15.46 -20.00
CA ARG C 89 -10.04 -16.89 -19.70
C ARG C 89 -8.54 -17.09 -19.47
N LEU C 90 -7.96 -16.20 -18.64
CA LEU C 90 -6.50 -16.18 -18.31
C LEU C 90 -5.70 -16.41 -19.59
N CYS C 91 -4.93 -17.49 -19.61
CA CYS C 91 -3.91 -17.83 -20.64
C CYS C 91 -4.55 -17.85 -22.05
N ALA C 92 -5.83 -18.17 -22.16
CA ALA C 92 -6.51 -18.40 -23.45
C ALA C 92 -7.38 -17.20 -23.82
N SER C 93 -7.31 -16.08 -23.09
CA SER C 93 -8.18 -14.90 -23.35
C SER C 93 -8.10 -14.49 -24.83
N GLY C 94 -6.93 -14.51 -25.46
CA GLY C 94 -6.84 -13.96 -26.84
C GLY C 94 -7.51 -14.88 -27.85
N MET C 95 -7.43 -16.17 -27.62
CA MET C 95 -8.07 -17.21 -28.45
C MET C 95 -9.58 -17.06 -28.23
N ASP C 96 -9.99 -16.86 -26.98
CA ASP C 96 -11.43 -16.71 -26.65
C ASP C 96 -12.02 -15.52 -27.39
N ALA C 97 -11.27 -14.42 -27.51
CA ALA C 97 -11.78 -13.20 -28.20
C ALA C 97 -12.11 -13.58 -29.64
N ILE C 98 -11.24 -14.36 -30.27
CA ILE C 98 -11.36 -14.78 -31.68
C ILE C 98 -12.58 -15.70 -31.82
N GLY C 99 -12.77 -16.65 -30.91
CA GLY C 99 -13.89 -17.60 -31.00
C GLY C 99 -15.19 -16.87 -30.78
N THR C 100 -15.15 -15.87 -29.90
CA THR C 100 -16.33 -15.10 -29.49
C THR C 100 -16.74 -14.21 -30.66
N ALA C 101 -15.79 -13.55 -31.32
CA ALA C 101 -16.08 -12.72 -32.53
C ALA C 101 -16.65 -13.65 -33.60
N PHE C 102 -16.04 -14.81 -33.78
CA PHE C 102 -16.45 -15.86 -34.74
C PHE C 102 -17.93 -16.18 -34.52
N ARG C 103 -18.31 -16.56 -33.30
CA ARG C 103 -19.68 -17.02 -33.01
C ARG C 103 -20.67 -15.89 -33.26
N ALA C 104 -20.33 -14.66 -32.88
CA ALA C 104 -21.18 -13.47 -33.15
C ALA C 104 -21.44 -13.31 -34.65
N ILE C 105 -20.43 -13.49 -35.49
CA ILE C 105 -20.60 -13.30 -36.95
C ILE C 105 -21.36 -14.51 -37.51
N ALA C 106 -21.06 -15.71 -37.01
CA ALA C 106 -21.59 -16.98 -37.56
C ALA C 106 -23.12 -17.04 -37.43
N CYS C 107 -23.70 -16.47 -36.38
CA CYS C 107 -25.17 -16.56 -36.18
C CYS C 107 -25.85 -15.26 -36.62
N GLY C 108 -25.13 -14.39 -37.34
CA GLY C 108 -25.71 -13.26 -38.10
C GLY C 108 -25.88 -12.00 -37.26
N GLU C 109 -25.30 -11.94 -36.04
CA GLU C 109 -25.46 -10.75 -35.16
C GLU C 109 -24.48 -9.63 -35.53
N MET C 110 -23.36 -9.93 -36.18
CA MET C 110 -22.41 -8.91 -36.71
C MET C 110 -21.90 -9.35 -38.05
N GLU C 111 -21.19 -8.42 -38.71
CA GLU C 111 -20.57 -8.60 -40.05
C GLU C 111 -19.04 -8.54 -39.92
N LEU C 112 -18.54 -7.56 -39.17
CA LEU C 112 -17.09 -7.24 -39.17
C LEU C 112 -16.60 -6.98 -37.74
N ALA C 113 -15.54 -7.65 -37.34
CA ALA C 113 -15.02 -7.51 -35.95
C ALA C 113 -13.50 -7.57 -35.95
N ILE C 114 -12.90 -7.04 -34.90
CA ILE C 114 -11.47 -7.25 -34.57
C ILE C 114 -11.44 -8.01 -33.25
N ALA C 115 -10.64 -9.08 -33.23
CA ALA C 115 -10.43 -9.91 -32.03
C ALA C 115 -8.92 -9.98 -31.81
N GLY C 116 -8.51 -9.89 -30.55
CA GLY C 116 -7.12 -10.21 -30.21
C GLY C 116 -6.93 -10.18 -28.71
N GLY C 117 -5.75 -9.78 -28.27
CA GLY C 117 -5.37 -9.83 -26.83
C GLY C 117 -4.15 -9.02 -26.50
N VAL C 118 -4.02 -8.72 -25.22
CA VAL C 118 -2.90 -7.85 -24.73
C VAL C 118 -2.56 -8.37 -23.33
N GLU C 119 -1.29 -8.34 -22.97
CA GLU C 119 -0.88 -8.43 -21.55
C GLU C 119 0.36 -7.56 -21.38
N SER C 120 0.39 -6.75 -20.33
CA SER C 120 1.61 -6.07 -19.86
C SER C 120 1.93 -6.63 -18.50
N MET C 121 2.65 -7.74 -18.48
CA MET C 121 3.05 -8.37 -17.22
C MET C 121 4.11 -7.53 -16.50
N SER C 122 4.90 -6.74 -17.24
CA SER C 122 5.89 -5.79 -16.68
C SER C 122 5.15 -4.82 -15.75
N ARG C 123 4.02 -4.30 -16.20
CA ARG C 123 3.32 -3.17 -15.55
C ARG C 123 2.14 -3.70 -14.73
N ALA C 124 1.96 -5.01 -14.59
CA ALA C 124 0.95 -5.57 -13.65
C ALA C 124 1.11 -4.89 -12.29
N PRO C 125 0.01 -4.35 -11.72
CA PRO C 125 0.11 -3.59 -10.48
C PRO C 125 0.06 -4.45 -9.22
N TYR C 126 0.22 -3.83 -8.06
CA TYR C 126 -0.11 -4.43 -6.75
C TYR C 126 -1.59 -4.16 -6.49
N VAL C 127 -2.21 -5.08 -5.77
CA VAL C 127 -3.60 -4.96 -5.27
C VAL C 127 -3.57 -5.06 -3.75
N MET C 128 -4.45 -4.28 -3.11
CA MET C 128 -4.65 -4.24 -1.65
C MET C 128 -6.14 -4.30 -1.34
N GLY C 129 -6.55 -5.27 -0.52
CA GLY C 129 -7.94 -5.42 -0.06
C GLY C 129 -8.28 -4.24 0.83
N LYS C 130 -9.54 -3.79 0.82
CA LYS C 130 -10.04 -2.74 1.73
C LYS C 130 -9.97 -3.33 3.12
N ALA C 131 -9.78 -2.53 4.16
CA ALA C 131 -10.01 -3.00 5.55
C ALA C 131 -11.51 -3.24 5.72
N ASP C 132 -11.92 -4.36 6.31
CA ASP C 132 -13.35 -4.70 6.53
C ASP C 132 -13.76 -4.23 7.95
N SER C 133 -12.89 -3.52 8.65
CA SER C 133 -13.22 -2.92 9.97
C SER C 133 -12.35 -1.68 10.20
N ALA C 134 -12.91 -0.74 10.95
CA ALA C 134 -12.27 0.52 11.38
C ALA C 134 -10.90 0.17 11.96
N PHE C 135 -9.83 0.81 11.50
CA PHE C 135 -8.45 0.60 12.05
C PHE C 135 -8.04 -0.86 11.88
N GLY C 136 -8.50 -1.52 10.82
CA GLY C 136 -8.06 -2.88 10.44
C GLY C 136 -6.55 -2.97 10.30
N ARG C 137 -5.97 -3.98 10.95
CA ARG C 137 -4.52 -4.24 10.98
C ARG C 137 -4.12 -5.34 9.97
N GLY C 138 -5.08 -5.95 9.27
CA GLY C 138 -4.87 -7.12 8.38
C GLY C 138 -4.55 -6.76 6.91
N GLN C 139 -4.41 -5.51 6.52
CA GLN C 139 -4.20 -5.19 5.07
C GLN C 139 -2.85 -5.72 4.56
N LYS C 140 -2.82 -6.11 3.28
CA LYS C 140 -1.59 -6.61 2.61
C LYS C 140 -1.63 -6.24 1.14
N ILE C 141 -0.48 -6.17 0.51
CA ILE C 141 -0.42 -5.89 -0.96
C ILE C 141 0.05 -7.19 -1.62
N GLU C 142 -0.47 -7.46 -2.81
CA GLU C 142 -0.07 -8.64 -3.61
C GLU C 142 0.24 -8.19 -5.03
N ASP C 143 1.31 -8.73 -5.56
CA ASP C 143 1.77 -8.61 -6.96
C ASP C 143 0.79 -9.30 -7.91
N THR C 144 0.36 -8.65 -9.00
CA THR C 144 -0.58 -9.29 -9.96
C THR C 144 0.19 -9.69 -11.23
N THR C 145 1.51 -9.67 -11.22
CA THR C 145 2.34 -10.08 -12.40
C THR C 145 1.92 -11.49 -12.81
N ILE C 146 1.92 -12.40 -11.84
CA ILE C 146 1.56 -13.82 -12.03
C ILE C 146 1.05 -14.31 -10.67
N GLY C 147 0.36 -15.42 -10.69
CA GLY C 147 0.13 -16.18 -9.46
C GLY C 147 -1.13 -15.71 -8.77
N TRP C 148 -1.43 -16.44 -7.72
CA TRP C 148 -2.66 -16.31 -6.91
C TRP C 148 -2.56 -15.03 -6.08
N ARG C 149 -3.68 -14.34 -5.94
CA ARG C 149 -3.86 -13.28 -4.94
C ARG C 149 -5.31 -13.33 -4.47
N PHE C 150 -5.59 -12.74 -3.31
CA PHE C 150 -6.90 -12.86 -2.64
C PHE C 150 -7.34 -14.33 -2.65
N VAL C 151 -6.48 -15.22 -2.16
CA VAL C 151 -6.76 -16.68 -2.07
C VAL C 151 -8.05 -16.93 -1.24
N ASN C 152 -9.02 -17.61 -1.84
CA ASN C 152 -10.17 -18.20 -1.14
C ASN C 152 -9.74 -19.46 -0.38
N PRO C 153 -9.83 -19.51 0.96
CA PRO C 153 -9.54 -20.75 1.70
C PRO C 153 -10.29 -22.00 1.21
N LEU C 154 -11.54 -21.89 0.77
CA LEU C 154 -12.33 -23.03 0.23
C LEU C 154 -11.73 -23.54 -1.09
N MET C 155 -11.17 -22.66 -1.93
CA MET C 155 -10.48 -23.09 -3.18
C MET C 155 -9.18 -23.81 -2.81
N LYS C 156 -8.35 -23.25 -1.95
CA LYS C 156 -7.07 -23.91 -1.56
C LYS C 156 -7.37 -25.29 -0.95
N GLU C 157 -8.38 -25.35 -0.10
CA GLU C 157 -8.77 -26.58 0.61
C GLU C 157 -9.12 -27.64 -0.45
N GLN C 158 -10.06 -27.33 -1.34
CA GLN C 158 -10.64 -28.35 -2.24
C GLN C 158 -9.72 -28.62 -3.44
N TYR C 159 -9.14 -27.60 -4.08
CA TYR C 159 -8.48 -27.71 -5.42
C TYR C 159 -6.98 -27.41 -5.37
N GLY C 160 -6.50 -26.80 -4.27
CA GLY C 160 -5.14 -26.27 -4.14
C GLY C 160 -5.00 -24.92 -4.84
N ILE C 161 -3.86 -24.27 -4.64
CA ILE C 161 -3.43 -23.01 -5.32
C ILE C 161 -2.04 -23.25 -5.92
N ASP C 162 -1.77 -24.43 -6.49
CA ASP C 162 -0.43 -24.75 -7.04
C ASP C 162 0.00 -23.64 -7.97
N PRO C 163 1.20 -23.04 -7.83
CA PRO C 163 1.70 -22.15 -8.87
C PRO C 163 1.74 -22.91 -10.21
N MET C 164 1.74 -22.18 -11.32
CA MET C 164 1.81 -22.78 -12.67
C MET C 164 2.98 -23.79 -12.80
N PRO C 165 4.25 -23.47 -12.42
CA PRO C 165 5.33 -24.44 -12.51
C PRO C 165 5.09 -25.69 -11.66
N GLN C 166 4.43 -25.56 -10.50
CA GLN C 166 4.03 -26.73 -9.68
C GLN C 166 3.01 -27.56 -10.49
N THR C 167 2.07 -26.95 -11.20
CA THR C 167 1.10 -27.71 -12.01
C THR C 167 1.89 -28.46 -13.09
N ALA C 168 2.92 -27.85 -13.63
CA ALA C 168 3.68 -28.48 -14.74
C ALA C 168 4.48 -29.66 -14.19
N ASP C 169 4.94 -29.58 -12.95
CA ASP C 169 5.62 -30.72 -12.27
C ASP C 169 4.60 -31.83 -11.99
N ASN C 170 3.37 -31.43 -11.65
CA ASN C 170 2.32 -32.44 -11.35
C ASN C 170 2.02 -33.21 -12.62
N VAL C 171 2.03 -32.51 -13.75
CA VAL C 171 1.75 -33.14 -15.05
C VAL C 171 2.92 -34.06 -15.40
N ALA C 172 4.16 -33.64 -15.16
CA ALA C 172 5.36 -34.45 -15.47
C ALA C 172 5.37 -35.74 -14.63
N ASP C 173 4.96 -35.66 -13.38
CA ASP C 173 4.81 -36.84 -12.46
C ASP C 173 3.68 -37.76 -12.96
N ASP C 174 2.48 -37.21 -13.14
CA ASP C 174 1.25 -37.99 -13.40
C ASP C 174 1.27 -38.60 -14.80
N TYR C 175 1.91 -37.93 -15.78
CA TYR C 175 1.98 -38.39 -17.19
C TYR C 175 3.39 -38.92 -17.51
N ARG C 176 4.31 -38.97 -16.57
CA ARG C 176 5.70 -39.51 -16.74
C ARG C 176 6.43 -38.80 -17.89
N VAL C 177 6.68 -37.51 -17.72
CA VAL C 177 7.41 -36.72 -18.75
C VAL C 177 8.79 -36.43 -18.16
N SER C 178 9.82 -37.04 -18.71
CA SER C 178 11.18 -37.00 -18.12
C SER C 178 11.79 -35.61 -18.36
N ARG C 179 12.74 -35.24 -17.50
CA ARG C 179 13.57 -34.01 -17.57
C ARG C 179 14.21 -33.93 -18.96
N ALA C 180 14.79 -35.04 -19.41
CA ALA C 180 15.50 -35.15 -20.71
C ALA C 180 14.56 -34.85 -21.88
N ASP C 181 13.37 -35.46 -21.94
CA ASP C 181 12.37 -35.16 -22.99
C ASP C 181 11.95 -33.68 -22.90
N GLN C 182 11.78 -33.15 -21.70
CA GLN C 182 11.34 -31.74 -21.57
C GLN C 182 12.42 -30.82 -22.16
N ASP C 183 13.70 -31.12 -21.87
CA ASP C 183 14.83 -30.27 -22.30
C ASP C 183 14.99 -30.41 -23.82
N ALA C 184 14.77 -31.60 -24.37
CA ALA C 184 14.89 -31.81 -25.84
C ALA C 184 13.77 -31.03 -26.55
N PHE C 185 12.58 -30.98 -25.97
CA PHE C 185 11.43 -30.20 -26.51
C PHE C 185 11.80 -28.71 -26.51
N ALA C 186 12.39 -28.24 -25.41
CA ALA C 186 12.74 -26.80 -25.23
C ALA C 186 13.83 -26.39 -26.25
N LEU C 187 14.81 -27.29 -26.49
CA LEU C 187 15.88 -27.06 -27.48
C LEU C 187 15.27 -26.93 -28.88
N ARG C 188 14.34 -27.82 -29.26
CA ARG C 188 13.68 -27.76 -30.59
C ARG C 188 12.92 -26.44 -30.76
N SER C 189 12.22 -25.97 -29.72
CA SER C 189 11.54 -24.67 -29.78
C SER C 189 12.57 -23.56 -30.06
N GLN C 190 13.69 -23.53 -29.36
CA GLN C 190 14.72 -22.46 -29.57
C GLN C 190 15.29 -22.60 -31.00
N GLN C 191 15.65 -23.81 -31.40
CA GLN C 191 16.22 -24.06 -32.75
C GLN C 191 15.24 -23.64 -33.85
N ARG C 192 13.97 -24.05 -33.77
CA ARG C 192 12.96 -23.72 -34.80
C ARG C 192 12.70 -22.21 -34.81
N ALA C 193 12.63 -21.58 -33.64
CA ALA C 193 12.41 -20.11 -33.58
C ALA C 193 13.64 -19.38 -34.13
N GLY C 194 14.85 -19.87 -33.87
CA GLY C 194 16.09 -19.24 -34.39
C GLY C 194 16.05 -19.22 -35.92
N ARG C 195 15.77 -20.36 -36.55
CA ARG C 195 15.60 -20.48 -38.03
C ARG C 195 14.49 -19.55 -38.51
N ALA C 196 13.33 -19.49 -37.84
CA ALA C 196 12.23 -18.60 -38.28
C ALA C 196 12.67 -17.13 -38.15
N GLN C 197 13.35 -16.77 -37.07
CA GLN C 197 13.84 -15.39 -36.84
C GLN C 197 14.66 -14.98 -38.07
N GLU C 198 15.66 -15.81 -38.39
CA GLU C 198 16.70 -15.59 -39.43
C GLU C 198 16.04 -15.46 -40.81
N ALA C 199 15.04 -16.28 -41.09
CA ALA C 199 14.27 -16.31 -42.36
C ALA C 199 13.32 -15.12 -42.45
N GLY C 200 13.13 -14.33 -41.36
CA GLY C 200 12.22 -13.15 -41.38
C GLY C 200 10.74 -13.55 -41.26
N PHE C 201 10.46 -14.79 -40.88
CA PHE C 201 9.08 -15.27 -40.66
C PHE C 201 8.40 -14.43 -39.56
N PHE C 202 9.07 -14.15 -38.44
CA PHE C 202 8.45 -13.33 -37.38
C PHE C 202 8.31 -11.90 -37.88
N ALA C 203 9.28 -11.36 -38.61
CA ALA C 203 9.15 -9.94 -39.08
C ALA C 203 7.91 -9.82 -39.98
N GLU C 204 7.51 -10.89 -40.72
CA GLU C 204 6.28 -10.85 -41.56
C GLU C 204 5.01 -10.68 -40.69
N GLU C 205 5.04 -11.13 -39.43
CA GLU C 205 3.91 -11.04 -38.46
C GLU C 205 3.92 -9.70 -37.74
N ILE C 206 5.10 -9.13 -37.53
CA ILE C 206 5.24 -8.05 -36.52
C ILE C 206 4.92 -6.68 -37.11
N VAL C 207 4.27 -5.84 -36.31
CA VAL C 207 4.20 -4.38 -36.52
C VAL C 207 4.94 -3.74 -35.36
N PRO C 208 5.76 -2.71 -35.63
CA PRO C 208 6.71 -2.21 -34.63
C PRO C 208 6.04 -1.32 -33.61
N VAL C 209 6.63 -1.25 -32.43
CA VAL C 209 6.18 -0.33 -31.36
C VAL C 209 7.17 0.83 -31.24
N THR C 210 6.67 2.07 -31.19
CA THR C 210 7.50 3.26 -31.00
C THR C 210 7.54 3.56 -29.49
N ILE C 211 8.74 3.65 -28.93
CA ILE C 211 8.98 4.08 -27.54
C ILE C 211 9.39 5.56 -27.59
N ARG C 212 8.63 6.47 -26.97
CA ARG C 212 8.93 7.93 -26.93
C ARG C 212 9.76 8.22 -25.67
N GLY C 213 11.10 8.29 -25.79
CA GLY C 213 12.03 8.27 -24.63
C GLY C 213 12.76 9.60 -24.42
N LYS C 215 15.21 11.85 -25.00
CA LYS C 215 16.39 11.18 -25.61
C LYS C 215 16.23 11.08 -27.14
N GLY C 216 15.04 10.70 -27.60
CA GLY C 216 14.70 10.39 -29.00
C GLY C 216 13.87 9.13 -29.11
N ASP C 217 12.99 9.08 -30.12
CA ASP C 217 12.07 7.95 -30.39
C ASP C 217 12.89 6.72 -30.79
N THR C 218 12.53 5.53 -30.29
CA THR C 218 13.10 4.24 -30.74
C THR C 218 11.98 3.28 -31.15
N LEU C 219 12.36 2.29 -31.95
CA LEU C 219 11.44 1.35 -32.57
C LEU C 219 11.74 -0.03 -31.98
N VAL C 220 10.73 -0.73 -31.49
CA VAL C 220 10.87 -2.16 -31.09
C VAL C 220 10.26 -3.01 -32.21
N GLU C 221 11.06 -3.93 -32.73
CA GLU C 221 10.82 -4.65 -34.00
C GLU C 221 11.04 -6.15 -33.81
N HIS C 222 11.85 -6.57 -32.83
CA HIS C 222 12.32 -7.97 -32.68
C HIS C 222 11.73 -8.55 -31.39
N ASP C 223 11.31 -9.80 -31.44
CA ASP C 223 10.99 -10.61 -30.25
C ASP C 223 12.24 -10.60 -29.35
N GLU C 224 12.10 -10.40 -28.04
CA GLU C 224 13.22 -10.27 -27.08
C GLU C 224 13.48 -11.55 -26.29
N HIS C 225 12.50 -12.45 -26.19
CA HIS C 225 12.59 -13.59 -25.26
C HIS C 225 13.49 -14.71 -25.78
N PRO C 226 13.55 -14.98 -27.10
CA PRO C 226 14.31 -16.11 -27.62
C PRO C 226 15.76 -16.19 -27.16
N ARG C 227 16.23 -17.43 -27.03
CA ARG C 227 17.63 -17.76 -26.67
C ARG C 227 18.12 -18.75 -27.72
N PRO C 228 18.39 -18.30 -28.97
CA PRO C 228 18.73 -19.22 -30.06
C PRO C 228 20.05 -20.00 -29.90
N ASP C 229 20.94 -19.59 -28.98
CA ASP C 229 22.21 -20.33 -28.68
C ASP C 229 21.99 -21.41 -27.63
N THR C 230 20.76 -21.65 -27.17
CA THR C 230 20.50 -22.67 -26.13
C THR C 230 21.17 -23.98 -26.57
N THR C 231 21.79 -24.72 -25.64
CA THR C 231 22.26 -26.11 -25.88
C THR C 231 21.58 -27.05 -24.89
N LEU C 232 21.49 -28.31 -25.26
CA LEU C 232 20.96 -29.38 -24.40
C LEU C 232 21.78 -29.40 -23.11
N GLU C 233 23.09 -29.24 -23.24
CA GLU C 233 23.99 -29.21 -22.05
C GLU C 233 23.62 -28.06 -21.11
N ALA C 234 23.40 -26.84 -21.61
CA ALA C 234 23.03 -25.72 -20.72
C ALA C 234 21.71 -26.08 -20.00
N LEU C 235 20.71 -26.60 -20.73
CA LEU C 235 19.38 -26.92 -20.14
C LEU C 235 19.52 -27.96 -19.02
N ALA C 236 20.35 -29.00 -19.21
CA ALA C 236 20.53 -30.11 -18.23
C ALA C 236 21.14 -29.61 -16.92
N ARG C 237 21.84 -28.47 -16.93
CA ARG C 237 22.50 -27.89 -15.73
C ARG C 237 21.54 -27.02 -14.91
N LEU C 238 20.44 -26.55 -15.50
CA LEU C 238 19.50 -25.65 -14.76
C LEU C 238 18.97 -26.42 -13.54
N LYS C 239 18.72 -25.74 -12.43
CA LYS C 239 18.11 -26.31 -11.19
C LYS C 239 16.59 -26.24 -11.32
N PRO C 240 15.83 -27.29 -10.96
CA PRO C 240 14.38 -27.24 -11.11
C PRO C 240 13.79 -26.20 -10.18
N VAL C 241 12.70 -25.54 -10.62
CA VAL C 241 12.02 -24.46 -9.87
C VAL C 241 11.60 -24.99 -8.48
N ASN C 242 11.08 -26.22 -8.39
CA ASN C 242 10.40 -26.70 -7.15
C ASN C 242 11.28 -27.69 -6.37
N GLY C 243 12.57 -27.84 -6.69
CA GLY C 243 13.50 -28.64 -5.87
C GLY C 243 14.20 -29.71 -6.69
N PRO C 244 15.30 -30.29 -6.16
CA PRO C 244 16.21 -31.14 -6.93
C PRO C 244 15.60 -32.39 -7.57
N GLU C 245 14.49 -32.93 -7.06
CA GLU C 245 13.92 -34.16 -7.67
C GLU C 245 12.83 -33.80 -8.71
N LYS C 246 12.40 -32.54 -8.80
CA LYS C 246 11.41 -32.09 -9.81
C LYS C 246 12.09 -31.88 -11.18
N THR C 247 11.33 -31.48 -12.19
CA THR C 247 11.80 -31.53 -13.59
C THR C 247 11.64 -30.18 -14.31
N VAL C 248 10.76 -29.28 -13.83
CA VAL C 248 10.42 -28.02 -14.54
C VAL C 248 11.47 -26.98 -14.16
N THR C 249 12.02 -26.29 -15.16
CA THR C 249 13.08 -25.26 -14.98
C THR C 249 12.66 -24.01 -15.71
N ALA C 250 13.43 -22.93 -15.55
CA ALA C 250 13.29 -21.67 -16.30
C ALA C 250 13.54 -21.96 -17.79
N GLY C 251 14.28 -23.02 -18.13
CA GLY C 251 14.69 -23.34 -19.50
C GLY C 251 13.66 -24.16 -20.29
N ASN C 252 12.87 -25.00 -19.62
CA ASN C 252 11.87 -25.87 -20.30
C ASN C 252 10.46 -25.34 -20.07
N ALA C 253 10.35 -24.04 -19.78
CA ALA C 253 9.10 -23.29 -19.49
C ALA C 253 9.15 -21.93 -20.19
N SER C 254 7.99 -21.35 -20.49
CA SER C 254 7.91 -19.95 -20.96
C SER C 254 8.22 -18.99 -19.80
N GLY C 255 8.06 -17.70 -20.07
CA GLY C 255 8.43 -16.64 -19.14
C GLY C 255 7.24 -15.78 -18.83
N VAL C 256 7.56 -14.57 -18.37
CA VAL C 256 6.65 -13.44 -18.09
C VAL C 256 7.01 -12.36 -19.13
N ASN C 257 6.03 -11.78 -19.80
CA ASN C 257 6.24 -11.10 -21.09
C ASN C 257 5.12 -10.09 -21.36
N ASP C 258 5.37 -9.21 -22.34
CA ASP C 258 4.48 -8.10 -22.77
C ASP C 258 4.26 -8.21 -24.30
N GLY C 259 3.03 -7.97 -24.74
CA GLY C 259 2.68 -7.97 -26.17
C GLY C 259 1.20 -7.82 -26.37
N ALA C 260 0.83 -7.55 -27.61
CA ALA C 260 -0.55 -7.45 -28.13
C ALA C 260 -0.62 -7.98 -29.57
N ALA C 261 -1.80 -8.44 -29.98
CA ALA C 261 -2.06 -8.98 -31.32
C ALA C 261 -3.52 -8.70 -31.64
N ALA C 262 -3.85 -8.59 -32.92
CA ALA C 262 -5.26 -8.39 -33.32
C ALA C 262 -5.48 -8.93 -34.74
N LEU C 263 -6.71 -9.40 -35.02
CA LEU C 263 -7.09 -10.03 -36.31
C LEU C 263 -8.43 -9.42 -36.72
N VAL C 264 -8.66 -9.38 -38.02
CA VAL C 264 -9.97 -9.01 -38.62
C VAL C 264 -10.73 -10.29 -38.89
N LEU C 265 -11.99 -10.33 -38.48
CA LEU C 265 -12.93 -11.41 -38.81
C LEU C 265 -14.11 -10.79 -39.54
N ALA C 266 -14.63 -11.48 -40.56
CA ALA C 266 -15.70 -10.94 -41.45
C ALA C 266 -16.55 -12.06 -42.05
N SER C 267 -17.85 -11.82 -42.15
CA SER C 267 -18.80 -12.59 -43.00
C SER C 267 -18.39 -12.45 -44.47
N ALA C 268 -18.88 -13.34 -45.34
CA ALA C 268 -18.72 -13.26 -46.82
C ALA C 268 -19.11 -11.85 -47.31
N GLU C 269 -20.27 -11.29 -46.90
CA GLU C 269 -20.73 -9.95 -47.36
C GLU C 269 -19.71 -8.88 -46.96
N ALA C 270 -19.27 -8.87 -45.69
CA ALA C 270 -18.28 -7.90 -45.19
C ALA C 270 -16.97 -8.05 -45.98
N VAL C 271 -16.53 -9.26 -46.29
CA VAL C 271 -15.30 -9.44 -47.13
C VAL C 271 -15.48 -8.66 -48.44
N GLU C 272 -16.64 -8.77 -49.08
CA GLU C 272 -16.89 -8.17 -50.43
C GLU C 272 -17.13 -6.66 -50.27
N LYS C 273 -17.87 -6.19 -49.26
CA LYS C 273 -18.13 -4.75 -49.12
C LYS C 273 -16.81 -4.00 -48.85
N HIS C 274 -15.93 -4.54 -48.02
CA HIS C 274 -14.75 -3.81 -47.45
C HIS C 274 -13.46 -4.11 -48.22
N GLY C 275 -13.54 -4.95 -49.25
CA GLY C 275 -12.37 -5.33 -50.08
C GLY C 275 -11.32 -6.07 -49.29
N LEU C 276 -11.71 -6.95 -48.37
CA LEU C 276 -10.76 -7.67 -47.51
C LEU C 276 -10.25 -8.89 -48.28
N THR C 277 -9.08 -9.40 -47.94
CA THR C 277 -8.59 -10.73 -48.39
C THR C 277 -8.98 -11.77 -47.36
N PRO C 278 -9.88 -12.72 -47.71
CA PRO C 278 -10.25 -13.80 -46.78
C PRO C 278 -9.13 -14.84 -46.81
N ARG C 279 -8.43 -15.04 -45.70
CA ARG C 279 -7.21 -15.87 -45.70
C ARG C 279 -7.54 -17.25 -45.15
N ALA C 280 -8.49 -17.32 -44.21
CA ALA C 280 -8.94 -18.59 -43.61
C ALA C 280 -10.40 -18.50 -43.19
N ARG C 281 -11.01 -19.66 -43.15
CA ARG C 281 -12.34 -19.93 -42.58
C ARG C 281 -12.12 -20.44 -41.15
N VAL C 282 -12.83 -19.89 -40.18
CA VAL C 282 -12.89 -20.49 -38.82
C VAL C 282 -13.82 -21.71 -38.84
N LEU C 283 -13.37 -22.85 -38.33
CA LEU C 283 -14.17 -24.10 -38.25
C LEU C 283 -14.94 -24.19 -36.92
N GLY C 284 -14.33 -23.81 -35.80
CA GLY C 284 -15.00 -23.82 -34.49
C GLY C 284 -14.03 -23.72 -33.33
N MET C 285 -14.56 -23.53 -32.13
CA MET C 285 -13.80 -23.45 -30.87
C MET C 285 -14.48 -24.36 -29.85
N ALA C 286 -13.71 -25.04 -29.02
CA ALA C 286 -14.25 -25.79 -27.86
C ALA C 286 -13.37 -25.51 -26.65
N SER C 287 -13.98 -25.58 -25.48
CA SER C 287 -13.36 -25.39 -24.16
C SER C 287 -13.59 -26.66 -23.32
N ALA C 288 -12.77 -26.89 -22.32
CA ALA C 288 -12.94 -28.01 -21.37
C ALA C 288 -12.30 -27.63 -20.03
N GLY C 289 -12.86 -28.19 -18.97
CA GLY C 289 -12.28 -28.06 -17.63
C GLY C 289 -11.45 -29.29 -17.32
N VAL C 290 -10.40 -29.11 -16.52
CA VAL C 290 -9.65 -30.23 -15.90
C VAL C 290 -9.35 -29.85 -14.45
N ALA C 291 -8.74 -30.76 -13.67
CA ALA C 291 -8.30 -30.49 -12.27
C ALA C 291 -7.30 -29.33 -12.34
N PRO C 292 -7.47 -28.23 -11.57
CA PRO C 292 -6.52 -27.13 -11.56
C PRO C 292 -5.06 -27.57 -11.36
N ARG C 293 -4.86 -28.60 -10.53
CA ARG C 293 -3.51 -29.08 -10.14
C ARG C 293 -2.79 -29.61 -11.38
N ILE C 294 -3.51 -30.02 -12.43
CA ILE C 294 -2.86 -30.51 -13.68
C ILE C 294 -3.41 -29.72 -14.87
N MET C 295 -3.49 -28.40 -14.73
CA MET C 295 -4.12 -27.51 -15.74
C MET C 295 -3.48 -27.69 -17.13
N GLY C 296 -2.19 -28.02 -17.20
CA GLY C 296 -1.44 -28.19 -18.46
C GLY C 296 -2.04 -29.23 -19.37
N ILE C 297 -2.85 -30.17 -18.86
CA ILE C 297 -3.45 -31.24 -19.70
C ILE C 297 -4.77 -30.73 -20.31
N GLY C 298 -5.23 -29.55 -19.93
CA GLY C 298 -6.43 -28.91 -20.48
C GLY C 298 -6.66 -29.10 -21.98
N PRO C 299 -5.65 -28.91 -22.84
CA PRO C 299 -5.88 -28.99 -24.29
C PRO C 299 -6.37 -30.35 -24.80
N VAL C 300 -6.13 -31.42 -24.07
CA VAL C 300 -6.49 -32.78 -24.54
C VAL C 300 -8.02 -32.88 -24.65
N PRO C 301 -8.83 -32.70 -23.58
CA PRO C 301 -10.27 -32.74 -23.74
C PRO C 301 -10.86 -31.59 -24.56
N ALA C 302 -10.21 -30.41 -24.63
CA ALA C 302 -10.71 -29.31 -25.49
C ALA C 302 -10.57 -29.72 -26.96
N VAL C 303 -9.38 -30.16 -27.37
CA VAL C 303 -9.14 -30.65 -28.76
C VAL C 303 -10.10 -31.81 -29.07
N ARG C 304 -10.28 -32.77 -28.14
CA ARG C 304 -11.19 -33.93 -28.40
C ARG C 304 -12.64 -33.46 -28.56
N LYS C 305 -13.14 -32.51 -27.76
CA LYS C 305 -14.52 -31.98 -27.91
C LYS C 305 -14.63 -31.32 -29.30
N LEU C 306 -13.66 -30.50 -29.72
CA LEU C 306 -13.75 -29.80 -31.03
C LEU C 306 -13.72 -30.81 -32.19
N LEU C 307 -12.77 -31.73 -32.19
CA LEU C 307 -12.55 -32.71 -33.29
C LEU C 307 -13.75 -33.67 -33.36
N ARG C 308 -14.38 -34.02 -32.23
CA ARG C 308 -15.63 -34.86 -32.23
C ARG C 308 -16.73 -34.05 -32.95
N ARG C 309 -16.87 -32.77 -32.67
CA ARG C 309 -18.02 -32.03 -33.27
C ARG C 309 -17.73 -31.75 -34.75
N LEU C 310 -16.47 -31.52 -35.12
CA LEU C 310 -16.06 -31.27 -36.53
C LEU C 310 -16.00 -32.61 -37.29
N ASP C 311 -16.04 -33.76 -36.59
CA ASP C 311 -15.85 -35.13 -37.14
C ASP C 311 -14.53 -35.19 -37.96
N LEU C 312 -13.41 -34.93 -37.29
CA LEU C 312 -12.03 -34.86 -37.86
C LEU C 312 -11.12 -35.57 -36.87
N ALA C 313 -10.10 -36.24 -37.38
CA ALA C 313 -9.01 -36.83 -36.58
C ALA C 313 -7.87 -35.80 -36.48
N ILE C 314 -6.96 -36.00 -35.53
CA ILE C 314 -5.83 -35.06 -35.33
C ILE C 314 -4.98 -35.00 -36.61
N ASP C 315 -4.94 -36.10 -37.39
CA ASP C 315 -4.18 -36.27 -38.67
C ASP C 315 -4.69 -35.32 -39.75
N ALA C 316 -5.91 -34.82 -39.65
CA ALA C 316 -6.51 -33.92 -40.66
C ALA C 316 -5.86 -32.53 -40.65
N PHE C 317 -4.96 -32.26 -39.70
CA PHE C 317 -4.33 -30.91 -39.48
C PHE C 317 -2.86 -30.89 -39.92
N ASP C 318 -2.51 -29.92 -40.77
CA ASP C 318 -1.14 -29.70 -41.31
C ASP C 318 -0.32 -28.86 -40.32
N VAL C 319 -0.97 -28.01 -39.53
CA VAL C 319 -0.29 -27.19 -38.49
C VAL C 319 -1.06 -27.36 -37.18
N ILE C 320 -0.34 -27.65 -36.11
CA ILE C 320 -0.88 -27.61 -34.73
C ILE C 320 -0.06 -26.60 -33.92
N GLU C 321 -0.68 -25.52 -33.44
CA GLU C 321 -0.04 -24.59 -32.48
C GLU C 321 -0.54 -24.94 -31.08
N LEU C 322 0.30 -25.61 -30.30
CA LEU C 322 0.06 -26.03 -28.91
C LEU C 322 0.90 -25.12 -28.03
N ASN C 323 0.28 -24.21 -27.29
CA ASN C 323 1.06 -23.23 -26.51
C ASN C 323 2.06 -23.97 -25.63
N GLU C 324 3.32 -23.53 -25.64
CA GLU C 324 4.41 -24.12 -24.86
C GLU C 324 4.56 -23.41 -23.50
N ALA C 325 3.53 -23.44 -22.67
CA ALA C 325 3.60 -22.86 -21.31
C ALA C 325 4.71 -23.59 -20.55
N PHE C 326 4.76 -24.91 -20.66
CA PHE C 326 5.78 -25.81 -20.07
C PHE C 326 5.99 -27.01 -20.97
N ALA C 327 7.23 -27.39 -21.21
CA ALA C 327 7.56 -28.57 -22.03
C ALA C 327 6.82 -29.81 -21.50
N SER C 328 6.68 -29.96 -20.18
CA SER C 328 6.06 -31.14 -19.52
C SER C 328 4.63 -31.30 -20.05
N GLN C 329 3.86 -30.21 -20.03
CA GLN C 329 2.43 -30.29 -20.44
C GLN C 329 2.32 -30.33 -21.96
N GLY C 330 3.22 -29.71 -22.71
CA GLY C 330 3.17 -29.83 -24.17
C GLY C 330 3.37 -31.28 -24.61
N LEU C 331 4.38 -31.93 -24.06
CA LEU C 331 4.71 -33.35 -24.36
C LEU C 331 3.53 -34.27 -23.96
N ALA C 332 2.98 -34.07 -22.75
CA ALA C 332 1.87 -34.87 -22.22
C ALA C 332 0.64 -34.71 -23.12
N CYS C 333 0.36 -33.50 -23.66
CA CYS C 333 -0.82 -33.28 -24.52
C CYS C 333 -0.55 -33.99 -25.85
N LEU C 334 0.65 -33.86 -26.39
CA LEU C 334 0.97 -34.54 -27.67
C LEU C 334 0.84 -36.07 -27.47
N ARG C 335 1.34 -36.61 -26.37
CA ARG C 335 1.29 -38.09 -26.14
C ARG C 335 -0.16 -38.59 -26.05
N GLU C 336 -1.03 -37.87 -25.35
CA GLU C 336 -2.44 -38.25 -25.17
C GLU C 336 -3.16 -38.18 -26.52
N LEU C 337 -2.83 -37.21 -27.37
CA LEU C 337 -3.54 -37.00 -28.64
C LEU C 337 -2.93 -37.83 -29.78
N GLY C 338 -1.85 -38.58 -29.53
CA GLY C 338 -1.18 -39.46 -30.50
C GLY C 338 -0.44 -38.68 -31.56
N VAL C 339 0.36 -37.69 -31.15
CA VAL C 339 1.26 -36.92 -32.07
C VAL C 339 2.69 -37.06 -31.53
N ALA C 340 3.65 -37.27 -32.43
CA ALA C 340 5.07 -37.52 -32.05
C ALA C 340 5.57 -36.30 -31.27
N ASP C 341 6.37 -36.57 -30.24
CA ASP C 341 7.06 -35.53 -29.42
C ASP C 341 7.67 -34.45 -30.32
N ASP C 342 8.27 -34.87 -31.45
CA ASP C 342 9.14 -34.01 -32.31
C ASP C 342 8.46 -33.73 -33.66
N SER C 343 7.15 -33.92 -33.76
CA SER C 343 6.42 -33.66 -35.01
C SER C 343 6.80 -32.27 -35.56
N GLU C 344 7.03 -32.23 -36.86
CA GLU C 344 7.29 -30.99 -37.62
C GLU C 344 5.97 -30.28 -37.90
N LYS C 345 4.82 -30.93 -37.72
CA LYS C 345 3.49 -30.27 -37.86
C LYS C 345 3.16 -29.42 -36.62
N VAL C 346 3.79 -29.69 -35.48
CA VAL C 346 3.49 -29.01 -34.19
C VAL C 346 4.51 -27.88 -33.97
N ASN C 347 4.05 -26.66 -33.70
CA ASN C 347 4.94 -25.50 -33.47
C ASN C 347 6.15 -25.57 -34.40
N PRO C 348 5.96 -25.54 -35.74
CA PRO C 348 7.09 -25.68 -36.68
C PRO C 348 8.09 -24.52 -36.62
N ASN C 349 7.66 -23.33 -36.14
CA ASN C 349 8.55 -22.14 -35.98
C ASN C 349 8.84 -21.87 -34.50
N GLY C 350 8.70 -22.89 -33.65
CA GLY C 350 8.92 -22.76 -32.21
C GLY C 350 7.69 -22.19 -31.56
N GLY C 351 7.73 -22.08 -30.24
CA GLY C 351 6.61 -21.57 -29.45
C GLY C 351 7.07 -20.76 -28.25
N ALA C 352 6.22 -20.72 -27.23
CA ALA C 352 6.30 -19.80 -26.08
C ALA C 352 7.60 -19.97 -25.28
N ILE C 353 8.26 -21.12 -25.33
CA ILE C 353 9.53 -21.31 -24.57
C ILE C 353 10.58 -20.34 -25.13
N ALA C 354 10.58 -20.20 -26.46
CA ALA C 354 11.42 -19.25 -27.20
C ALA C 354 10.77 -17.87 -27.16
N LEU C 355 9.48 -17.75 -27.45
CA LEU C 355 8.88 -16.44 -27.78
C LEU C 355 8.27 -15.73 -26.56
N GLY C 356 8.04 -16.42 -25.43
CA GLY C 356 7.42 -15.80 -24.23
C GLY C 356 5.91 -15.95 -24.27
N HIS C 357 5.23 -15.52 -23.21
CA HIS C 357 3.81 -15.83 -22.92
C HIS C 357 3.12 -14.66 -22.22
N PRO C 358 2.83 -13.57 -22.95
CA PRO C 358 1.99 -12.50 -22.44
C PRO C 358 0.54 -13.01 -22.50
N LEU C 359 0.04 -13.48 -21.35
CA LEU C 359 -1.16 -14.35 -21.24
C LEU C 359 -2.22 -13.91 -22.27
N GLY C 360 -2.79 -12.71 -22.13
CA GLY C 360 -3.92 -12.26 -22.98
C GLY C 360 -3.60 -12.30 -24.46
N MET C 361 -2.33 -12.20 -24.84
CA MET C 361 -1.95 -12.01 -26.25
C MET C 361 -1.77 -13.41 -26.88
N SER C 362 -1.28 -14.37 -26.10
CA SER C 362 -0.73 -15.64 -26.62
C SER C 362 -1.73 -16.37 -27.55
N GLY C 363 -3.00 -16.43 -27.18
CA GLY C 363 -4.06 -17.17 -27.91
C GLY C 363 -4.32 -16.56 -29.27
N ALA C 364 -4.29 -15.23 -29.37
CA ALA C 364 -4.37 -14.50 -30.66
C ALA C 364 -3.13 -14.78 -31.50
N ARG C 365 -1.95 -14.79 -30.89
CA ARG C 365 -0.68 -15.11 -31.57
C ARG C 365 -0.80 -16.52 -32.18
N LEU C 366 -1.27 -17.52 -31.42
CA LEU C 366 -1.28 -18.92 -31.91
C LEU C 366 -2.11 -19.03 -33.21
N VAL C 367 -3.27 -18.36 -33.27
CA VAL C 367 -4.17 -18.43 -34.45
C VAL C 367 -3.50 -17.71 -35.62
N LEU C 368 -3.02 -16.49 -35.35
CA LEU C 368 -2.23 -15.66 -36.28
C LEU C 368 -1.11 -16.52 -36.91
N THR C 369 -0.28 -17.20 -36.12
CA THR C 369 0.94 -17.86 -36.63
C THR C 369 0.59 -19.21 -37.29
N ALA C 370 -0.48 -19.89 -36.86
CA ALA C 370 -0.97 -21.10 -37.55
C ALA C 370 -1.36 -20.73 -38.98
N LEU C 371 -2.18 -19.68 -39.10
CA LEU C 371 -2.62 -19.19 -40.43
C LEU C 371 -1.39 -18.83 -41.28
N HIS C 372 -0.43 -18.13 -40.69
CA HIS C 372 0.80 -17.67 -41.39
C HIS C 372 1.54 -18.90 -41.91
N GLN C 373 1.71 -19.91 -41.07
CA GLN C 373 2.49 -21.10 -41.47
C GLN C 373 1.72 -21.89 -42.56
N LEU C 374 0.38 -21.92 -42.51
CA LEU C 374 -0.43 -22.59 -43.58
C LEU C 374 -0.17 -21.91 -44.93
N GLU C 375 -0.14 -20.58 -44.96
CA GLU C 375 0.10 -19.85 -46.23
C GLU C 375 1.51 -20.23 -46.75
N LYS C 376 2.54 -20.22 -45.90
CA LYS C 376 3.94 -20.52 -46.36
C LYS C 376 4.05 -21.95 -46.88
N SER C 377 3.37 -22.90 -46.24
CA SER C 377 3.56 -24.34 -46.50
C SER C 377 2.55 -24.85 -47.54
N GLY C 378 1.56 -24.03 -47.90
CA GLY C 378 0.39 -24.43 -48.73
C GLY C 378 -0.42 -25.54 -48.07
N GLY C 379 -0.46 -25.63 -46.72
CA GLY C 379 -1.29 -26.59 -45.97
C GLY C 379 -2.76 -26.17 -45.91
N ARG C 380 -3.62 -27.05 -45.44
CA ARG C 380 -5.09 -26.84 -45.44
C ARG C 380 -5.60 -26.39 -44.04
N ARG C 381 -5.60 -27.31 -43.07
CA ARG C 381 -6.26 -27.14 -41.75
C ARG C 381 -5.22 -26.80 -40.69
N GLY C 382 -5.59 -25.87 -39.81
CA GLY C 382 -4.81 -25.53 -38.61
C GLY C 382 -5.59 -25.67 -37.31
N LEU C 383 -4.92 -26.13 -36.28
CA LEU C 383 -5.45 -26.30 -34.92
C LEU C 383 -4.56 -25.54 -33.94
N ALA C 384 -5.13 -24.59 -33.22
CA ALA C 384 -4.51 -23.84 -32.11
C ALA C 384 -5.15 -24.31 -30.80
N THR C 385 -4.35 -24.60 -29.79
CA THR C 385 -4.85 -25.04 -28.48
C THR C 385 -3.88 -24.64 -27.39
N MET C 386 -4.44 -24.39 -26.21
CA MET C 386 -3.60 -24.00 -25.05
C MET C 386 -4.27 -24.37 -23.72
N CYS C 387 -3.43 -24.57 -22.72
CA CYS C 387 -3.80 -24.84 -21.32
C CYS C 387 -4.15 -23.48 -20.66
N VAL C 388 -4.86 -23.54 -19.55
CA VAL C 388 -5.45 -22.35 -18.89
C VAL C 388 -5.30 -22.58 -17.38
N GLY C 389 -4.68 -21.62 -16.71
CA GLY C 389 -4.65 -21.54 -15.24
C GLY C 389 -5.99 -21.91 -14.67
N VAL C 390 -5.97 -22.65 -13.57
CA VAL C 390 -7.13 -23.11 -12.78
C VAL C 390 -7.91 -24.15 -13.59
N GLY C 391 -7.25 -24.78 -14.55
CA GLY C 391 -7.67 -26.07 -15.15
C GLY C 391 -8.64 -25.92 -16.30
N GLN C 392 -8.22 -25.34 -17.40
CA GLN C 392 -9.04 -25.38 -18.63
C GLN C 392 -8.12 -25.62 -19.83
N GLY C 393 -8.73 -25.97 -20.94
CA GLY C 393 -8.12 -25.94 -22.28
C GLY C 393 -9.06 -25.27 -23.22
N LEU C 394 -8.49 -24.75 -24.29
CA LEU C 394 -9.27 -24.13 -25.36
C LEU C 394 -8.62 -24.54 -26.69
N ALA C 395 -9.45 -24.81 -27.70
CA ALA C 395 -9.02 -25.26 -29.04
C ALA C 395 -9.84 -24.53 -30.08
N LEU C 396 -9.16 -24.12 -31.16
CA LEU C 396 -9.78 -23.37 -32.28
C LEU C 396 -9.13 -23.86 -33.56
N ALA C 397 -9.97 -24.27 -34.52
CA ALA C 397 -9.57 -24.84 -35.83
C ALA C 397 -9.89 -23.85 -36.94
N ILE C 398 -9.01 -23.77 -37.92
CA ILE C 398 -9.18 -22.89 -39.09
C ILE C 398 -8.86 -23.71 -40.34
N GLU C 399 -9.19 -23.17 -41.50
CA GLU C 399 -8.88 -23.79 -42.82
C GLU C 399 -8.50 -22.68 -43.79
N ARG C 400 -7.33 -22.78 -44.38
CA ARG C 400 -6.86 -21.81 -45.41
C ARG C 400 -7.87 -21.76 -46.55
N VAL C 401 -8.19 -20.56 -47.03
CA VAL C 401 -9.03 -20.31 -48.23
C VAL C 401 -8.21 -20.55 -49.50
N LEU C 402 -8.72 -21.37 -50.44
CA LEU C 402 -8.07 -21.79 -51.71
C LEU C 402 -8.71 -21.06 -52.89
N SER D 2 -36.17 -21.74 -37.02
CA SER D 2 -34.78 -21.31 -36.68
C SER D 2 -34.19 -22.25 -35.60
N ARG D 3 -32.88 -22.07 -35.31
CA ARG D 3 -32.14 -22.68 -34.16
C ARG D 3 -32.36 -21.81 -32.90
N GLU D 4 -33.34 -22.22 -32.12
CA GLU D 4 -33.89 -21.48 -30.97
C GLU D 4 -32.90 -21.63 -29.80
N VAL D 5 -32.80 -20.60 -28.96
CA VAL D 5 -32.08 -20.67 -27.67
C VAL D 5 -33.04 -20.18 -26.60
N PHE D 6 -33.23 -20.99 -25.57
CA PHE D 6 -34.23 -20.73 -24.53
C PHE D 6 -33.52 -20.39 -23.23
N ILE D 7 -34.05 -19.38 -22.55
CA ILE D 7 -33.79 -19.07 -21.13
C ILE D 7 -34.70 -20.01 -20.33
N CYS D 8 -34.12 -20.76 -19.39
CA CYS D 8 -34.84 -21.63 -18.43
C CYS D 8 -34.79 -20.97 -17.05
N ASP D 9 -34.40 -21.66 -16.00
CA ASP D 9 -34.40 -21.07 -14.63
C ASP D 9 -33.47 -19.84 -14.61
N ALA D 10 -33.74 -18.91 -13.71
CA ALA D 10 -32.96 -17.65 -13.55
C ALA D 10 -33.11 -17.22 -12.08
N VAL D 11 -32.02 -16.85 -11.42
CA VAL D 11 -32.06 -16.41 -10.00
C VAL D 11 -31.01 -15.35 -9.76
N ARG D 12 -31.21 -14.60 -8.68
CA ARG D 12 -30.31 -13.50 -8.25
C ARG D 12 -30.25 -13.49 -6.72
N THR D 13 -29.13 -13.01 -6.20
CA THR D 13 -29.01 -12.63 -4.77
C THR D 13 -29.86 -11.38 -4.59
N PRO D 14 -30.14 -11.00 -3.33
CA PRO D 14 -30.53 -9.64 -3.03
C PRO D 14 -29.37 -8.74 -3.45
N ILE D 15 -29.67 -7.47 -3.63
CA ILE D 15 -28.67 -6.40 -3.86
C ILE D 15 -28.43 -5.64 -2.56
N GLY D 16 -27.15 -5.60 -2.16
CA GLY D 16 -26.66 -4.98 -0.91
C GLY D 16 -26.21 -3.56 -1.16
N ARG D 17 -26.27 -2.72 -0.12
CA ARG D 17 -25.70 -1.36 -0.14
C ARG D 17 -24.18 -1.48 0.03
N PHE D 18 -23.44 -0.46 -0.35
CA PHE D 18 -21.99 -0.36 -0.07
C PHE D 18 -21.78 -0.47 1.44
N GLY D 19 -20.97 -1.42 1.89
CA GLY D 19 -20.67 -1.60 3.31
C GLY D 19 -21.87 -2.17 4.04
N GLY D 20 -22.77 -2.83 3.32
CA GLY D 20 -24.07 -3.26 3.86
C GLY D 20 -24.16 -4.77 3.98
N SER D 21 -25.34 -5.31 3.67
CA SER D 21 -25.77 -6.65 4.12
C SER D 21 -24.93 -7.76 3.44
N LEU D 22 -24.32 -7.50 2.27
CA LEU D 22 -23.50 -8.50 1.52
C LEU D 22 -22.00 -8.15 1.55
N SER D 23 -21.60 -7.16 2.34
CA SER D 23 -20.24 -6.56 2.30
C SER D 23 -19.18 -7.56 2.82
N ALA D 24 -19.58 -8.54 3.63
CA ALA D 24 -18.70 -9.61 4.16
C ALA D 24 -18.54 -10.74 3.13
N VAL D 25 -19.23 -10.73 1.99
CA VAL D 25 -19.18 -11.89 1.06
C VAL D 25 -18.19 -11.60 -0.07
N ARG D 26 -17.13 -12.41 -0.14
CA ARG D 26 -16.12 -12.32 -1.23
C ARG D 26 -16.88 -12.37 -2.55
N ALA D 27 -16.43 -11.62 -3.55
CA ALA D 27 -17.00 -11.56 -4.91
C ALA D 27 -17.16 -12.97 -5.50
N ASP D 28 -16.14 -13.83 -5.33
CA ASP D 28 -16.13 -15.19 -5.91
C ASP D 28 -17.20 -16.03 -5.20
N ASP D 29 -17.25 -15.97 -3.87
CA ASP D 29 -18.29 -16.71 -3.11
C ASP D 29 -19.67 -16.14 -3.49
N LEU D 30 -19.78 -14.82 -3.62
CA LEU D 30 -21.06 -14.20 -4.02
C LEU D 30 -21.54 -14.75 -5.37
N ALA D 31 -20.66 -14.76 -6.38
CA ALA D 31 -21.00 -15.30 -7.72
C ALA D 31 -21.47 -16.75 -7.61
N ALA D 32 -20.90 -17.52 -6.67
CA ALA D 32 -21.16 -18.97 -6.56
C ALA D 32 -22.58 -19.23 -6.03
N VAL D 33 -23.20 -18.24 -5.38
CA VAL D 33 -24.53 -18.41 -4.72
C VAL D 33 -25.59 -18.75 -5.76
N PRO D 34 -25.82 -17.90 -6.80
CA PRO D 34 -26.79 -18.26 -7.83
C PRO D 34 -26.45 -19.55 -8.63
N LEU D 35 -25.17 -19.84 -8.86
CA LEU D 35 -24.77 -21.08 -9.58
C LEU D 35 -25.21 -22.28 -8.73
N LYS D 36 -24.94 -22.25 -7.43
CA LYS D 36 -25.33 -23.38 -6.56
C LYS D 36 -26.86 -23.44 -6.49
N ALA D 37 -27.55 -22.31 -6.43
CA ALA D 37 -29.04 -22.31 -6.39
C ALA D 37 -29.56 -22.98 -7.67
N LEU D 38 -29.02 -22.68 -8.85
CA LEU D 38 -29.53 -23.24 -10.13
C LEU D 38 -29.32 -24.76 -10.12
N VAL D 39 -28.19 -25.21 -9.60
CA VAL D 39 -27.93 -26.68 -9.46
C VAL D 39 -29.02 -27.29 -8.54
N GLU D 40 -29.26 -26.71 -7.37
CA GLU D 40 -30.19 -27.32 -6.38
C GLU D 40 -31.64 -27.22 -6.86
N ARG D 41 -31.99 -26.23 -7.68
CA ARG D 41 -33.39 -26.02 -8.15
C ARG D 41 -33.73 -26.92 -9.33
N ASN D 42 -32.74 -27.57 -9.95
CA ASN D 42 -32.93 -28.32 -11.22
C ASN D 42 -32.12 -29.62 -11.11
N PRO D 43 -32.44 -30.49 -10.12
CA PRO D 43 -31.62 -31.67 -9.85
C PRO D 43 -31.78 -32.77 -10.92
N GLY D 44 -32.72 -32.62 -11.85
CA GLY D 44 -32.88 -33.52 -13.01
C GLY D 44 -31.80 -33.30 -14.07
N VAL D 45 -30.98 -32.26 -13.94
CA VAL D 45 -29.96 -31.93 -14.97
C VAL D 45 -28.70 -32.75 -14.64
N ASP D 46 -28.11 -33.37 -15.64
CA ASP D 46 -26.72 -33.86 -15.52
C ASP D 46 -25.81 -32.65 -15.73
N TRP D 47 -25.29 -32.06 -14.64
CA TRP D 47 -24.51 -30.79 -14.65
C TRP D 47 -23.16 -30.99 -15.33
N SER D 48 -22.71 -32.22 -15.52
CA SER D 48 -21.47 -32.50 -16.28
C SER D 48 -21.71 -32.21 -17.77
N ALA D 49 -22.96 -31.99 -18.21
CA ALA D 49 -23.28 -31.65 -19.62
C ALA D 49 -23.26 -30.12 -19.80
N LEU D 50 -23.04 -29.37 -18.73
CA LEU D 50 -22.96 -27.89 -18.79
C LEU D 50 -21.71 -27.52 -19.61
N ASP D 51 -21.92 -26.83 -20.73
CA ASP D 51 -20.83 -26.53 -21.68
C ASP D 51 -19.93 -25.39 -21.16
N GLU D 52 -20.47 -24.41 -20.43
CA GLU D 52 -19.73 -23.18 -20.06
C GLU D 52 -20.48 -22.38 -18.99
N VAL D 53 -19.75 -21.75 -18.09
CA VAL D 53 -20.24 -20.61 -17.27
C VAL D 53 -19.63 -19.31 -17.83
N PHE D 54 -20.49 -18.38 -18.22
CA PHE D 54 -20.14 -17.03 -18.68
C PHE D 54 -20.60 -16.03 -17.62
N LEU D 55 -19.70 -15.33 -16.94
CA LEU D 55 -20.10 -14.28 -15.98
C LEU D 55 -19.55 -12.93 -16.44
N GLY D 56 -20.37 -11.89 -16.31
CA GLY D 56 -19.92 -10.49 -16.39
C GLY D 56 -19.30 -10.03 -15.08
N CYS D 57 -18.22 -9.28 -15.14
CA CYS D 57 -17.61 -8.62 -13.94
C CYS D 57 -16.79 -7.42 -14.39
N ALA D 58 -17.07 -6.22 -13.86
CA ALA D 58 -16.46 -4.95 -14.34
C ALA D 58 -15.08 -4.73 -13.71
N ASN D 59 -14.78 -5.32 -12.54
CA ASN D 59 -13.57 -4.96 -11.73
C ASN D 59 -12.46 -5.98 -12.02
N GLN D 60 -12.52 -7.18 -11.42
CA GLN D 60 -11.61 -8.33 -11.69
C GLN D 60 -10.21 -8.10 -11.09
N ALA D 61 -10.05 -7.10 -10.21
CA ALA D 61 -8.75 -6.83 -9.55
C ALA D 61 -8.74 -7.42 -8.13
N GLY D 62 -9.91 -7.77 -7.59
CA GLY D 62 -10.10 -8.15 -6.18
C GLY D 62 -10.29 -9.65 -6.05
N GLU D 63 -11.21 -10.06 -5.20
CA GLU D 63 -11.56 -11.50 -5.00
C GLU D 63 -12.20 -12.08 -6.27
N ASP D 64 -12.47 -11.24 -7.26
CA ASP D 64 -13.06 -11.58 -8.58
C ASP D 64 -11.94 -11.76 -9.61
N ASN D 65 -10.66 -11.86 -9.17
CA ASN D 65 -9.50 -11.88 -10.11
C ASN D 65 -9.38 -13.26 -10.76
N ARG D 66 -8.73 -13.27 -11.93
CA ARG D 66 -8.25 -14.49 -12.63
C ARG D 66 -9.45 -15.36 -12.98
N ASN D 67 -10.50 -14.75 -13.53
CA ASN D 67 -11.59 -15.49 -14.20
C ASN D 67 -12.56 -16.00 -13.15
N VAL D 68 -13.36 -15.06 -12.64
CA VAL D 68 -14.29 -15.33 -11.52
C VAL D 68 -15.34 -16.37 -11.97
N ALA D 69 -15.67 -16.47 -13.26
CA ALA D 69 -16.64 -17.46 -13.78
C ALA D 69 -16.15 -18.85 -13.39
N ARG D 70 -14.86 -19.11 -13.62
CA ARG D 70 -14.27 -20.43 -13.29
C ARG D 70 -14.09 -20.57 -11.78
N MET D 71 -13.60 -19.56 -11.09
CA MET D 71 -13.53 -19.64 -9.60
C MET D 71 -14.93 -19.99 -9.05
N ALA D 72 -15.97 -19.25 -9.47
CA ALA D 72 -17.32 -19.35 -8.90
C ALA D 72 -17.91 -20.73 -9.19
N LEU D 73 -17.81 -21.22 -10.42
CA LEU D 73 -18.39 -22.54 -10.71
C LEU D 73 -17.72 -23.60 -9.84
N LEU D 74 -16.39 -23.54 -9.60
CA LEU D 74 -15.74 -24.55 -8.72
C LEU D 74 -16.28 -24.43 -7.28
N LEU D 75 -16.36 -23.20 -6.75
CA LEU D 75 -16.88 -22.92 -5.38
C LEU D 75 -18.34 -23.37 -5.26
N ALA D 76 -19.12 -23.29 -6.34
CA ALA D 76 -20.56 -23.63 -6.32
C ALA D 76 -20.76 -25.15 -6.29
N GLY D 77 -19.71 -25.93 -6.52
CA GLY D 77 -19.82 -27.40 -6.51
C GLY D 77 -20.00 -27.98 -7.90
N LEU D 78 -19.88 -27.19 -8.98
CA LEU D 78 -20.01 -27.74 -10.35
C LEU D 78 -18.77 -28.60 -10.62
N PRO D 79 -18.88 -29.62 -11.49
CA PRO D 79 -17.74 -30.48 -11.79
C PRO D 79 -16.61 -29.67 -12.46
N GLU D 80 -15.38 -30.04 -12.15
CA GLU D 80 -14.18 -29.33 -12.59
C GLU D 80 -14.06 -29.44 -14.11
N SER D 81 -14.83 -30.33 -14.75
CA SER D 81 -14.83 -30.55 -16.23
C SER D 81 -15.51 -29.35 -16.92
N VAL D 82 -16.25 -28.53 -16.18
CA VAL D 82 -17.04 -27.39 -16.73
C VAL D 82 -16.15 -26.16 -16.87
N PRO D 83 -15.94 -25.61 -18.07
CA PRO D 83 -15.15 -24.40 -18.23
C PRO D 83 -15.94 -23.13 -17.93
N GLY D 84 -15.21 -22.05 -17.74
CA GLY D 84 -15.78 -20.75 -17.38
C GLY D 84 -14.99 -19.63 -18.00
N VAL D 85 -15.64 -18.52 -18.31
CA VAL D 85 -14.99 -17.34 -18.92
C VAL D 85 -15.72 -16.10 -18.41
N THR D 86 -14.99 -15.01 -18.24
CA THR D 86 -15.47 -13.76 -17.60
C THR D 86 -15.49 -12.66 -18.68
N LEU D 87 -16.58 -11.89 -18.75
CA LEU D 87 -16.71 -10.79 -19.73
C LEU D 87 -16.67 -9.44 -19.02
N ASN D 88 -16.08 -8.45 -19.69
CA ASN D 88 -16.04 -7.06 -19.15
C ASN D 88 -16.49 -6.08 -20.24
N ARG D 89 -17.73 -5.62 -20.12
CA ARG D 89 -18.28 -4.41 -20.76
C ARG D 89 -18.81 -3.46 -19.69
N LEU D 90 -18.00 -3.21 -18.66
CA LEU D 90 -18.34 -2.44 -17.44
C LEU D 90 -19.78 -2.74 -17.04
N CYS D 91 -20.66 -1.73 -17.07
CA CYS D 91 -22.07 -1.75 -16.56
C CYS D 91 -22.90 -2.89 -17.20
N ALA D 92 -22.61 -3.30 -18.43
CA ALA D 92 -23.42 -4.23 -19.25
C ALA D 92 -22.81 -5.63 -19.28
N SER D 93 -21.79 -5.90 -18.46
CA SER D 93 -21.04 -7.20 -18.46
C SER D 93 -22.02 -8.39 -18.35
N GLY D 94 -23.03 -8.31 -17.48
CA GLY D 94 -23.99 -9.39 -17.18
C GLY D 94 -24.92 -9.65 -18.36
N MET D 95 -25.30 -8.63 -19.10
CA MET D 95 -26.15 -8.76 -20.30
C MET D 95 -25.28 -9.31 -21.44
N ASP D 96 -24.02 -8.89 -21.51
CA ASP D 96 -23.07 -9.39 -22.53
C ASP D 96 -22.85 -10.89 -22.34
N ALA D 97 -22.72 -11.34 -21.10
CA ALA D 97 -22.57 -12.77 -20.74
C ALA D 97 -23.75 -13.57 -21.34
N ILE D 98 -24.98 -13.11 -21.12
CA ILE D 98 -26.20 -13.81 -21.63
C ILE D 98 -26.18 -13.83 -23.16
N GLY D 99 -25.89 -12.69 -23.79
CA GLY D 99 -25.84 -12.59 -25.26
C GLY D 99 -24.75 -13.49 -25.83
N THR D 100 -23.61 -13.59 -25.13
CA THR D 100 -22.44 -14.39 -25.56
C THR D 100 -22.80 -15.89 -25.48
N ALA D 101 -23.40 -16.33 -24.39
CA ALA D 101 -23.94 -17.70 -24.23
C ALA D 101 -24.95 -17.97 -25.36
N PHE D 102 -25.84 -17.01 -25.60
CA PHE D 102 -26.88 -17.10 -26.67
C PHE D 102 -26.20 -17.42 -28.00
N ARG D 103 -25.18 -16.63 -28.36
CA ARG D 103 -24.51 -16.74 -29.68
C ARG D 103 -23.81 -18.09 -29.81
N ALA D 104 -23.25 -18.60 -28.72
CA ALA D 104 -22.46 -19.85 -28.73
C ALA D 104 -23.42 -21.01 -29.02
N ILE D 105 -24.59 -20.97 -28.40
CA ILE D 105 -25.65 -22.00 -28.60
C ILE D 105 -26.28 -21.81 -29.99
N ALA D 106 -26.52 -20.57 -30.39
CA ALA D 106 -27.24 -20.27 -31.66
C ALA D 106 -26.46 -20.82 -32.86
N CYS D 107 -25.13 -20.81 -32.81
CA CYS D 107 -24.36 -21.22 -34.01
C CYS D 107 -23.92 -22.67 -33.84
N GLY D 108 -24.36 -23.39 -32.80
CA GLY D 108 -24.24 -24.86 -32.73
C GLY D 108 -22.99 -25.32 -32.00
N GLU D 109 -22.28 -24.40 -31.34
CA GLU D 109 -20.98 -24.70 -30.68
C GLU D 109 -21.24 -25.29 -29.29
N MET D 110 -22.40 -24.99 -28.69
CA MET D 110 -22.79 -25.48 -27.33
C MET D 110 -24.26 -25.81 -27.33
N GLU D 111 -24.72 -26.47 -26.26
CA GLU D 111 -26.13 -26.90 -26.04
C GLU D 111 -26.69 -26.26 -24.75
N LEU D 112 -25.88 -26.19 -23.70
CA LEU D 112 -26.32 -25.83 -22.33
C LEU D 112 -25.27 -24.92 -21.67
N ALA D 113 -25.70 -23.74 -21.25
CA ALA D 113 -24.79 -22.76 -20.63
C ALA D 113 -25.51 -22.09 -19.45
N ILE D 114 -24.71 -21.55 -18.54
CA ILE D 114 -25.19 -20.58 -17.53
C ILE D 114 -24.49 -19.25 -17.87
N ALA D 115 -25.26 -18.17 -17.81
CA ALA D 115 -24.73 -16.79 -17.96
C ALA D 115 -25.31 -15.93 -16.84
N GLY D 116 -24.48 -15.02 -16.37
CA GLY D 116 -24.90 -14.05 -15.36
C GLY D 116 -23.79 -13.07 -15.08
N GLY D 117 -23.72 -12.58 -13.85
CA GLY D 117 -22.83 -11.46 -13.51
C GLY D 117 -22.69 -11.33 -12.03
N VAL D 118 -21.64 -10.66 -11.63
CA VAL D 118 -21.38 -10.38 -10.20
C VAL D 118 -20.67 -9.03 -10.06
N GLU D 119 -20.87 -8.36 -8.94
CA GLU D 119 -19.99 -7.24 -8.54
C GLU D 119 -20.04 -7.14 -7.02
N SER D 120 -18.86 -7.12 -6.38
CA SER D 120 -18.71 -6.69 -4.98
C SER D 120 -18.00 -5.34 -5.01
N MET D 121 -18.77 -4.28 -5.18
CA MET D 121 -18.24 -2.91 -5.11
C MET D 121 -17.82 -2.57 -3.66
N SER D 122 -18.44 -3.20 -2.65
CA SER D 122 -18.00 -3.05 -1.24
C SER D 122 -16.51 -3.41 -1.13
N ARG D 123 -16.10 -4.52 -1.76
CA ARG D 123 -14.80 -5.18 -1.53
C ARG D 123 -13.83 -4.93 -2.69
N ALA D 124 -14.18 -4.05 -3.64
CA ALA D 124 -13.25 -3.59 -4.69
C ALA D 124 -11.95 -3.13 -4.04
N PRO D 125 -10.78 -3.60 -4.50
CA PRO D 125 -9.50 -3.29 -3.85
C PRO D 125 -8.94 -1.92 -4.22
N TYR D 126 -7.82 -1.53 -3.61
CA TYR D 126 -6.96 -0.46 -4.14
C TYR D 126 -5.98 -1.11 -5.11
N VAL D 127 -5.49 -0.34 -6.06
CA VAL D 127 -4.41 -0.75 -6.97
C VAL D 127 -3.27 0.26 -6.88
N MET D 128 -2.05 -0.26 -7.01
CA MET D 128 -0.77 0.52 -6.93
C MET D 128 0.13 0.11 -8.09
N GLY D 129 0.50 1.07 -8.95
CA GLY D 129 1.44 0.80 -10.04
C GLY D 129 2.79 0.45 -9.46
N LYS D 130 3.53 -0.38 -10.18
CA LYS D 130 4.93 -0.71 -9.84
C LYS D 130 5.76 0.57 -9.94
N ALA D 131 6.88 0.65 -9.22
CA ALA D 131 7.89 1.70 -9.47
C ALA D 131 8.56 1.38 -10.80
N ASP D 132 8.73 2.35 -11.69
CA ASP D 132 9.50 2.13 -12.95
C ASP D 132 10.99 2.48 -12.72
N SER D 133 11.41 2.80 -11.49
CA SER D 133 12.81 3.23 -11.20
C SER D 133 13.22 2.81 -9.79
N ALA D 134 14.49 2.45 -9.61
CA ALA D 134 15.09 2.14 -8.30
C ALA D 134 14.78 3.32 -7.37
N PHE D 135 14.23 3.00 -6.20
CA PHE D 135 13.92 3.99 -5.12
C PHE D 135 12.92 5.04 -5.62
N GLY D 136 12.00 4.65 -6.52
CA GLY D 136 10.90 5.51 -7.01
C GLY D 136 10.15 6.15 -5.85
N ARG D 137 9.96 7.45 -5.94
CA ARG D 137 9.20 8.28 -4.97
C ARG D 137 7.78 8.58 -5.45
N GLY D 138 7.41 8.08 -6.63
CA GLY D 138 6.18 8.46 -7.35
C GLY D 138 5.00 7.50 -7.14
N GLN D 139 5.05 6.51 -6.25
CA GLN D 139 3.96 5.51 -6.18
C GLN D 139 2.75 6.14 -5.48
N LYS D 140 1.57 5.65 -5.86
CA LYS D 140 0.28 6.01 -5.24
C LYS D 140 -0.67 4.83 -5.35
N ILE D 141 -1.69 4.84 -4.52
CA ILE D 141 -2.77 3.82 -4.56
C ILE D 141 -4.03 4.52 -5.03
N GLU D 142 -4.89 3.77 -5.71
CA GLU D 142 -6.21 4.27 -6.15
C GLU D 142 -7.29 3.24 -5.84
N ASP D 143 -8.43 3.77 -5.44
CA ASP D 143 -9.68 3.06 -5.14
C ASP D 143 -10.32 2.54 -6.44
N THR D 144 -10.78 1.30 -6.50
CA THR D 144 -11.39 0.74 -7.74
C THR D 144 -12.90 0.55 -7.53
N THR D 145 -13.42 1.03 -6.39
CA THR D 145 -14.86 0.94 -6.09
C THR D 145 -15.67 1.43 -7.30
N ILE D 146 -15.31 2.61 -7.81
CA ILE D 146 -15.93 3.27 -8.99
C ILE D 146 -14.90 4.25 -9.57
N GLY D 147 -15.06 4.58 -10.84
CA GLY D 147 -14.38 5.73 -11.49
C GLY D 147 -13.05 5.36 -12.11
N TRP D 148 -12.37 6.38 -12.60
CA TRP D 148 -11.12 6.26 -13.38
C TRP D 148 -9.94 5.96 -12.44
N ARG D 149 -9.05 5.07 -12.88
CA ARG D 149 -7.73 4.84 -12.28
C ARG D 149 -6.77 4.57 -13.43
N PHE D 150 -5.47 4.77 -13.18
CA PHE D 150 -4.39 4.71 -14.19
C PHE D 150 -4.81 5.49 -15.43
N VAL D 151 -5.18 6.74 -15.22
CA VAL D 151 -5.68 7.62 -16.31
C VAL D 151 -4.57 7.74 -17.36
N ASN D 152 -4.90 7.40 -18.60
CA ASN D 152 -4.07 7.66 -19.79
C ASN D 152 -4.25 9.13 -20.18
N PRO D 153 -3.20 9.97 -20.17
CA PRO D 153 -3.36 11.38 -20.56
C PRO D 153 -3.89 11.58 -22.00
N LEU D 154 -3.68 10.63 -22.94
CA LEU D 154 -4.25 10.67 -24.33
C LEU D 154 -5.78 10.53 -24.28
N MET D 155 -6.32 9.70 -23.39
CA MET D 155 -7.78 9.51 -23.23
C MET D 155 -8.35 10.82 -22.69
N LYS D 156 -7.70 11.39 -21.68
CA LYS D 156 -8.17 12.59 -20.97
C LYS D 156 -8.22 13.77 -21.96
N GLU D 157 -7.15 13.99 -22.74
CA GLU D 157 -7.11 15.05 -23.79
C GLU D 157 -8.25 14.84 -24.79
N GLN D 158 -8.36 13.65 -25.41
CA GLN D 158 -9.30 13.44 -26.55
C GLN D 158 -10.75 13.29 -26.07
N TYR D 159 -11.06 12.45 -25.10
CA TYR D 159 -12.47 12.08 -24.79
C TYR D 159 -12.89 12.52 -23.39
N GLY D 160 -11.94 12.98 -22.57
CA GLY D 160 -12.18 13.29 -21.15
C GLY D 160 -12.26 12.06 -20.25
N ILE D 161 -12.35 12.31 -18.96
CA ILE D 161 -12.47 11.28 -17.87
C ILE D 161 -13.62 11.70 -16.97
N ASP D 162 -14.71 12.21 -17.56
CA ASP D 162 -15.90 12.67 -16.80
C ASP D 162 -16.36 11.52 -15.91
N PRO D 163 -16.49 11.73 -14.58
CA PRO D 163 -17.17 10.75 -13.73
C PRO D 163 -18.63 10.50 -14.18
N MET D 164 -19.19 9.35 -13.78
CA MET D 164 -20.51 8.93 -14.32
C MET D 164 -21.57 10.02 -14.08
N PRO D 165 -21.65 10.62 -12.87
CA PRO D 165 -22.66 11.63 -12.58
C PRO D 165 -22.47 12.90 -13.43
N GLN D 166 -21.22 13.24 -13.74
CA GLN D 166 -20.88 14.34 -14.68
C GLN D 166 -21.42 14.02 -16.08
N THR D 167 -21.24 12.79 -16.61
CA THR D 167 -21.79 12.39 -17.94
C THR D 167 -23.31 12.56 -17.94
N ALA D 168 -23.95 12.28 -16.82
CA ALA D 168 -25.42 12.30 -16.69
C ALA D 168 -25.92 13.75 -16.73
N ASP D 169 -25.13 14.66 -16.16
CA ASP D 169 -25.36 16.12 -16.16
C ASP D 169 -25.18 16.59 -17.60
N ASN D 170 -24.18 16.05 -18.32
CA ASN D 170 -23.97 16.40 -19.75
C ASN D 170 -25.21 15.98 -20.55
N VAL D 171 -25.82 14.85 -20.19
CA VAL D 171 -26.98 14.33 -20.97
C VAL D 171 -28.18 15.23 -20.64
N ALA D 172 -28.34 15.57 -19.37
CA ALA D 172 -29.39 16.50 -18.92
C ALA D 172 -29.32 17.80 -19.72
N ASP D 173 -28.14 18.40 -19.86
CA ASP D 173 -27.97 19.71 -20.53
C ASP D 173 -28.23 19.52 -22.03
N ASP D 174 -27.53 18.58 -22.65
CA ASP D 174 -27.53 18.36 -24.11
C ASP D 174 -28.90 17.88 -24.60
N TYR D 175 -29.67 17.13 -23.81
CA TYR D 175 -30.98 16.55 -24.20
C TYR D 175 -32.12 17.26 -23.44
N ARG D 176 -31.81 18.36 -22.73
CA ARG D 176 -32.77 19.24 -21.97
C ARG D 176 -33.70 18.39 -21.08
N VAL D 177 -33.13 17.76 -20.04
CA VAL D 177 -33.93 16.96 -19.06
C VAL D 177 -33.91 17.73 -17.74
N SER D 178 -35.08 18.24 -17.35
CA SER D 178 -35.25 19.13 -16.20
C SER D 178 -34.99 18.29 -14.94
N ARG D 179 -34.57 18.97 -13.87
CA ARG D 179 -34.47 18.45 -12.49
C ARG D 179 -35.82 17.84 -12.07
N ALA D 180 -36.92 18.57 -12.31
CA ALA D 180 -38.29 18.16 -11.93
C ALA D 180 -38.62 16.81 -12.61
N ASP D 181 -38.35 16.67 -13.92
CA ASP D 181 -38.60 15.41 -14.69
C ASP D 181 -37.74 14.26 -14.13
N GLN D 182 -36.47 14.50 -13.85
CA GLN D 182 -35.56 13.51 -13.24
C GLN D 182 -36.11 13.04 -11.90
N ASP D 183 -36.56 13.96 -11.06
CA ASP D 183 -36.99 13.61 -9.68
C ASP D 183 -38.29 12.82 -9.74
N ALA D 184 -39.19 13.12 -10.69
CA ALA D 184 -40.50 12.42 -10.84
C ALA D 184 -40.24 10.98 -11.30
N PHE D 185 -39.34 10.82 -12.27
CA PHE D 185 -38.85 9.49 -12.71
C PHE D 185 -38.30 8.70 -11.50
N ALA D 186 -37.49 9.32 -10.65
CA ALA D 186 -36.91 8.64 -9.46
C ALA D 186 -38.01 8.20 -8.50
N LEU D 187 -39.03 9.05 -8.31
CA LEU D 187 -40.15 8.78 -7.37
C LEU D 187 -40.92 7.56 -7.88
N ARG D 188 -41.28 7.55 -9.16
CA ARG D 188 -42.00 6.40 -9.78
C ARG D 188 -41.17 5.12 -9.52
N SER D 189 -39.85 5.16 -9.72
CA SER D 189 -38.99 3.95 -9.51
C SER D 189 -39.16 3.45 -8.07
N GLN D 190 -39.11 4.36 -7.11
CA GLN D 190 -39.21 3.99 -5.68
C GLN D 190 -40.60 3.45 -5.39
N GLN D 191 -41.63 4.03 -6.00
CA GLN D 191 -43.06 3.62 -5.77
C GLN D 191 -43.30 2.26 -6.45
N ARG D 192 -42.84 2.09 -7.68
CA ARG D 192 -43.05 0.79 -8.39
C ARG D 192 -42.31 -0.30 -7.62
N ALA D 193 -41.09 0.01 -7.16
CA ALA D 193 -40.24 -0.92 -6.36
C ALA D 193 -40.95 -1.32 -5.06
N GLY D 194 -41.55 -0.37 -4.34
CA GLY D 194 -42.19 -0.65 -3.04
C GLY D 194 -43.38 -1.59 -3.20
N ARG D 195 -44.15 -1.41 -4.28
CA ARG D 195 -45.34 -2.24 -4.60
C ARG D 195 -44.86 -3.67 -4.88
N ALA D 196 -43.88 -3.80 -5.77
CA ALA D 196 -43.30 -5.10 -6.16
C ALA D 196 -42.71 -5.78 -4.91
N GLN D 197 -42.07 -5.04 -4.03
CA GLN D 197 -41.55 -5.65 -2.78
C GLN D 197 -42.72 -6.25 -1.98
N GLU D 198 -43.77 -5.45 -1.76
CA GLU D 198 -44.92 -5.82 -0.91
C GLU D 198 -45.65 -6.99 -1.58
N ALA D 199 -45.78 -6.98 -2.92
CA ALA D 199 -46.43 -8.09 -3.66
C ALA D 199 -45.61 -9.41 -3.61
N GLY D 200 -44.34 -9.41 -3.14
CA GLY D 200 -43.47 -10.63 -3.10
C GLY D 200 -42.86 -10.98 -4.48
N PHE D 201 -42.84 -10.04 -5.43
CA PHE D 201 -42.28 -10.19 -6.78
C PHE D 201 -40.74 -10.35 -6.71
N PHE D 202 -40.04 -9.48 -5.97
CA PHE D 202 -38.55 -9.58 -5.82
C PHE D 202 -38.21 -10.91 -5.15
N ALA D 203 -38.96 -11.32 -4.12
CA ALA D 203 -38.77 -12.61 -3.42
C ALA D 203 -38.80 -13.80 -4.39
N GLU D 204 -39.58 -13.74 -5.48
CA GLU D 204 -39.64 -14.88 -6.44
C GLU D 204 -38.34 -14.97 -7.25
N GLU D 205 -37.62 -13.86 -7.43
CA GLU D 205 -36.32 -13.79 -8.17
C GLU D 205 -35.14 -14.19 -7.27
N ILE D 206 -35.29 -14.07 -5.95
CA ILE D 206 -34.15 -14.04 -5.01
C ILE D 206 -33.91 -15.42 -4.43
N VAL D 207 -32.63 -15.77 -4.37
CA VAL D 207 -32.11 -16.89 -3.56
C VAL D 207 -31.27 -16.25 -2.46
N PRO D 208 -31.42 -16.72 -1.21
CA PRO D 208 -30.78 -16.10 -0.07
C PRO D 208 -29.25 -16.33 0.05
N VAL D 209 -28.56 -15.38 0.69
CA VAL D 209 -27.09 -15.50 0.95
C VAL D 209 -26.89 -15.85 2.42
N THR D 210 -26.22 -16.97 2.72
CA THR D 210 -25.83 -17.37 4.11
C THR D 210 -24.60 -16.56 4.55
N ILE D 211 -24.70 -15.74 5.60
CA ILE D 211 -23.57 -14.99 6.23
C ILE D 211 -23.13 -15.72 7.50
N ARG D 212 -21.83 -16.02 7.64
CA ARG D 212 -21.30 -16.87 8.74
C ARG D 212 -20.73 -15.96 9.85
N GLY D 213 -21.34 -15.97 11.04
CA GLY D 213 -20.93 -15.19 12.24
C GLY D 213 -20.41 -16.07 13.37
N GLY D 216 -23.37 -17.15 15.24
CA GLY D 216 -24.24 -18.04 14.44
C GLY D 216 -24.49 -17.50 13.03
N ASP D 217 -25.21 -18.25 12.19
CA ASP D 217 -25.45 -17.93 10.75
C ASP D 217 -26.74 -17.11 10.61
N THR D 218 -26.72 -16.08 9.76
CA THR D 218 -27.88 -15.28 9.28
C THR D 218 -28.11 -15.48 7.77
N LEU D 219 -29.28 -15.08 7.29
CA LEU D 219 -29.72 -15.21 5.89
C LEU D 219 -29.95 -13.79 5.39
N VAL D 220 -29.40 -13.38 4.24
CA VAL D 220 -29.79 -12.11 3.56
C VAL D 220 -30.76 -12.48 2.43
N GLU D 221 -31.97 -11.90 2.43
CA GLU D 221 -33.11 -12.29 1.56
C GLU D 221 -33.74 -11.08 0.87
N HIS D 222 -33.51 -9.86 1.36
CA HIS D 222 -34.27 -8.64 0.97
C HIS D 222 -33.28 -7.71 0.26
N ASP D 223 -33.68 -7.11 -0.84
CA ASP D 223 -32.96 -5.98 -1.47
C ASP D 223 -32.82 -4.85 -0.44
N GLU D 224 -31.64 -4.24 -0.36
CA GLU D 224 -31.26 -3.32 0.74
C GLU D 224 -31.31 -1.88 0.24
N HIS D 225 -31.09 -1.63 -1.05
CA HIS D 225 -31.00 -0.24 -1.55
C HIS D 225 -32.34 0.52 -1.56
N PRO D 226 -33.53 -0.07 -1.80
CA PRO D 226 -34.75 0.74 -1.93
C PRO D 226 -35.11 1.63 -0.74
N ARG D 227 -35.61 2.82 -1.08
CA ARG D 227 -36.09 3.86 -0.14
C ARG D 227 -37.57 4.08 -0.45
N PRO D 228 -38.47 3.12 -0.10
CA PRO D 228 -39.88 3.21 -0.44
C PRO D 228 -40.61 4.47 0.08
N ASP D 229 -40.14 5.09 1.17
CA ASP D 229 -40.80 6.28 1.80
C ASP D 229 -40.37 7.57 1.10
N THR D 230 -39.61 7.49 0.02
CA THR D 230 -39.19 8.68 -0.75
C THR D 230 -40.41 9.54 -1.11
N THR D 231 -40.26 10.88 -1.08
CA THR D 231 -41.29 11.87 -1.49
C THR D 231 -40.67 12.79 -2.54
N LEU D 232 -41.48 13.43 -3.37
CA LEU D 232 -40.97 14.40 -4.36
C LEU D 232 -40.29 15.56 -3.61
N GLU D 233 -40.79 15.96 -2.44
CA GLU D 233 -40.24 17.15 -1.73
C GLU D 233 -38.83 16.78 -1.20
N ALA D 234 -38.61 15.54 -0.71
CA ALA D 234 -37.29 15.00 -0.22
C ALA D 234 -36.28 14.95 -1.37
N LEU D 235 -36.71 14.61 -2.59
CA LEU D 235 -35.85 14.61 -3.81
C LEU D 235 -35.53 16.04 -4.26
N ALA D 236 -36.52 16.93 -4.21
CA ALA D 236 -36.41 18.35 -4.67
C ALA D 236 -35.40 19.11 -3.79
N ARG D 237 -35.22 18.72 -2.53
CA ARG D 237 -34.35 19.42 -1.54
C ARG D 237 -32.85 19.07 -1.71
N LEU D 238 -32.47 17.96 -2.38
CA LEU D 238 -31.06 17.46 -2.45
C LEU D 238 -30.20 18.37 -3.34
N LYS D 239 -28.92 18.46 -3.02
CA LYS D 239 -27.97 19.32 -3.78
C LYS D 239 -27.36 18.47 -4.89
N PRO D 240 -27.28 19.02 -6.12
CA PRO D 240 -26.57 18.33 -7.19
C PRO D 240 -25.12 17.95 -6.86
N VAL D 241 -24.70 16.77 -7.31
CA VAL D 241 -23.32 16.23 -7.17
C VAL D 241 -22.32 17.26 -7.70
N ASN D 242 -22.60 17.90 -8.82
CA ASN D 242 -21.60 18.74 -9.55
C ASN D 242 -21.87 20.26 -9.38
N GLY D 243 -22.64 20.68 -8.36
CA GLY D 243 -22.85 22.09 -8.00
C GLY D 243 -24.29 22.55 -8.21
N PRO D 244 -24.67 23.76 -7.74
CA PRO D 244 -26.08 24.18 -7.67
C PRO D 244 -26.76 24.42 -9.03
N GLU D 245 -26.01 24.68 -10.10
CA GLU D 245 -26.53 24.86 -11.49
C GLU D 245 -27.11 23.55 -12.03
N LYS D 246 -26.52 22.40 -11.69
CA LYS D 246 -26.70 21.07 -12.31
C LYS D 246 -27.93 20.34 -11.73
N THR D 247 -28.22 19.12 -12.19
CA THR D 247 -29.52 18.40 -11.97
C THR D 247 -29.34 17.01 -11.35
N VAL D 248 -28.22 16.32 -11.60
CA VAL D 248 -28.02 14.94 -11.10
C VAL D 248 -27.77 15.04 -9.61
N THR D 249 -28.48 14.22 -8.83
CA THR D 249 -28.31 14.11 -7.35
C THR D 249 -28.15 12.64 -6.98
N ALA D 250 -27.93 12.36 -5.69
CA ALA D 250 -27.92 11.02 -5.06
C ALA D 250 -29.32 10.41 -5.12
N GLY D 251 -30.39 11.22 -5.27
CA GLY D 251 -31.78 10.71 -5.20
C GLY D 251 -32.31 10.29 -6.55
N ASN D 252 -31.87 10.93 -7.64
CA ASN D 252 -32.31 10.61 -9.03
C ASN D 252 -31.24 9.77 -9.75
N ALA D 253 -30.50 8.97 -8.99
CA ALA D 253 -29.36 8.19 -9.49
C ALA D 253 -29.29 6.88 -8.71
N SER D 254 -28.72 5.85 -9.35
CA SER D 254 -28.42 4.58 -8.66
C SER D 254 -27.25 4.83 -7.71
N GLY D 255 -26.91 3.84 -6.90
CA GLY D 255 -25.78 3.90 -5.97
C GLY D 255 -24.68 2.92 -6.38
N VAL D 256 -24.00 2.44 -5.35
CA VAL D 256 -22.82 1.57 -5.40
C VAL D 256 -23.22 0.32 -4.62
N ASN D 257 -23.11 -0.87 -5.22
CA ASN D 257 -23.85 -2.04 -4.67
C ASN D 257 -23.15 -3.38 -4.93
N ASP D 258 -23.63 -4.42 -4.25
CA ASP D 258 -23.12 -5.81 -4.27
C ASP D 258 -24.28 -6.72 -4.70
N GLY D 259 -24.00 -7.67 -5.60
CA GLY D 259 -24.95 -8.74 -5.96
C GLY D 259 -24.44 -9.61 -7.08
N ALA D 260 -25.21 -10.67 -7.36
CA ALA D 260 -24.92 -11.68 -8.41
C ALA D 260 -26.23 -12.28 -8.91
N ALA D 261 -26.18 -12.75 -10.15
CA ALA D 261 -27.30 -13.37 -10.84
C ALA D 261 -26.78 -14.37 -11.89
N ALA D 262 -27.58 -15.41 -12.19
CA ALA D 262 -27.27 -16.42 -13.22
C ALA D 262 -28.58 -16.95 -13.82
N LEU D 263 -28.55 -17.27 -15.12
CA LEU D 263 -29.65 -17.80 -15.97
C LEU D 263 -29.15 -19.06 -16.67
N VAL D 264 -30.02 -20.04 -16.86
CA VAL D 264 -29.79 -21.22 -17.74
C VAL D 264 -30.19 -20.87 -19.18
N LEU D 265 -29.33 -21.15 -20.17
CA LEU D 265 -29.67 -21.06 -21.60
C LEU D 265 -29.47 -22.44 -22.22
N ALA D 266 -30.35 -22.85 -23.14
CA ALA D 266 -30.39 -24.22 -23.68
C ALA D 266 -30.96 -24.22 -25.09
N SER D 267 -30.39 -25.06 -25.95
CA SER D 267 -30.99 -25.44 -27.25
C SER D 267 -32.28 -26.24 -26.98
N ALA D 268 -33.12 -26.40 -28.01
CA ALA D 268 -34.32 -27.28 -28.00
C ALA D 268 -33.90 -28.67 -27.50
N GLU D 269 -32.82 -29.21 -28.05
CA GLU D 269 -32.29 -30.55 -27.70
C GLU D 269 -31.95 -30.63 -26.21
N ALA D 270 -31.22 -29.64 -25.67
CA ALA D 270 -30.79 -29.65 -24.25
C ALA D 270 -32.04 -29.57 -23.37
N VAL D 271 -33.03 -28.78 -23.76
CA VAL D 271 -34.31 -28.66 -22.99
C VAL D 271 -34.95 -30.06 -22.89
N GLU D 272 -35.11 -30.73 -24.02
CA GLU D 272 -35.72 -32.09 -24.10
C GLU D 272 -34.86 -33.04 -23.24
N LYS D 273 -33.54 -33.11 -23.48
CA LYS D 273 -32.60 -34.07 -22.83
C LYS D 273 -32.58 -33.91 -21.29
N HIS D 274 -32.59 -32.69 -20.76
CA HIS D 274 -32.36 -32.41 -19.32
C HIS D 274 -33.67 -32.09 -18.58
N GLY D 275 -34.84 -32.19 -19.22
CA GLY D 275 -36.14 -31.96 -18.56
C GLY D 275 -36.29 -30.54 -18.05
N LEU D 276 -35.78 -29.56 -18.80
CA LEU D 276 -35.87 -28.13 -18.43
C LEU D 276 -37.23 -27.55 -18.85
N THR D 277 -37.63 -26.47 -18.23
CA THR D 277 -38.83 -25.67 -18.59
C THR D 277 -38.34 -24.49 -19.41
N PRO D 278 -38.58 -24.42 -20.74
CA PRO D 278 -38.20 -23.24 -21.52
C PRO D 278 -39.17 -22.12 -21.16
N ARG D 279 -38.67 -20.91 -20.90
CA ARG D 279 -39.51 -19.78 -20.44
C ARG D 279 -39.54 -18.65 -21.46
N ALA D 280 -38.44 -18.44 -22.20
CA ALA D 280 -38.33 -17.44 -23.27
C ALA D 280 -37.34 -17.93 -24.35
N ARG D 281 -37.46 -17.36 -25.53
CA ARG D 281 -36.54 -17.52 -26.68
C ARG D 281 -35.72 -16.24 -26.67
N VAL D 282 -34.41 -16.33 -26.90
CA VAL D 282 -33.58 -15.10 -27.09
C VAL D 282 -33.67 -14.72 -28.55
N LEU D 283 -33.96 -13.46 -28.80
CA LEU D 283 -34.16 -12.90 -30.15
C LEU D 283 -32.82 -12.36 -30.66
N GLY D 284 -32.06 -11.70 -29.82
CA GLY D 284 -30.77 -11.11 -30.27
C GLY D 284 -30.26 -10.00 -29.36
N MET D 285 -28.99 -9.63 -29.56
CA MET D 285 -28.30 -8.60 -28.77
C MET D 285 -27.56 -7.72 -29.74
N ALA D 286 -27.50 -6.44 -29.46
CA ALA D 286 -26.68 -5.49 -30.23
C ALA D 286 -26.05 -4.49 -29.27
N SER D 287 -24.88 -4.02 -29.66
CA SER D 287 -24.02 -3.02 -28.96
C SER D 287 -23.82 -1.80 -29.87
N ALA D 288 -23.65 -0.62 -29.26
CA ALA D 288 -23.23 0.60 -29.99
C ALA D 288 -22.30 1.42 -29.09
N GLY D 289 -21.42 2.18 -29.72
CA GLY D 289 -20.57 3.17 -29.04
C GLY D 289 -21.18 4.55 -29.16
N VAL D 290 -20.93 5.41 -28.17
CA VAL D 290 -21.26 6.87 -28.23
C VAL D 290 -20.08 7.63 -27.62
N ALA D 291 -20.17 8.96 -27.60
CA ALA D 291 -19.13 9.79 -26.95
C ALA D 291 -19.13 9.44 -25.46
N PRO D 292 -17.94 9.10 -24.88
CA PRO D 292 -17.83 8.87 -23.44
C PRO D 292 -18.55 9.92 -22.59
N ARG D 293 -18.46 11.21 -22.97
CA ARG D 293 -18.97 12.36 -22.15
C ARG D 293 -20.51 12.29 -22.00
N ILE D 294 -21.22 11.56 -22.87
CA ILE D 294 -22.71 11.42 -22.82
C ILE D 294 -23.05 9.92 -22.83
N MET D 295 -22.34 9.13 -22.04
CA MET D 295 -22.38 7.65 -22.18
C MET D 295 -23.83 7.20 -21.96
N GLY D 296 -24.62 7.94 -21.19
CA GLY D 296 -26.01 7.60 -20.82
C GLY D 296 -26.94 7.43 -22.02
N ILE D 297 -26.61 8.00 -23.17
CA ILE D 297 -27.45 7.91 -24.40
C ILE D 297 -27.13 6.62 -25.19
N GLY D 298 -26.10 5.87 -24.79
CA GLY D 298 -25.71 4.57 -25.39
C GLY D 298 -26.88 3.65 -25.79
N PRO D 299 -27.90 3.44 -24.93
CA PRO D 299 -29.02 2.59 -25.31
C PRO D 299 -29.72 2.95 -26.63
N VAL D 300 -29.68 4.22 -27.03
CA VAL D 300 -30.48 4.66 -28.21
C VAL D 300 -29.96 3.95 -29.45
N PRO D 301 -28.68 4.11 -29.86
CA PRO D 301 -28.19 3.44 -31.04
C PRO D 301 -28.08 1.90 -30.89
N ALA D 302 -28.00 1.41 -29.67
CA ALA D 302 -27.96 -0.05 -29.44
C ALA D 302 -29.36 -0.62 -29.71
N VAL D 303 -30.38 -0.05 -29.07
CA VAL D 303 -31.78 -0.47 -29.32
C VAL D 303 -32.08 -0.38 -30.82
N ARG D 304 -31.75 0.75 -31.45
CA ARG D 304 -32.08 0.97 -32.87
C ARG D 304 -31.41 -0.08 -33.75
N LYS D 305 -30.16 -0.45 -33.43
CA LYS D 305 -29.37 -1.44 -34.20
C LYS D 305 -30.09 -2.77 -34.08
N LEU D 306 -30.52 -3.15 -32.87
CA LEU D 306 -31.17 -4.44 -32.62
C LEU D 306 -32.52 -4.46 -33.32
N LEU D 307 -33.35 -3.45 -33.09
CA LEU D 307 -34.71 -3.37 -33.69
C LEU D 307 -34.65 -3.29 -35.24
N ARG D 308 -33.67 -2.60 -35.85
CA ARG D 308 -33.50 -2.66 -37.33
C ARG D 308 -33.25 -4.12 -37.76
N ARG D 309 -32.44 -4.89 -37.04
CA ARG D 309 -32.10 -6.28 -37.46
C ARG D 309 -33.29 -7.19 -37.20
N LEU D 310 -34.05 -6.99 -36.13
CA LEU D 310 -35.20 -7.88 -35.86
C LEU D 310 -36.39 -7.49 -36.72
N ASP D 311 -36.43 -6.27 -37.28
CA ASP D 311 -37.59 -5.69 -38.02
C ASP D 311 -38.74 -5.40 -37.07
N LEU D 312 -38.48 -4.76 -35.94
CA LEU D 312 -39.50 -4.48 -34.91
C LEU D 312 -39.41 -3.00 -34.54
N ALA D 313 -40.56 -2.39 -34.26
CA ALA D 313 -40.67 -1.02 -33.68
C ALA D 313 -40.66 -1.21 -32.17
N ILE D 314 -40.37 -0.14 -31.43
CA ILE D 314 -40.26 -0.16 -29.94
C ILE D 314 -41.63 -0.52 -29.33
N ASP D 315 -42.74 -0.17 -29.99
CA ASP D 315 -44.12 -0.53 -29.55
C ASP D 315 -44.31 -2.04 -29.61
N ALA D 316 -43.46 -2.82 -30.30
CA ALA D 316 -43.56 -4.30 -30.32
C ALA D 316 -43.29 -4.92 -28.94
N PHE D 317 -42.81 -4.16 -27.94
CA PHE D 317 -42.40 -4.73 -26.63
C PHE D 317 -43.41 -4.42 -25.53
N ASP D 318 -43.82 -5.47 -24.80
CA ASP D 318 -44.75 -5.44 -23.63
C ASP D 318 -43.99 -5.03 -22.36
N VAL D 319 -42.67 -5.28 -22.30
CA VAL D 319 -41.80 -4.90 -21.16
C VAL D 319 -40.52 -4.31 -21.72
N ILE D 320 -40.10 -3.19 -21.18
CA ILE D 320 -38.76 -2.60 -21.48
C ILE D 320 -38.07 -2.42 -20.13
N GLU D 321 -36.95 -3.13 -19.92
CA GLU D 321 -36.05 -2.93 -18.75
C GLU D 321 -34.89 -2.05 -19.21
N LEU D 322 -34.96 -0.76 -18.88
CA LEU D 322 -33.94 0.27 -19.21
C LEU D 322 -33.20 0.60 -17.91
N ASN D 323 -31.91 0.30 -17.83
CA ASN D 323 -31.20 0.47 -16.54
C ASN D 323 -31.28 1.95 -16.13
N GLU D 324 -31.64 2.16 -14.87
CA GLU D 324 -31.75 3.49 -14.24
C GLU D 324 -30.40 3.93 -13.64
N ALA D 325 -29.32 4.03 -14.41
CA ALA D 325 -28.04 4.56 -13.87
C ALA D 325 -28.32 5.99 -13.35
N PHE D 326 -28.95 6.82 -14.20
CA PHE D 326 -29.36 8.23 -13.94
C PHE D 326 -30.70 8.49 -14.62
N ALA D 327 -31.62 9.10 -13.87
CA ALA D 327 -32.96 9.51 -14.33
C ALA D 327 -32.79 10.33 -15.61
N SER D 328 -31.79 11.21 -15.63
CA SER D 328 -31.50 12.08 -16.80
C SER D 328 -31.33 11.23 -18.06
N GLN D 329 -30.45 10.21 -18.02
CA GLN D 329 -30.16 9.41 -19.25
C GLN D 329 -31.33 8.47 -19.56
N GLY D 330 -32.07 8.02 -18.56
CA GLY D 330 -33.29 7.20 -18.74
C GLY D 330 -34.33 7.96 -19.56
N LEU D 331 -34.64 9.17 -19.13
CA LEU D 331 -35.57 10.08 -19.85
C LEU D 331 -34.98 10.44 -21.22
N ALA D 332 -33.70 10.77 -21.33
CA ALA D 332 -33.15 11.19 -22.62
C ALA D 332 -33.37 10.04 -23.62
N CYS D 333 -33.10 8.79 -23.19
CA CYS D 333 -33.24 7.57 -24.03
C CYS D 333 -34.72 7.34 -24.39
N LEU D 334 -35.61 7.41 -23.41
CA LEU D 334 -37.06 7.21 -23.62
C LEU D 334 -37.55 8.25 -24.64
N ARG D 335 -37.16 9.52 -24.50
CA ARG D 335 -37.63 10.56 -25.44
C ARG D 335 -37.07 10.34 -26.85
N GLU D 336 -35.82 9.90 -27.02
CA GLU D 336 -35.24 9.68 -28.37
C GLU D 336 -35.93 8.49 -29.03
N LEU D 337 -36.42 7.53 -28.25
CA LEU D 337 -36.94 6.24 -28.78
C LEU D 337 -38.45 6.33 -29.06
N GLY D 338 -39.13 7.39 -28.59
CA GLY D 338 -40.58 7.65 -28.79
C GLY D 338 -41.45 6.95 -27.75
N VAL D 339 -40.97 6.79 -26.53
CA VAL D 339 -41.69 6.10 -25.41
C VAL D 339 -41.92 7.13 -24.30
N ALA D 340 -43.13 7.19 -23.73
CA ALA D 340 -43.51 8.24 -22.75
C ALA D 340 -42.65 8.09 -21.47
N ASP D 341 -42.15 9.23 -21.00
CA ASP D 341 -41.44 9.39 -19.71
C ASP D 341 -41.97 8.40 -18.69
N ASP D 342 -43.30 8.33 -18.56
CA ASP D 342 -43.95 7.66 -17.38
C ASP D 342 -44.53 6.31 -17.82
N SER D 343 -44.16 5.79 -19.02
CA SER D 343 -44.73 4.54 -19.60
C SER D 343 -44.75 3.46 -18.54
N GLU D 344 -45.86 2.72 -18.45
CA GLU D 344 -46.03 1.57 -17.52
C GLU D 344 -45.35 0.33 -18.12
N LYS D 345 -44.89 0.43 -19.38
CA LYS D 345 -44.16 -0.67 -20.08
C LYS D 345 -42.68 -0.67 -19.65
N VAL D 346 -42.17 0.49 -19.24
CA VAL D 346 -40.73 0.72 -18.90
C VAL D 346 -40.57 0.51 -17.39
N ASN D 347 -39.73 -0.45 -16.99
CA ASN D 347 -39.38 -0.69 -15.56
C ASN D 347 -40.66 -0.74 -14.74
N PRO D 348 -41.60 -1.63 -15.07
CA PRO D 348 -42.89 -1.70 -14.36
C PRO D 348 -42.77 -1.90 -12.84
N ASN D 349 -41.70 -2.54 -12.38
CA ASN D 349 -41.47 -2.83 -10.93
C ASN D 349 -40.33 -1.94 -10.39
N GLY D 350 -40.02 -0.87 -11.08
CA GLY D 350 -38.87 -0.01 -10.71
C GLY D 350 -37.57 -0.53 -11.29
N GLY D 351 -36.50 0.24 -11.06
CA GLY D 351 -35.15 -0.07 -11.54
C GLY D 351 -34.10 0.34 -10.53
N ALA D 352 -32.87 0.51 -11.02
CA ALA D 352 -31.61 0.69 -10.27
C ALA D 352 -31.68 1.88 -9.29
N ILE D 353 -32.45 2.93 -9.54
CA ILE D 353 -32.55 4.08 -8.57
C ILE D 353 -33.03 3.51 -7.24
N ALA D 354 -33.99 2.60 -7.30
CA ALA D 354 -34.50 1.86 -6.13
C ALA D 354 -33.58 0.66 -5.80
N LEU D 355 -33.25 -0.19 -6.77
CA LEU D 355 -32.68 -1.54 -6.44
C LEU D 355 -31.14 -1.50 -6.30
N GLY D 356 -30.48 -0.47 -6.84
CA GLY D 356 -29.01 -0.34 -6.83
C GLY D 356 -28.43 -0.90 -8.13
N HIS D 357 -27.11 -0.86 -8.28
CA HIS D 357 -26.41 -1.12 -9.57
C HIS D 357 -25.03 -1.74 -9.36
N PRO D 358 -24.96 -3.05 -9.00
CA PRO D 358 -23.70 -3.76 -8.89
C PRO D 358 -23.37 -4.12 -10.34
N LEU D 359 -22.41 -3.42 -10.91
CA LEU D 359 -22.17 -3.30 -12.38
C LEU D 359 -22.36 -4.64 -13.07
N GLY D 360 -21.46 -5.60 -12.84
CA GLY D 360 -21.48 -6.89 -13.56
C GLY D 360 -22.82 -7.62 -13.47
N MET D 361 -23.52 -7.49 -12.36
CA MET D 361 -24.79 -8.17 -12.10
C MET D 361 -25.96 -7.50 -12.84
N SER D 362 -25.97 -6.18 -12.96
CA SER D 362 -27.19 -5.44 -13.40
C SER D 362 -27.76 -5.97 -14.73
N GLY D 363 -26.95 -6.07 -15.78
CA GLY D 363 -27.35 -6.57 -17.09
C GLY D 363 -28.10 -7.90 -16.99
N ALA D 364 -27.65 -8.81 -16.14
CA ALA D 364 -28.30 -10.11 -15.99
C ALA D 364 -29.61 -9.94 -15.23
N ARG D 365 -29.64 -9.07 -14.20
CA ARG D 365 -30.89 -8.80 -13.47
C ARG D 365 -31.95 -8.26 -14.47
N LEU D 366 -31.59 -7.37 -15.38
CA LEU D 366 -32.58 -6.75 -16.29
C LEU D 366 -33.30 -7.82 -17.15
N VAL D 367 -32.54 -8.77 -17.70
CA VAL D 367 -33.08 -9.89 -18.52
C VAL D 367 -33.97 -10.77 -17.64
N LEU D 368 -33.43 -11.22 -16.50
CA LEU D 368 -34.14 -12.09 -15.52
C LEU D 368 -35.52 -11.45 -15.22
N THR D 369 -35.55 -10.15 -14.88
CA THR D 369 -36.77 -9.50 -14.32
C THR D 369 -37.73 -9.13 -15.47
N ALA D 370 -37.21 -8.82 -16.66
CA ALA D 370 -38.03 -8.60 -17.88
C ALA D 370 -38.85 -9.88 -18.11
N LEU D 371 -38.21 -11.04 -18.05
CA LEU D 371 -38.86 -12.35 -18.29
C LEU D 371 -39.86 -12.61 -17.17
N HIS D 372 -39.50 -12.31 -15.93
CA HIS D 372 -40.38 -12.47 -14.75
C HIS D 372 -41.65 -11.66 -15.00
N GLN D 373 -41.51 -10.40 -15.43
CA GLN D 373 -42.65 -9.47 -15.62
C GLN D 373 -43.52 -9.96 -16.77
N LEU D 374 -42.94 -10.43 -17.88
CA LEU D 374 -43.70 -11.04 -19.00
C LEU D 374 -44.59 -12.16 -18.50
N GLU D 375 -44.10 -13.01 -17.62
CA GLU D 375 -44.86 -14.16 -17.08
C GLU D 375 -46.03 -13.64 -16.23
N LYS D 376 -45.78 -12.66 -15.36
CA LYS D 376 -46.84 -12.13 -14.46
C LYS D 376 -47.95 -11.44 -15.27
N SER D 377 -47.60 -10.80 -16.38
CA SER D 377 -48.51 -9.92 -17.15
C SER D 377 -49.14 -10.65 -18.35
N GLY D 378 -48.64 -11.84 -18.73
CA GLY D 378 -49.02 -12.56 -19.97
C GLY D 378 -48.55 -11.83 -21.21
N GLY D 379 -47.51 -10.98 -21.11
CA GLY D 379 -46.93 -10.28 -22.27
C GLY D 379 -46.11 -11.20 -23.18
N ARG D 380 -45.67 -10.68 -24.31
CA ARG D 380 -44.95 -11.49 -25.31
C ARG D 380 -43.45 -11.11 -25.31
N ARG D 381 -43.10 -9.94 -25.81
CA ARG D 381 -41.69 -9.56 -26.07
C ARG D 381 -41.17 -8.68 -24.94
N GLY D 382 -39.93 -8.96 -24.54
CA GLY D 382 -39.18 -8.10 -23.59
C GLY D 382 -37.92 -7.55 -24.21
N LEU D 383 -37.60 -6.28 -23.87
CA LEU D 383 -36.37 -5.56 -24.29
C LEU D 383 -35.65 -5.10 -23.03
N ALA D 384 -34.38 -5.47 -22.93
CA ALA D 384 -33.46 -5.07 -21.83
C ALA D 384 -32.36 -4.19 -22.44
N THR D 385 -32.08 -3.04 -21.84
CA THR D 385 -31.05 -2.14 -22.40
C THR D 385 -30.43 -1.26 -21.31
N MET D 386 -29.18 -0.84 -21.54
CA MET D 386 -28.43 -0.10 -20.51
C MET D 386 -27.22 0.58 -21.12
N CYS D 387 -26.88 1.71 -20.50
CA CYS D 387 -25.69 2.52 -20.82
C CYS D 387 -24.46 1.87 -20.18
N VAL D 388 -23.29 2.23 -20.66
CA VAL D 388 -21.95 1.68 -20.31
C VAL D 388 -20.96 2.84 -20.22
N GLY D 389 -20.24 2.93 -19.11
CA GLY D 389 -19.11 3.87 -18.94
C GLY D 389 -18.18 3.86 -20.12
N VAL D 390 -17.66 5.01 -20.49
CA VAL D 390 -16.75 5.22 -21.64
C VAL D 390 -17.53 5.08 -22.95
N GLY D 391 -18.85 5.22 -22.90
CA GLY D 391 -19.72 5.51 -24.05
C GLY D 391 -20.14 4.28 -24.85
N GLN D 392 -20.92 3.37 -24.27
CA GLN D 392 -21.55 2.29 -25.05
C GLN D 392 -22.99 2.09 -24.60
N GLY D 393 -23.73 1.36 -25.41
CA GLY D 393 -25.02 0.78 -25.00
C GLY D 393 -25.07 -0.67 -25.44
N LEU D 394 -25.88 -1.47 -24.77
CA LEU D 394 -26.18 -2.86 -25.14
C LEU D 394 -27.69 -2.99 -25.01
N ALA D 395 -28.30 -3.74 -25.92
CA ALA D 395 -29.73 -4.12 -25.88
C ALA D 395 -29.84 -5.63 -26.14
N LEU D 396 -30.79 -6.27 -25.48
CA LEU D 396 -31.08 -7.71 -25.67
C LEU D 396 -32.59 -7.92 -25.62
N ALA D 397 -33.15 -8.58 -26.62
CA ALA D 397 -34.60 -8.82 -26.79
C ALA D 397 -34.89 -10.31 -26.58
N ILE D 398 -36.00 -10.59 -25.91
CA ILE D 398 -36.49 -11.96 -25.61
C ILE D 398 -37.98 -12.03 -25.99
N GLU D 399 -38.52 -13.25 -25.99
CA GLU D 399 -39.96 -13.53 -26.26
C GLU D 399 -40.40 -14.73 -25.43
N ARG D 400 -41.40 -14.55 -24.57
CA ARG D 400 -42.01 -15.65 -23.76
C ARG D 400 -42.47 -16.77 -24.71
N VAL D 401 -42.24 -18.04 -24.34
CA VAL D 401 -42.67 -19.26 -25.10
C VAL D 401 -44.19 -19.45 -24.97
N LEU D 402 -44.84 -20.11 -25.96
CA LEU D 402 -46.33 -20.28 -26.04
C LEU D 402 -46.88 -21.31 -25.04
#